data_9DAO
#
_entry.id   9DAO
#
_cell.length_a   1.00
_cell.length_b   1.00
_cell.length_c   1.00
_cell.angle_alpha   90.00
_cell.angle_beta   90.00
_cell.angle_gamma   90.00
#
_symmetry.space_group_name_H-M   'P 1'
#
loop_
_entity.id
_entity.type
_entity.pdbx_description
1 polymer 'Integrin alpha-IIb'
2 polymer 'Integrin beta-3'
3 polymer 'R6H8 Fab heavy chain'
4 polymer 'R6H8 Fab light chain'
5 non-polymer 'CALCIUM ION'
6 non-polymer 'MAGNESIUM ION'
#
loop_
_entity_poly.entity_id
_entity_poly.type
_entity_poly.pdbx_seq_one_letter_code
_entity_poly.pdbx_strand_id
1 'polypeptide(L)'
;LNLDPVQLTFYAGPNGSQFGFSLDFHKDSHGRVAIVVGAPRTLGPSQEETGGVFLCPWRAEGGQCPSLLFDLRDETRNVG
SQTLQTFKARQGLGASVVSWSDVIVACAPWQHWNVLEKTEEAEKTPVGSCFLAQPESGRRAEYSPCRGNTLSRIYVENDF
SWDKRYCEAGFSSVVTQAGELVLGAPGGYYFLGLLAQAPVADIFSSYRPGILLWHVSSQSLSFDSSNPEYFDGYWGYSVA
VGEFDGDLNTTEYVVGAPTWSWTLGAVEILDSYYQRLHRLRGEQMASYFGHSVAVTDVNGDGRHDLLVGAPLYMESRADR
KLAEVGRVYLFLQPRGPHALGAPSLLLTGTQLYGRFGSAIAPLGDLDRDGYNDIAVAAPYGGPSGRGQVLVFLGQSEGLR
SRPSQVLDSPFPTGSAFGFSLRGAVDIDDNGYPDLIVGAYGANQVAVYRAQPVVKASVQLLVQDSLNPAVKSCVLPQTKT
PVSCFNIQMCVGATGHNIPQKLSLNAELQLDRQKPRQGRRVLLLGSQQAGTTLNLDLGGKHSPICHTTMAFLRDEADFRD
KLSPIVLSLNVSLPPTEAGMAPAVVLHGDTHVQEQTRIVLDCGEDDVCVPQLQLTASVTGSPLLVGADNVLELQMDAANE
GEGAYEAELAVHLPQGAHYMRALSNVEGFERLICNQKKENETRVVLCELGNPMKKNAQIGIAMLVSVGNLEEAGESVSFQ
LQIRSKNSQNPNSKIVLLDVPVRAEAQVELRGNSFPASLVVAAEEGEREQNSLDSWGPKVEHTYELHNNGPGTVNGLHLS
IHLPGQSQPSDLLYILDIQPQGGLQCFPQPPVNPLKVDWGLPIPSPSPIHPAHHKRDRRQIFLPEPEQPSRLQDPVLVSC
DSAPCTVVQCDLQEMARGQRAMVTVLAFLWLPSLYQRPLDQFVLQSHAWFNVSSLPYAVPPLSLPRGEAQVWTQLLRALE
ERAIPIWWVLVGVLGGLLLLTILVLAMWKVGFFKRNRPPLEEDDEEGE
;
A
2 'polypeptide(L)'
;GPNICTTRGVSSCQQCLAVSPMCAWCSDEALPLGSPRCDLKENLLKDNCAPESIEFPVSEARVLEDRPLSDKGSGDSSQV
TQVSPQRIALRLRPDDSKNFSIQVRQVEDYPVDIYYLMDLSYSMKDDLWSIQNLGTKLATQMRKLTSNLRIGFGAFVDKP
VSPYMYISPPEALENPCYDMKTTCLPMFGYKHVLTLTDQVTRFNEEVKKQSVSRNRDAPEGGFDAIMQATVCDEKIGWRN
DASHLLVFTTDAKTHIALDGRLAGIVQPNDGQCHVGSDNHYSASTTMDYPSLGLMTEKLSQKNINLIFAVTENVVNLYQN
YSELIPGTTVGVLSMDSSNVLQLIVDAYGKIRSKVELEVRDLPEELSLSFNATCLNNEVIPGLKSCMGLKIGDTVSFSIE
AKVRGCPQEKEKSFTIKPVGFKDSLIVQVTFDCDCACQAQAEPNSHRCNNGNGTFECGVCRCGPGWLGSQCECSEEDYRP
SQQDECSPREGQPVCSQRGECLCGQCVCHSSDFGKITGKYCECDDFSCVRYKGEMCSGHGQCSCGDCLCDSDWTGYYCNC
TTRTDTCMSSNGLLCSGRGKCECGSCVCIQPGSYGDTCEKCPTCPDACTFKKECVECKKFDRGALHDENTCNRYCRDEIE
SVKELKDTGKDAVNCTYKNEDDCVVRFQYYEDSSGKSILYVVEEPECPKGPDILVVLLSVMGAILLIGLAALLIWKLLIT
IHDRKEFAKFEEERARAKWDTANNPLYKEATSTFTNITYRGT
;
B
3 'polypeptide(L)'
;RCSCRKSGPEVVKPGASVKISCKASGYSFTAYFMNWVKQSHGKSLEWIGRVNPYNGDTLYNQRFKGKATLTVDNSSRTAH
MELLSLTSEDSAIYYCGRSGAYYRYDGRAYGMDYWGQGTSVTVSSAKTTPPSVYPLAPGSAAQTNSMVTLGCLVKGYFPE
PVTVTWNSGSLSSGVHTFPAVLQSDLYTLSSSVTVTSSTWPSQSITCNVAHPASSTKVDKKIEPRGP
;
H
4 'polypeptide(L)'
;DIQMTQSPSSLSASLGERVSLTCRASQEISAYLSWLQQKPDGTIKRLIYAASTLDSGVPKRFSGSRSGSDYSLTISSLES
EDFADYYCLQFATYPWTFGGGTKLEIRRADAAPTVSIFPPSSEQLTSGGASVVCFLNNFYPKDINVKWKIDGSERQNGVL
NSWTDQDSKDSTYSMSSTLTLTKDEYERHNSYTCEATHKTSTSPIVKSFNRNEC
;
L
#
loop_
_chem_comp.id
_chem_comp.type
_chem_comp.name
_chem_comp.formula
CA non-polymer 'CALCIUM ION' 'Ca 2'
MG non-polymer 'MAGNESIUM ION' 'Mg 2'
#
# COMPACT_ATOMS: atom_id res chain seq x y z
N LEU A 1 -9.53 -19.51 -43.15
CA LEU A 1 -10.45 -20.21 -44.03
C LEU A 1 -9.69 -21.05 -45.07
N ASN A 2 -8.58 -20.51 -45.58
CA ASN A 2 -7.85 -21.13 -46.68
C ASN A 2 -6.38 -21.37 -46.37
N LEU A 3 -5.95 -21.21 -45.12
CA LEU A 3 -4.60 -21.59 -44.73
C LEU A 3 -4.43 -23.10 -44.82
N ASP A 4 -3.31 -23.55 -45.35
CA ASP A 4 -3.14 -24.97 -45.65
C ASP A 4 -2.65 -25.73 -44.40
N PRO A 5 -3.38 -26.73 -43.89
CA PRO A 5 -2.78 -27.26 -42.59
C PRO A 5 -1.80 -28.44 -42.87
N VAL A 6 -1.75 -29.02 -44.10
CA VAL A 6 -1.01 -30.27 -44.37
C VAL A 6 0.45 -29.98 -44.66
N GLN A 7 0.73 -29.03 -45.55
CA GLN A 7 2.10 -28.69 -45.96
C GLN A 7 2.56 -27.50 -45.12
N LEU A 8 3.32 -27.79 -44.07
CA LEU A 8 3.86 -26.78 -43.18
C LEU A 8 5.34 -26.57 -43.47
N THR A 9 5.85 -25.39 -43.11
CA THR A 9 7.28 -25.14 -43.17
C THR A 9 7.83 -24.98 -41.76
N PHE A 10 8.93 -25.67 -41.44
CA PHE A 10 9.48 -25.69 -40.10
C PHE A 10 10.87 -25.06 -40.09
N TYR A 11 11.09 -24.15 -39.16
CA TYR A 11 12.40 -23.58 -38.89
C TYR A 11 12.78 -23.89 -37.45
N ALA A 12 14.04 -24.31 -37.24
CA ALA A 12 14.50 -24.75 -35.93
C ALA A 12 15.76 -24.01 -35.54
N GLY A 13 15.95 -23.86 -34.23
CA GLY A 13 17.13 -23.21 -33.71
C GLY A 13 17.87 -24.08 -32.71
N PRO A 14 18.89 -23.52 -32.06
CA PRO A 14 19.62 -24.27 -31.04
C PRO A 14 18.73 -24.67 -29.88
N ASN A 15 19.06 -25.80 -29.26
CA ASN A 15 18.23 -26.36 -28.20
C ASN A 15 18.33 -25.52 -26.93
N GLY A 16 17.19 -25.23 -26.32
CA GLY A 16 17.14 -24.46 -25.10
C GLY A 16 17.19 -22.96 -25.26
N SER A 17 17.21 -22.46 -26.50
CA SER A 17 17.43 -21.06 -26.78
C SER A 17 16.14 -20.25 -26.89
N GLN A 18 14.97 -20.88 -26.76
CA GLN A 18 13.67 -20.21 -26.88
C GLN A 18 13.50 -19.56 -28.25
N PHE A 19 14.03 -20.21 -29.28
CA PHE A 19 13.84 -19.77 -30.65
C PHE A 19 12.35 -19.75 -30.99
N GLY A 20 11.88 -18.61 -31.49
CA GLY A 20 10.47 -18.40 -31.72
C GLY A 20 9.74 -17.57 -30.69
N PHE A 21 10.46 -17.00 -29.72
CA PHE A 21 9.82 -16.14 -28.72
C PHE A 21 9.20 -14.91 -29.36
N SER A 22 9.89 -14.32 -30.33
CA SER A 22 9.38 -13.20 -31.10
C SER A 22 9.80 -13.38 -32.54
N LEU A 23 8.99 -12.85 -33.45
CA LEU A 23 9.25 -13.02 -34.87
C LEU A 23 8.60 -11.88 -35.65
N ASP A 24 9.11 -11.67 -36.85
CA ASP A 24 8.63 -10.61 -37.73
C ASP A 24 9.05 -10.94 -39.16
N PHE A 25 8.51 -10.18 -40.10
CA PHE A 25 8.93 -10.25 -41.49
C PHE A 25 9.95 -9.16 -41.78
N HIS A 26 10.86 -9.45 -42.70
CA HIS A 26 11.89 -8.51 -43.12
C HIS A 26 11.94 -8.49 -44.64
N LYS A 27 12.23 -7.34 -45.22
CA LYS A 27 12.35 -7.21 -46.66
C LYS A 27 13.64 -6.48 -47.02
N ASP A 28 14.33 -7.00 -48.03
CA ASP A 28 15.55 -6.38 -48.52
C ASP A 28 15.21 -5.26 -49.51
N SER A 29 16.24 -4.58 -49.98
CA SER A 29 16.04 -3.59 -51.04
C SER A 29 15.57 -4.23 -52.33
N HIS A 30 15.98 -5.48 -52.58
CA HIS A 30 15.56 -6.21 -53.78
C HIS A 30 14.13 -6.69 -53.71
N GLY A 31 13.51 -6.69 -52.53
CA GLY A 31 12.12 -7.06 -52.39
C GLY A 31 11.85 -8.46 -51.90
N ARG A 32 12.89 -9.27 -51.69
CA ARG A 32 12.69 -10.61 -51.15
C ARG A 32 12.32 -10.53 -49.66
N VAL A 33 11.50 -11.48 -49.22
CA VAL A 33 10.95 -11.48 -47.87
C VAL A 33 11.59 -12.62 -47.10
N ALA A 34 12.11 -12.30 -45.92
CA ALA A 34 12.69 -13.25 -44.99
C ALA A 34 12.00 -13.10 -43.64
N ILE A 35 12.39 -13.96 -42.69
CA ILE A 35 11.80 -13.97 -41.35
C ILE A 35 12.90 -13.62 -40.36
N VAL A 36 12.55 -12.78 -39.38
CA VAL A 36 13.46 -12.42 -38.30
C VAL A 36 12.94 -13.08 -37.03
N VAL A 37 13.78 -13.89 -36.39
CA VAL A 37 13.39 -14.65 -35.21
C VAL A 37 14.30 -14.27 -34.05
N GLY A 38 13.73 -14.17 -32.86
CA GLY A 38 14.49 -13.89 -31.64
C GLY A 38 14.55 -15.12 -30.75
N ALA A 39 15.74 -15.37 -30.20
CA ALA A 39 15.99 -16.50 -29.31
C ALA A 39 16.65 -15.98 -28.05
N PRO A 40 15.86 -15.55 -27.06
CA PRO A 40 16.43 -14.76 -25.96
C PRO A 40 17.29 -15.51 -24.97
N ARG A 41 17.60 -16.78 -25.22
CA ARG A 41 18.38 -17.58 -24.29
C ARG A 41 19.57 -18.25 -24.94
N THR A 42 19.97 -17.81 -26.13
CA THR A 42 21.10 -18.41 -26.83
C THR A 42 22.38 -18.22 -26.03
N LEU A 43 23.27 -19.22 -26.11
CA LEU A 43 24.54 -19.15 -25.40
C LEU A 43 25.49 -18.17 -26.10
N GLY A 44 26.22 -17.41 -25.29
CA GLY A 44 27.17 -16.45 -25.79
C GLY A 44 28.53 -17.05 -26.03
N PRO A 45 29.56 -16.20 -26.08
CA PRO A 45 30.92 -16.70 -26.32
C PRO A 45 31.53 -17.38 -25.11
N SER A 46 30.98 -17.19 -23.91
CA SER A 46 31.51 -17.76 -22.69
C SER A 46 30.54 -18.74 -22.04
N GLN A 47 29.74 -19.43 -22.85
CA GLN A 47 28.75 -20.40 -22.37
C GLN A 47 27.79 -19.77 -21.36
N GLU A 48 27.41 -18.52 -21.61
CA GLU A 48 26.43 -17.82 -20.80
C GLU A 48 25.34 -17.28 -21.72
N GLU A 49 24.08 -17.41 -21.29
CA GLU A 49 22.98 -17.01 -22.13
C GLU A 49 22.95 -15.49 -22.29
N THR A 50 22.82 -15.04 -23.53
CA THR A 50 22.69 -13.62 -23.84
C THR A 50 21.57 -13.31 -24.81
N GLY A 51 21.07 -14.28 -25.56
CA GLY A 51 20.07 -14.06 -26.58
C GLY A 51 20.67 -13.99 -27.96
N GLY A 52 19.79 -13.98 -28.97
CA GLY A 52 20.27 -13.92 -30.33
C GLY A 52 19.15 -13.62 -31.30
N VAL A 53 19.54 -13.27 -32.52
CA VAL A 53 18.63 -12.98 -33.62
C VAL A 53 19.05 -13.81 -34.82
N PHE A 54 18.08 -14.44 -35.48
CA PHE A 54 18.33 -15.26 -36.66
C PHE A 54 17.55 -14.70 -37.84
N LEU A 55 18.20 -14.70 -39.01
CA LEU A 55 17.62 -14.21 -40.25
C LEU A 55 17.40 -15.40 -41.18
N CYS A 56 16.15 -15.85 -41.25
CA CYS A 56 15.79 -17.05 -41.99
C CYS A 56 15.30 -16.69 -43.38
N PRO A 57 15.99 -17.11 -44.45
CA PRO A 57 15.44 -16.90 -45.80
C PRO A 57 14.24 -17.79 -46.06
N TRP A 58 13.58 -17.62 -47.20
CA TRP A 58 12.38 -18.38 -47.52
C TRP A 58 12.76 -19.59 -48.38
N ARG A 59 12.72 -20.77 -47.78
CA ARG A 59 12.75 -22.03 -48.50
C ARG A 59 11.52 -22.83 -48.11
N ALA A 60 10.93 -23.52 -49.10
CA ALA A 60 9.74 -24.30 -48.82
C ALA A 60 10.01 -25.42 -47.82
N GLU A 61 11.22 -25.98 -47.85
CA GLU A 61 11.56 -27.09 -46.97
C GLU A 61 12.03 -26.63 -45.58
N GLY A 62 12.28 -25.33 -45.40
CA GLY A 62 12.68 -24.86 -44.09
C GLY A 62 14.09 -25.29 -43.73
N GLY A 63 14.36 -25.31 -42.43
CA GLY A 63 15.64 -25.77 -41.93
C GLY A 63 16.29 -24.87 -40.91
N GLN A 64 17.62 -24.79 -40.94
CA GLN A 64 18.35 -23.92 -40.03
C GLN A 64 18.45 -22.51 -40.62
N CYS A 65 18.89 -21.57 -39.77
CA CYS A 65 19.01 -20.18 -40.17
C CYS A 65 20.38 -19.64 -39.78
N PRO A 66 20.90 -18.66 -40.51
CA PRO A 66 22.08 -17.93 -40.04
C PRO A 66 21.72 -16.89 -39.00
N SER A 67 22.71 -16.55 -38.18
CA SER A 67 22.52 -15.64 -37.05
C SER A 67 23.09 -14.26 -37.38
N LEU A 68 22.34 -13.23 -37.04
CA LEU A 68 22.77 -11.85 -37.22
C LEU A 68 23.62 -11.44 -36.02
N LEU A 69 24.91 -11.24 -36.25
CA LEU A 69 25.84 -11.04 -35.15
C LEU A 69 25.69 -9.67 -34.52
N PHE A 70 25.81 -9.63 -33.20
CA PHE A 70 25.83 -8.39 -32.44
C PHE A 70 27.06 -8.38 -31.53
N ASP A 71 27.16 -7.41 -30.63
CA ASP A 71 28.26 -7.37 -29.68
C ASP A 71 27.76 -7.81 -28.31
N LEU A 72 28.43 -8.79 -27.71
CA LEU A 72 27.97 -9.43 -26.49
C LEU A 72 29.00 -9.35 -25.37
N ARG A 73 29.77 -8.26 -25.32
CA ARG A 73 30.85 -8.09 -24.36
C ARG A 73 30.50 -6.94 -23.41
N ASP A 74 30.71 -7.17 -22.11
CA ASP A 74 30.44 -6.15 -21.11
C ASP A 74 31.46 -5.02 -21.22
N GLU A 75 30.99 -3.80 -20.96
CA GLU A 75 31.79 -2.59 -21.18
C GLU A 75 31.94 -1.81 -19.88
N THR A 76 33.15 -1.30 -19.65
CA THR A 76 33.47 -0.41 -18.53
C THR A 76 34.20 0.80 -19.10
N ARG A 77 33.74 1.98 -18.73
CA ARG A 77 34.28 3.22 -19.30
C ARG A 77 34.43 4.27 -18.21
N ASN A 78 35.56 4.96 -18.21
CA ASN A 78 35.88 5.97 -17.20
C ASN A 78 35.55 7.36 -17.74
N VAL A 79 34.64 8.05 -17.07
CA VAL A 79 34.24 9.41 -17.45
C VAL A 79 34.44 10.30 -16.23
N GLY A 80 35.48 11.12 -16.26
CA GLY A 80 35.78 12.00 -15.14
C GLY A 80 36.06 11.24 -13.87
N SER A 81 35.13 11.30 -12.92
CA SER A 81 35.24 10.55 -11.67
C SER A 81 34.36 9.31 -11.64
N GLN A 82 33.48 9.13 -12.60
CA GLN A 82 32.56 7.99 -12.63
C GLN A 82 33.09 6.88 -13.51
N THR A 83 32.64 5.66 -13.20
CA THR A 83 32.85 4.50 -14.07
C THR A 83 31.47 3.97 -14.47
N LEU A 84 31.26 3.82 -15.77
CA LEU A 84 30.03 3.29 -16.32
C LEU A 84 30.25 1.82 -16.66
N GLN A 85 29.29 0.97 -16.29
CA GLN A 85 29.41 -0.48 -16.50
C GLN A 85 28.11 -1.01 -17.08
N THR A 86 28.20 -1.80 -18.14
CA THR A 86 27.07 -2.52 -18.70
C THR A 86 27.27 -4.02 -18.52
N PHE A 87 26.19 -4.71 -18.19
CA PHE A 87 26.20 -6.15 -17.93
C PHE A 87 25.18 -6.82 -18.83
N LYS A 88 25.65 -7.72 -19.70
CA LYS A 88 24.84 -8.34 -20.73
C LYS A 88 24.59 -9.82 -20.50
N ALA A 89 24.89 -10.34 -19.32
CA ALA A 89 24.63 -11.74 -19.03
C ALA A 89 23.13 -11.91 -18.76
N ARG A 90 22.50 -12.82 -19.52
CA ARG A 90 21.06 -13.07 -19.43
C ARG A 90 20.25 -11.80 -19.69
N GLN A 91 20.65 -11.05 -20.71
CA GLN A 91 19.94 -9.82 -21.08
C GLN A 91 18.69 -10.09 -21.90
N GLY A 92 18.51 -11.30 -22.42
CA GLY A 92 17.33 -11.60 -23.21
C GLY A 92 17.27 -10.92 -24.55
N LEU A 93 18.39 -10.87 -25.27
CA LEU A 93 18.39 -10.28 -26.61
C LEU A 93 17.55 -11.12 -27.56
N GLY A 94 16.66 -10.45 -28.29
CA GLY A 94 15.70 -11.15 -29.12
C GLY A 94 14.35 -11.39 -28.47
N ALA A 95 14.11 -10.84 -27.28
CA ALA A 95 12.81 -10.98 -26.64
C ALA A 95 11.73 -10.28 -27.47
N SER A 96 12.08 -9.15 -28.07
CA SER A 96 11.22 -8.47 -29.04
C SER A 96 12.05 -8.10 -30.26
N VAL A 97 11.50 -8.32 -31.45
CA VAL A 97 12.14 -7.95 -32.70
C VAL A 97 11.11 -7.25 -33.58
N VAL A 98 11.55 -6.22 -34.30
CA VAL A 98 10.71 -5.50 -35.24
C VAL A 98 11.57 -5.12 -36.44
N SER A 99 10.92 -4.80 -37.55
CA SER A 99 11.63 -4.46 -38.78
C SER A 99 10.94 -3.29 -39.47
N TRP A 100 11.75 -2.38 -40.00
CA TRP A 100 11.24 -1.27 -40.81
C TRP A 100 12.21 -1.01 -41.95
N SER A 101 11.70 -1.00 -43.18
CA SER A 101 12.52 -0.79 -44.37
C SER A 101 13.63 -1.84 -44.44
N ASP A 102 14.86 -1.44 -44.13
CA ASP A 102 16.00 -2.34 -44.11
C ASP A 102 16.71 -2.30 -42.76
N VAL A 103 15.95 -2.09 -41.68
CA VAL A 103 16.48 -1.94 -40.34
C VAL A 103 15.78 -2.95 -39.44
N ILE A 104 16.57 -3.72 -38.69
CA ILE A 104 16.07 -4.66 -37.70
C ILE A 104 16.36 -4.08 -36.32
N VAL A 105 15.33 -3.98 -35.49
CA VAL A 105 15.46 -3.56 -34.11
C VAL A 105 15.20 -4.77 -33.22
N ALA A 106 16.24 -5.23 -32.53
CA ALA A 106 16.14 -6.35 -31.61
C ALA A 106 16.44 -5.85 -30.21
N CYS A 107 15.51 -6.07 -29.28
CA CYS A 107 15.60 -5.37 -28.00
C CYS A 107 15.73 -6.33 -26.82
N ALA A 108 16.72 -6.04 -25.95
CA ALA A 108 17.02 -6.84 -24.77
C ALA A 108 16.56 -6.09 -23.53
N PRO A 109 15.45 -6.50 -22.90
CA PRO A 109 14.89 -5.72 -21.79
C PRO A 109 15.57 -5.95 -20.45
N TRP A 110 16.40 -6.99 -20.32
CA TRP A 110 16.98 -7.37 -19.05
C TRP A 110 18.49 -7.16 -19.00
N GLN A 111 18.96 -6.10 -19.67
CA GLN A 111 20.36 -5.71 -19.59
C GLN A 111 20.55 -4.78 -18.41
N HIS A 112 21.67 -4.95 -17.70
CA HIS A 112 21.88 -4.26 -16.43
C HIS A 112 22.93 -3.16 -16.60
N TRP A 113 22.78 -2.11 -15.80
CA TRP A 113 23.61 -0.91 -15.90
C TRP A 113 24.02 -0.46 -14.51
N ASN A 114 25.22 0.10 -14.39
CA ASN A 114 25.68 0.63 -13.11
C ASN A 114 26.62 1.80 -13.35
N VAL A 115 26.60 2.73 -12.40
CA VAL A 115 27.55 3.85 -12.35
C VAL A 115 28.19 3.85 -10.98
N LEU A 116 29.52 3.85 -10.94
CA LEU A 116 30.27 3.87 -9.68
C LEU A 116 30.98 5.21 -9.56
N GLU A 117 30.75 5.91 -8.45
CA GLU A 117 31.40 7.18 -8.15
C GLU A 117 31.94 7.10 -6.73
N LYS A 118 33.23 6.79 -6.60
CA LYS A 118 33.89 6.61 -5.31
C LYS A 118 33.24 5.49 -4.52
N THR A 119 32.62 5.82 -3.39
CA THR A 119 31.99 4.83 -2.52
C THR A 119 30.50 4.70 -2.76
N GLU A 120 29.94 5.43 -3.71
CA GLU A 120 28.51 5.40 -4.01
C GLU A 120 28.27 4.81 -5.39
N GLU A 121 27.00 4.58 -5.69
CA GLU A 121 26.61 4.01 -6.98
C GLU A 121 25.14 4.33 -7.21
N ALA A 122 24.71 4.12 -8.45
CA ALA A 122 23.33 4.31 -8.86
C ALA A 122 22.52 3.02 -8.82
N GLU A 123 23.10 1.94 -8.28
CA GLU A 123 22.48 0.62 -8.15
C GLU A 123 22.41 -0.11 -9.49
N LYS A 124 22.66 -1.42 -9.46
CA LYS A 124 22.60 -2.26 -10.65
C LYS A 124 21.14 -2.64 -10.90
N THR A 125 20.59 -2.17 -12.01
CA THR A 125 19.16 -2.28 -12.31
C THR A 125 18.98 -2.63 -13.78
N PRO A 126 17.84 -3.25 -14.13
CA PRO A 126 17.57 -3.60 -15.54
C PRO A 126 16.97 -2.48 -16.37
N VAL A 127 17.84 -1.56 -16.81
CA VAL A 127 17.37 -0.43 -17.61
C VAL A 127 16.83 -0.92 -18.95
N GLY A 128 17.42 -1.97 -19.51
CA GLY A 128 17.07 -2.42 -20.83
C GLY A 128 17.85 -1.65 -21.88
N SER A 129 18.04 -2.25 -23.05
CA SER A 129 18.73 -1.57 -24.14
C SER A 129 18.32 -2.28 -25.41
N CYS A 130 18.62 -1.69 -26.57
CA CYS A 130 18.34 -2.50 -27.74
C CYS A 130 19.07 -2.03 -28.98
N PHE A 131 19.23 -2.96 -29.92
CA PHE A 131 20.22 -2.88 -30.99
C PHE A 131 19.52 -2.69 -32.33
N LEU A 132 20.05 -1.75 -33.11
CA LEU A 132 19.57 -1.47 -34.46
C LEU A 132 20.61 -1.97 -35.45
N ALA A 133 20.16 -2.71 -36.45
CA ALA A 133 21.05 -3.36 -37.40
C ALA A 133 20.61 -3.11 -38.83
N GLN A 134 21.58 -2.87 -39.71
CA GLN A 134 21.39 -2.78 -41.15
C GLN A 134 22.24 -3.89 -41.76
N PRO A 135 21.65 -5.07 -42.00
CA PRO A 135 22.48 -6.22 -42.41
C PRO A 135 23.12 -6.07 -43.79
N GLU A 136 22.42 -5.43 -44.74
CA GLU A 136 22.97 -5.31 -46.09
C GLU A 136 24.21 -4.44 -46.10
N SER A 137 24.19 -3.33 -45.38
CA SER A 137 25.35 -2.45 -45.27
C SER A 137 26.24 -2.78 -44.08
N GLY A 138 25.81 -3.71 -43.22
CA GLY A 138 26.61 -4.06 -42.05
C GLY A 138 26.73 -2.95 -41.04
N ARG A 139 25.67 -2.16 -40.85
CA ARG A 139 25.70 -1.06 -39.92
C ARG A 139 25.08 -1.47 -38.59
N ARG A 140 25.60 -0.92 -37.50
CA ARG A 140 25.18 -1.32 -36.17
C ARG A 140 25.10 -0.11 -35.26
N ALA A 141 24.08 -0.08 -34.40
CA ALA A 141 23.93 1.00 -33.44
C ALA A 141 23.11 0.49 -32.27
N GLU A 142 23.00 1.32 -31.24
CA GLU A 142 22.31 0.94 -30.02
C GLU A 142 21.47 2.12 -29.53
N TYR A 143 20.46 1.81 -28.71
CA TYR A 143 19.59 2.83 -28.16
C TYR A 143 19.15 2.40 -26.77
N SER A 144 19.32 3.29 -25.80
CA SER A 144 18.92 3.04 -24.41
C SER A 144 18.58 4.37 -23.77
N PRO A 145 17.31 4.75 -23.77
CA PRO A 145 16.92 6.06 -23.23
C PRO A 145 16.87 6.15 -21.72
N CYS A 146 16.94 5.03 -21.00
CA CYS A 146 16.70 5.01 -19.56
C CYS A 146 17.99 4.96 -18.74
N ARG A 147 19.16 5.03 -19.37
CA ARG A 147 20.40 5.12 -18.61
C ARG A 147 20.54 6.48 -17.96
N GLY A 148 21.30 6.53 -16.87
CA GLY A 148 21.53 7.76 -16.15
C GLY A 148 22.78 7.66 -15.30
N ASN A 149 23.08 8.76 -14.60
CA ASN A 149 24.22 8.80 -13.68
C ASN A 149 23.86 9.50 -12.37
N THR A 150 22.61 9.40 -11.96
CA THR A 150 22.15 9.96 -10.69
C THR A 150 22.25 8.90 -9.60
N LEU A 151 22.93 9.22 -8.52
CA LEU A 151 23.14 8.24 -7.46
C LEU A 151 21.84 7.99 -6.70
N SER A 152 21.81 6.89 -5.94
CA SER A 152 20.57 6.41 -5.34
C SER A 152 20.10 7.32 -4.20
N ARG A 153 21.01 8.05 -3.56
CA ARG A 153 20.60 8.92 -2.47
C ARG A 153 19.72 10.06 -2.97
N ILE A 154 20.01 10.59 -4.16
CA ILE A 154 19.17 11.63 -4.74
C ILE A 154 17.77 11.09 -5.00
N TYR A 155 17.69 9.86 -5.51
CA TYR A 155 16.40 9.23 -5.75
C TYR A 155 15.64 9.04 -4.44
N VAL A 156 16.34 8.64 -3.38
CA VAL A 156 15.69 8.49 -2.08
C VAL A 156 15.14 9.83 -1.60
N GLU A 157 15.92 10.90 -1.75
CA GLU A 157 15.50 12.21 -1.28
C GLU A 157 14.34 12.77 -2.11
N ASN A 158 14.32 12.50 -3.41
CA ASN A 158 13.27 12.97 -4.30
C ASN A 158 11.95 12.24 -4.10
N ASP A 159 11.92 11.19 -3.28
CA ASP A 159 10.79 10.26 -3.18
C ASP A 159 10.58 9.54 -4.51
N PHE A 160 11.69 9.10 -5.11
CA PHE A 160 11.68 8.27 -6.32
C PHE A 160 10.86 8.89 -7.43
N SER A 161 11.17 10.15 -7.74
CA SER A 161 10.51 10.89 -8.82
C SER A 161 11.37 10.85 -10.07
N TRP A 162 10.72 10.59 -11.21
CA TRP A 162 11.40 10.48 -12.50
C TRP A 162 12.50 9.40 -12.45
N ASP A 163 12.12 8.24 -11.94
CA ASP A 163 13.03 7.11 -11.72
C ASP A 163 12.88 6.12 -12.88
N LYS A 164 13.87 6.10 -13.78
CA LYS A 164 13.85 5.24 -14.95
C LYS A 164 14.85 4.10 -14.87
N ARG A 165 15.18 3.66 -13.65
CA ARG A 165 16.25 2.68 -13.48
C ARG A 165 15.83 1.27 -13.85
N TYR A 166 14.55 0.92 -13.65
CA TYR A 166 14.02 -0.41 -13.92
C TYR A 166 13.15 -0.42 -15.16
N CYS A 167 13.54 0.37 -16.17
CA CYS A 167 12.69 0.59 -17.33
C CYS A 167 12.33 -0.71 -18.03
N GLU A 168 13.35 -1.52 -18.33
CA GLU A 168 13.20 -2.67 -19.23
C GLU A 168 12.70 -2.21 -20.60
N ALA A 169 13.41 -1.24 -21.17
CA ALA A 169 13.07 -0.74 -22.49
C ALA A 169 13.28 -1.81 -23.54
N GLY A 170 12.30 -1.98 -24.42
CA GLY A 170 12.30 -3.06 -25.38
C GLY A 170 11.41 -4.23 -25.01
N PHE A 171 10.63 -4.11 -23.93
CA PHE A 171 9.62 -5.11 -23.64
C PHE A 171 8.64 -5.25 -24.78
N SER A 172 8.18 -4.13 -25.33
CA SER A 172 7.37 -4.08 -26.53
C SER A 172 7.88 -2.97 -27.42
N SER A 173 7.80 -3.17 -28.74
CA SER A 173 8.32 -2.20 -29.68
C SER A 173 7.38 -2.10 -30.88
N VAL A 174 7.35 -0.91 -31.49
CA VAL A 174 6.59 -0.68 -32.71
C VAL A 174 7.31 0.43 -33.48
N VAL A 175 7.07 0.48 -34.79
CA VAL A 175 7.66 1.49 -35.65
C VAL A 175 6.55 2.10 -36.49
N THR A 176 6.40 3.42 -36.41
CA THR A 176 5.43 4.11 -37.24
C THR A 176 5.91 4.12 -38.69
N GLN A 177 4.98 4.41 -39.61
N GLN A 177 4.98 4.40 -39.60
CA GLN A 177 5.32 4.39 -41.02
CA GLN A 177 5.29 4.42 -41.03
C GLN A 177 6.23 5.54 -41.42
C GLN A 177 6.25 5.53 -41.40
N ALA A 178 6.37 6.57 -40.57
CA ALA A 178 7.29 7.65 -40.86
C ALA A 178 8.73 7.31 -40.51
N GLY A 179 8.94 6.24 -39.76
CA GLY A 179 10.27 5.84 -39.37
C GLY A 179 10.66 6.18 -37.95
N GLU A 180 9.72 6.18 -37.01
CA GLU A 180 9.99 6.52 -35.62
C GLU A 180 9.74 5.29 -34.75
N LEU A 181 10.73 4.92 -33.95
CA LEU A 181 10.64 3.75 -33.10
C LEU A 181 10.06 4.13 -31.75
N VAL A 182 9.02 3.40 -31.34
CA VAL A 182 8.35 3.60 -30.05
C VAL A 182 8.55 2.32 -29.23
N LEU A 183 9.03 2.49 -28.00
CA LEU A 183 9.32 1.39 -27.10
C LEU A 183 8.51 1.56 -25.82
N GLY A 184 7.98 0.46 -25.31
CA GLY A 184 7.27 0.46 -24.03
C GLY A 184 8.20 -0.03 -22.92
N ALA A 185 8.10 0.62 -21.77
CA ALA A 185 8.90 0.29 -20.59
C ALA A 185 7.93 0.07 -19.43
N PRO A 186 7.46 -1.16 -19.23
CA PRO A 186 6.42 -1.40 -18.20
C PRO A 186 6.89 -1.13 -16.78
N GLY A 187 8.20 -1.09 -16.54
CA GLY A 187 8.75 -0.79 -15.24
C GLY A 187 9.22 0.63 -15.04
N GLY A 188 8.97 1.53 -16.00
CA GLY A 188 9.44 2.90 -15.86
C GLY A 188 8.67 3.69 -14.83
N TYR A 189 9.34 4.70 -14.27
CA TYR A 189 8.78 5.56 -13.22
C TYR A 189 8.33 4.72 -12.03
N TYR A 190 9.23 3.82 -11.58
CA TYR A 190 8.98 2.89 -10.49
C TYR A 190 7.75 2.01 -10.78
N PHE A 191 7.88 1.23 -11.86
CA PHE A 191 6.94 0.21 -12.29
C PHE A 191 5.59 0.77 -12.70
N LEU A 192 5.49 2.09 -12.92
CA LEU A 192 4.28 2.65 -13.51
C LEU A 192 4.23 2.40 -15.02
N GLY A 193 5.35 2.57 -15.69
CA GLY A 193 5.49 2.37 -17.12
C GLY A 193 5.64 3.68 -17.86
N LEU A 194 6.32 3.62 -19.00
CA LEU A 194 6.52 4.80 -19.83
C LEU A 194 6.70 4.39 -21.29
N LEU A 195 6.74 5.38 -22.15
CA LEU A 195 6.96 5.18 -23.58
C LEU A 195 8.11 6.07 -24.04
N ALA A 196 8.99 5.50 -24.85
CA ALA A 196 10.13 6.21 -25.40
C ALA A 196 10.02 6.23 -26.92
N GLN A 197 10.07 7.41 -27.51
CA GLN A 197 9.96 7.56 -28.96
C GLN A 197 11.22 8.22 -29.48
N ALA A 198 11.72 7.75 -30.63
CA ALA A 198 12.88 8.39 -31.24
C ALA A 198 12.95 8.04 -32.71
N PRO A 199 13.33 8.99 -33.58
CA PRO A 199 13.54 8.64 -34.99
C PRO A 199 14.71 7.70 -35.17
N VAL A 200 14.53 6.72 -36.07
CA VAL A 200 15.56 5.72 -36.29
C VAL A 200 16.80 6.35 -36.92
N ALA A 201 16.61 7.24 -37.88
CA ALA A 201 17.75 7.90 -38.52
C ALA A 201 18.55 8.72 -37.51
N ASP A 202 17.85 9.36 -36.57
CA ASP A 202 18.54 10.11 -35.53
C ASP A 202 19.34 9.18 -34.63
N ILE A 203 18.79 8.00 -34.32
CA ILE A 203 19.51 7.03 -33.51
C ILE A 203 20.79 6.58 -34.22
N PHE A 204 20.69 6.31 -35.52
CA PHE A 204 21.87 5.89 -36.27
C PHE A 204 22.88 7.03 -36.41
N SER A 205 22.41 8.27 -36.47
CA SER A 205 23.28 9.42 -36.66
C SER A 205 23.84 9.98 -35.35
N SER A 206 23.36 9.51 -34.20
CA SER A 206 23.76 10.04 -32.91
C SER A 206 24.52 9.03 -32.07
N TYR A 207 25.05 7.97 -32.68
CA TYR A 207 25.69 6.88 -31.96
C TYR A 207 27.20 6.90 -32.23
N ARG A 208 27.97 6.89 -31.15
CA ARG A 208 29.42 6.78 -31.23
C ARG A 208 29.84 5.61 -30.35
N PRO A 209 30.59 4.64 -30.91
CA PRO A 209 30.96 3.46 -30.12
C PRO A 209 32.01 3.80 -29.06
N GLY A 210 31.73 3.41 -27.82
CA GLY A 210 32.64 3.67 -26.73
C GLY A 210 32.00 4.50 -25.64
N ILE A 211 31.21 5.50 -26.03
CA ILE A 211 30.49 6.34 -25.08
C ILE A 211 29.23 5.60 -24.67
N LEU A 212 29.18 5.18 -23.41
CA LEU A 212 28.02 4.43 -22.93
C LEU A 212 26.85 5.31 -22.53
N LEU A 213 27.07 6.62 -22.38
CA LEU A 213 26.01 7.56 -22.01
C LEU A 213 25.92 8.64 -23.08
N TRP A 214 24.76 8.76 -23.71
CA TRP A 214 24.53 9.79 -24.72
C TRP A 214 23.04 10.01 -24.84
N HIS A 215 22.69 11.14 -25.46
CA HIS A 215 21.30 11.60 -25.53
C HIS A 215 20.95 11.91 -26.98
N VAL A 216 19.82 11.38 -27.44
CA VAL A 216 19.34 11.63 -28.80
C VAL A 216 18.54 12.93 -28.81
N SER A 217 18.89 13.83 -29.73
CA SER A 217 18.36 15.19 -29.67
C SER A 217 16.86 15.24 -29.98
N SER A 218 16.28 14.15 -30.49
CA SER A 218 14.89 14.18 -30.93
C SER A 218 14.02 13.14 -30.23
N GLN A 219 14.43 12.65 -29.06
CA GLN A 219 13.61 11.66 -28.36
C GLN A 219 12.62 12.34 -27.43
N SER A 220 11.47 11.70 -27.24
CA SER A 220 10.45 12.16 -26.33
C SER A 220 9.97 11.01 -25.46
N LEU A 221 9.86 11.25 -24.16
CA LEU A 221 9.42 10.25 -23.20
C LEU A 221 8.13 10.72 -22.55
N SER A 222 7.32 9.76 -22.11
CA SER A 222 6.06 10.08 -21.46
C SER A 222 6.34 10.63 -20.06
N PHE A 223 5.27 11.02 -19.37
CA PHE A 223 5.36 11.80 -18.14
C PHE A 223 5.00 10.94 -16.93
N ASP A 224 5.66 11.22 -15.81
CA ASP A 224 5.36 10.55 -14.56
C ASP A 224 4.01 11.00 -14.03
N SER A 225 3.36 10.12 -13.28
CA SER A 225 1.99 10.36 -12.83
C SER A 225 1.89 10.33 -11.31
N SER A 226 0.99 11.15 -10.79
CA SER A 226 0.69 11.21 -9.36
C SER A 226 -0.59 10.47 -9.00
N ASN A 227 -1.25 9.85 -9.97
CA ASN A 227 -2.51 9.17 -9.76
C ASN A 227 -2.26 7.76 -9.21
N PRO A 228 -2.88 7.38 -8.09
CA PRO A 228 -2.70 6.02 -7.57
C PRO A 228 -3.24 4.93 -8.49
N GLU A 229 -4.14 5.27 -9.43
CA GLU A 229 -4.66 4.27 -10.35
C GLU A 229 -3.56 3.72 -11.25
N TYR A 230 -2.51 4.48 -11.48
CA TYR A 230 -1.44 4.08 -12.40
C TYR A 230 -0.34 3.30 -11.71
N PHE A 231 -0.38 3.16 -10.39
CA PHE A 231 0.67 2.45 -9.68
C PHE A 231 0.63 0.97 -10.05
N ASP A 232 1.79 0.42 -10.42
CA ASP A 232 1.93 -0.99 -10.78
C ASP A 232 1.01 -1.38 -11.93
N GLY A 233 0.71 -0.45 -12.83
CA GLY A 233 -0.15 -0.73 -13.96
C GLY A 233 0.54 -1.36 -15.16
N TYR A 234 1.88 -1.35 -15.18
CA TYR A 234 2.65 -1.91 -16.28
C TYR A 234 2.26 -1.29 -17.61
N TRP A 235 2.28 0.04 -17.65
CA TRP A 235 1.99 0.83 -18.85
C TRP A 235 3.13 0.62 -19.84
N GLY A 236 2.87 -0.14 -20.90
CA GLY A 236 3.92 -0.44 -21.85
C GLY A 236 4.11 -1.93 -22.06
N TYR A 237 3.21 -2.72 -21.48
CA TYR A 237 3.20 -4.16 -21.72
C TYR A 237 2.99 -4.46 -23.19
N SER A 238 2.08 -3.72 -23.84
CA SER A 238 1.87 -3.83 -25.28
C SER A 238 1.61 -2.43 -25.84
N VAL A 239 2.13 -2.20 -27.06
CA VAL A 239 1.97 -0.94 -27.76
C VAL A 239 1.52 -1.22 -29.19
N ALA A 240 0.86 -0.23 -29.77
CA ALA A 240 0.42 -0.29 -31.16
C ALA A 240 0.20 1.13 -31.66
N VAL A 241 0.09 1.28 -32.98
CA VAL A 241 -0.16 2.58 -33.58
C VAL A 241 -1.38 2.48 -34.49
N GLY A 242 -2.00 3.63 -34.73
CA GLY A 242 -3.17 3.66 -35.59
C GLY A 242 -3.63 5.08 -35.82
N GLU A 243 -4.68 5.20 -36.64
CA GLU A 243 -5.28 6.48 -36.98
C GLU A 243 -6.66 6.53 -36.31
N PHE A 244 -6.79 7.39 -35.30
CA PHE A 244 -7.98 7.41 -34.46
C PHE A 244 -8.47 8.83 -34.21
N ASP A 245 -8.24 9.74 -35.14
CA ASP A 245 -8.64 11.13 -34.96
C ASP A 245 -9.35 11.71 -36.17
N GLY A 246 -9.08 11.16 -37.35
CA GLY A 246 -9.55 11.70 -38.60
C GLY A 246 -8.53 12.60 -39.29
N ASP A 247 -7.53 13.08 -38.56
CA ASP A 247 -6.45 13.86 -39.14
C ASP A 247 -5.33 12.91 -39.56
N LEU A 248 -5.00 12.92 -40.85
CA LEU A 248 -4.02 11.98 -41.38
C LEU A 248 -2.59 12.43 -41.13
N ASN A 249 -2.38 13.65 -40.63
CA ASN A 249 -1.03 14.12 -40.36
C ASN A 249 -0.50 13.58 -39.03
N THR A 250 -1.38 13.44 -38.04
CA THR A 250 -0.98 12.98 -36.72
C THR A 250 -1.21 11.47 -36.58
N THR A 251 -0.38 10.84 -35.76
CA THR A 251 -0.47 9.41 -35.48
C THR A 251 -0.89 9.20 -34.04
N GLU A 252 -1.62 8.11 -33.80
CA GLU A 252 -2.15 7.79 -32.48
C GLU A 252 -1.52 6.53 -31.94
N TYR A 253 -1.28 6.53 -30.63
CA TYR A 253 -0.68 5.39 -29.94
C TYR A 253 -1.73 4.70 -29.07
N VAL A 254 -1.72 3.37 -29.10
CA VAL A 254 -2.58 2.54 -28.27
C VAL A 254 -1.67 1.76 -27.32
N VAL A 255 -1.89 1.91 -26.02
CA VAL A 255 -1.03 1.31 -25.01
C VAL A 255 -1.88 0.48 -24.06
N GLY A 256 -1.42 -0.72 -23.75
CA GLY A 256 -2.11 -1.61 -22.83
C GLY A 256 -1.42 -1.64 -21.48
N ALA A 257 -2.24 -1.52 -20.42
CA ALA A 257 -1.79 -1.59 -19.03
C ALA A 257 -2.60 -2.68 -18.35
N PRO A 258 -2.15 -3.94 -18.38
CA PRO A 258 -2.99 -5.05 -17.94
C PRO A 258 -3.22 -5.13 -16.45
N THR A 259 -2.58 -4.27 -15.65
CA THR A 259 -2.76 -4.26 -14.21
C THR A 259 -3.29 -2.91 -13.72
N TRP A 260 -3.78 -2.08 -14.62
CA TRP A 260 -4.18 -0.72 -14.27
C TRP A 260 -5.38 -0.72 -13.33
N SER A 261 -5.34 0.20 -12.35
CA SER A 261 -6.41 0.38 -11.37
C SER A 261 -6.67 -0.89 -10.58
N TRP A 262 -5.66 -1.31 -9.83
CA TRP A 262 -5.74 -2.47 -8.92
C TRP A 262 -6.13 -3.73 -9.70
N THR A 263 -5.26 -4.12 -10.63
CA THR A 263 -5.41 -5.34 -11.41
C THR A 263 -6.75 -5.39 -12.15
N LEU A 264 -7.20 -4.24 -12.65
CA LEU A 264 -8.36 -4.20 -13.52
C LEU A 264 -7.98 -4.16 -14.99
N GLY A 265 -6.94 -3.41 -15.35
CA GLY A 265 -6.47 -3.37 -16.73
C GLY A 265 -7.13 -2.27 -17.53
N ALA A 266 -6.41 -1.78 -18.54
CA ALA A 266 -6.94 -0.71 -19.37
C ALA A 266 -6.18 -0.68 -20.69
N VAL A 267 -6.79 0.01 -21.66
CA VAL A 267 -6.15 0.33 -22.93
C VAL A 267 -6.40 1.81 -23.21
N GLU A 268 -5.32 2.56 -23.43
CA GLU A 268 -5.42 4.00 -23.60
C GLU A 268 -4.98 4.39 -25.00
N ILE A 269 -5.75 5.27 -25.63
CA ILE A 269 -5.43 5.83 -26.94
C ILE A 269 -5.02 7.28 -26.72
N LEU A 270 -3.80 7.60 -27.12
CA LEU A 270 -3.15 8.90 -26.97
C LEU A 270 -2.72 9.41 -28.33
N ASP A 271 -2.32 10.68 -28.37
CA ASP A 271 -1.73 11.25 -29.58
C ASP A 271 -0.21 11.20 -29.47
N SER A 272 0.47 11.87 -30.39
CA SER A 272 1.93 11.86 -30.43
C SER A 272 2.56 12.63 -29.28
N TYR A 273 1.79 13.46 -28.56
CA TYR A 273 2.28 14.19 -27.41
C TYR A 273 1.85 13.57 -26.09
N TYR A 274 1.42 12.30 -26.12
CA TYR A 274 1.08 11.55 -24.92
C TYR A 274 -0.06 12.20 -24.14
N GLN A 275 -1.03 12.75 -24.85
CA GLN A 275 -2.27 13.24 -24.27
C GLN A 275 -3.38 12.25 -24.58
N ARG A 276 -4.14 11.89 -23.55
N ARG A 276 -4.14 11.89 -23.55
CA ARG A 276 -5.18 10.87 -23.70
CA ARG A 276 -5.18 10.87 -23.70
C ARG A 276 -6.28 11.33 -24.64
C ARG A 276 -6.28 11.34 -24.65
N LEU A 277 -6.71 10.42 -25.51
CA LEU A 277 -7.89 10.61 -26.34
C LEU A 277 -9.02 9.68 -25.95
N HIS A 278 -8.70 8.46 -25.53
CA HIS A 278 -9.71 7.52 -25.06
C HIS A 278 -9.09 6.57 -24.04
N ARG A 279 -9.95 5.95 -23.23
CA ARG A 279 -9.54 4.90 -22.32
C ARG A 279 -10.65 3.85 -22.21
N LEU A 280 -10.31 2.60 -22.51
CA LEU A 280 -11.20 1.46 -22.34
C LEU A 280 -10.77 0.69 -21.10
N ARG A 281 -11.72 0.44 -20.20
CA ARG A 281 -11.45 -0.25 -18.95
C ARG A 281 -11.80 -1.73 -19.06
N GLY A 282 -11.14 -2.52 -18.22
CA GLY A 282 -11.37 -3.95 -18.20
C GLY A 282 -12.73 -4.30 -17.61
N GLU A 283 -13.11 -5.57 -17.79
CA GLU A 283 -14.40 -6.07 -17.34
C GLU A 283 -14.32 -6.86 -16.04
N GLN A 284 -13.22 -7.57 -15.81
CA GLN A 284 -13.06 -8.40 -14.63
C GLN A 284 -11.64 -8.22 -14.10
N MET A 285 -11.48 -8.28 -12.78
CA MET A 285 -10.18 -8.10 -12.17
C MET A 285 -9.27 -9.30 -12.45
N ALA A 286 -7.98 -9.01 -12.64
CA ALA A 286 -6.91 -10.01 -12.79
C ALA A 286 -7.03 -10.82 -14.08
N SER A 287 -7.82 -10.35 -15.04
CA SER A 287 -7.95 -11.05 -16.32
C SER A 287 -6.93 -10.58 -17.35
N TYR A 288 -6.04 -9.64 -16.99
CA TYR A 288 -5.02 -9.09 -17.87
C TYR A 288 -5.60 -8.49 -19.16
N PHE A 289 -6.60 -7.61 -18.98
CA PHE A 289 -7.12 -6.81 -20.07
C PHE A 289 -6.06 -5.81 -20.48
N GLY A 290 -5.57 -5.93 -21.72
CA GLY A 290 -4.45 -5.14 -22.19
C GLY A 290 -3.19 -5.94 -22.44
N HIS A 291 -3.24 -7.26 -22.29
CA HIS A 291 -2.08 -8.10 -22.59
C HIS A 291 -1.71 -8.01 -24.06
N SER A 292 -2.70 -8.05 -24.95
CA SER A 292 -2.50 -7.93 -26.38
C SER A 292 -3.46 -6.90 -26.95
N VAL A 293 -2.95 -6.05 -27.83
CA VAL A 293 -3.73 -5.04 -28.53
C VAL A 293 -3.44 -5.15 -30.02
N ALA A 294 -4.47 -4.91 -30.83
CA ALA A 294 -4.32 -4.91 -32.29
C ALA A 294 -5.22 -3.85 -32.89
N VAL A 295 -4.78 -3.25 -33.98
CA VAL A 295 -5.51 -2.19 -34.66
C VAL A 295 -5.66 -2.58 -36.13
N THR A 296 -6.91 -2.71 -36.58
CA THR A 296 -7.18 -3.04 -37.97
C THR A 296 -8.64 -2.72 -38.26
N ASP A 297 -8.93 -2.46 -39.52
CA ASP A 297 -10.28 -2.13 -39.97
C ASP A 297 -10.97 -3.39 -40.45
N VAL A 298 -11.83 -3.97 -39.60
CA VAL A 298 -12.54 -5.19 -39.96
C VAL A 298 -13.93 -4.91 -40.52
N ASN A 299 -14.50 -3.75 -40.25
CA ASN A 299 -15.82 -3.40 -40.73
C ASN A 299 -15.81 -3.04 -42.22
N GLY A 300 -14.64 -2.77 -42.78
CA GLY A 300 -14.55 -2.40 -44.18
C GLY A 300 -15.14 -1.07 -44.54
N ASP A 301 -14.94 -0.05 -43.70
CA ASP A 301 -15.42 1.30 -43.98
C ASP A 301 -14.31 2.35 -44.01
N GLY A 302 -13.08 1.99 -43.68
CA GLY A 302 -11.96 2.91 -43.72
C GLY A 302 -11.49 3.40 -42.36
N ARG A 303 -12.21 3.11 -41.28
CA ARG A 303 -11.85 3.56 -39.96
C ARG A 303 -11.33 2.39 -39.14
N HIS A 304 -10.13 2.55 -38.59
CA HIS A 304 -9.46 1.48 -37.85
C HIS A 304 -10.25 1.13 -36.59
N ASP A 305 -10.34 -0.17 -36.32
CA ASP A 305 -11.02 -0.71 -35.14
C ASP A 305 -10.02 -1.42 -34.24
N LEU A 306 -10.41 -1.64 -33.00
CA LEU A 306 -9.50 -2.09 -31.96
C LEU A 306 -9.89 -3.48 -31.45
N LEU A 307 -8.87 -4.33 -31.28
CA LEU A 307 -9.01 -5.64 -30.66
C LEU A 307 -8.17 -5.68 -29.40
N VAL A 308 -8.75 -6.14 -28.30
CA VAL A 308 -8.06 -6.28 -27.02
C VAL A 308 -8.19 -7.72 -26.56
N GLY A 309 -7.15 -8.24 -25.91
CA GLY A 309 -7.13 -9.62 -25.45
C GLY A 309 -6.92 -9.72 -23.94
N ALA A 310 -7.76 -10.53 -23.30
CA ALA A 310 -7.65 -10.84 -21.87
C ALA A 310 -7.53 -12.35 -21.72
N PRO A 311 -6.30 -12.88 -21.62
CA PRO A 311 -6.13 -14.34 -21.64
C PRO A 311 -6.60 -15.05 -20.38
N LEU A 312 -6.82 -14.34 -19.28
CA LEU A 312 -7.16 -14.97 -18.00
C LEU A 312 -8.60 -14.67 -17.59
N TYR A 313 -9.49 -14.46 -18.55
CA TYR A 313 -10.88 -14.19 -18.26
C TYR A 313 -11.59 -15.46 -17.83
N MET A 314 -12.40 -15.35 -16.76
CA MET A 314 -13.13 -16.48 -16.19
C MET A 314 -14.61 -16.30 -16.47
N GLU A 315 -15.14 -17.13 -17.37
CA GLU A 315 -16.56 -17.05 -17.72
C GLU A 315 -17.40 -17.86 -16.74
N SER A 316 -18.69 -17.52 -16.68
CA SER A 316 -19.63 -18.18 -15.80
C SER A 316 -20.29 -19.34 -16.54
N ARG A 317 -19.99 -20.56 -16.12
CA ARG A 317 -20.53 -21.77 -16.71
C ARG A 317 -21.54 -22.42 -15.76
N ALA A 318 -22.02 -23.59 -16.16
CA ALA A 318 -22.95 -24.35 -15.33
C ALA A 318 -22.22 -25.29 -14.39
N ASP A 319 -21.27 -26.08 -14.91
CA ASP A 319 -20.53 -27.04 -14.11
C ASP A 319 -19.23 -26.48 -13.54
N ARG A 320 -18.89 -25.22 -13.86
CA ARG A 320 -17.68 -24.60 -13.33
C ARG A 320 -17.87 -23.09 -13.37
N LYS A 321 -18.06 -22.48 -12.20
CA LYS A 321 -18.25 -21.04 -12.13
C LYS A 321 -17.02 -20.29 -12.62
N LEU A 322 -15.83 -20.79 -12.29
CA LEU A 322 -14.58 -20.16 -12.68
C LEU A 322 -13.99 -20.95 -13.85
N ALA A 323 -14.43 -20.63 -15.05
CA ALA A 323 -13.90 -21.24 -16.26
C ALA A 323 -12.95 -20.24 -16.90
N GLU A 324 -11.69 -20.27 -16.50
CA GLU A 324 -10.67 -19.37 -17.04
C GLU A 324 -10.37 -19.79 -18.47
N VAL A 325 -10.95 -19.09 -19.44
CA VAL A 325 -10.85 -19.49 -20.83
C VAL A 325 -10.23 -18.40 -21.70
N GLY A 326 -10.41 -17.14 -21.33
CA GLY A 326 -9.89 -16.03 -22.10
C GLY A 326 -10.96 -15.36 -22.96
N ARG A 327 -10.70 -14.11 -23.33
CA ARG A 327 -11.67 -13.32 -24.08
C ARG A 327 -10.95 -12.34 -25.01
N VAL A 328 -11.64 -11.97 -26.09
CA VAL A 328 -11.21 -10.96 -27.04
C VAL A 328 -12.36 -9.97 -27.23
N TYR A 329 -12.04 -8.67 -27.13
CA TYR A 329 -12.99 -7.58 -27.25
C TYR A 329 -12.75 -6.85 -28.56
N LEU A 330 -13.84 -6.56 -29.29
CA LEU A 330 -13.78 -5.80 -30.53
C LEU A 330 -14.58 -4.51 -30.36
N PHE A 331 -13.89 -3.37 -30.55
CA PHE A 331 -14.49 -2.05 -30.56
C PHE A 331 -14.40 -1.49 -31.98
N LEU A 332 -15.54 -1.04 -32.50
CA LEU A 332 -15.61 -0.45 -33.83
C LEU A 332 -15.57 1.07 -33.73
N GLN A 333 -14.81 1.69 -34.63
CA GLN A 333 -14.67 3.15 -34.62
C GLN A 333 -15.88 3.80 -35.28
N PRO A 334 -16.57 4.72 -34.62
CA PRO A 334 -17.77 5.33 -35.22
C PRO A 334 -17.45 6.56 -36.05
N ARG A 335 -18.48 7.11 -36.69
CA ARG A 335 -18.33 8.34 -37.46
C ARG A 335 -18.17 9.54 -36.53
N GLY A 336 -17.43 10.54 -37.00
CA GLY A 336 -17.30 11.79 -36.29
C GLY A 336 -16.53 11.67 -35.00
N PRO A 337 -16.76 12.61 -34.08
CA PRO A 337 -15.96 12.66 -32.85
C PRO A 337 -16.52 11.80 -31.73
N HIS A 338 -17.40 10.86 -32.06
CA HIS A 338 -17.96 9.97 -31.04
C HIS A 338 -16.86 9.12 -30.42
N ALA A 339 -17.05 8.78 -29.15
CA ALA A 339 -16.10 7.96 -28.41
C ALA A 339 -16.43 6.49 -28.56
N LEU A 340 -15.43 5.64 -28.32
CA LEU A 340 -15.61 4.20 -28.35
C LEU A 340 -16.41 3.76 -27.13
N GLY A 341 -17.66 3.35 -27.36
CA GLY A 341 -18.54 2.96 -26.27
C GLY A 341 -18.38 1.52 -25.85
N ALA A 342 -19.50 0.80 -25.78
CA ALA A 342 -19.46 -0.61 -25.39
C ALA A 342 -18.77 -1.44 -26.48
N PRO A 343 -18.18 -2.57 -26.11
CA PRO A 343 -17.54 -3.42 -27.12
C PRO A 343 -18.53 -3.86 -28.18
N SER A 344 -18.06 -3.89 -29.43
CA SER A 344 -18.91 -4.32 -30.53
C SER A 344 -19.07 -5.83 -30.56
N LEU A 345 -18.01 -6.57 -30.21
CA LEU A 345 -18.08 -8.02 -30.23
C LEU A 345 -17.27 -8.60 -29.08
N LEU A 346 -17.73 -9.75 -28.57
CA LEU A 346 -17.03 -10.51 -27.56
C LEU A 346 -16.80 -11.93 -28.08
N LEU A 347 -15.56 -12.40 -27.99
CA LEU A 347 -15.22 -13.78 -28.30
C LEU A 347 -14.65 -14.43 -27.04
N THR A 348 -15.11 -15.62 -26.72
CA THR A 348 -14.67 -16.32 -25.52
C THR A 348 -14.15 -17.69 -25.88
N GLY A 349 -13.16 -18.16 -25.13
CA GLY A 349 -12.58 -19.46 -25.37
C GLY A 349 -13.41 -20.58 -24.78
N THR A 350 -13.05 -21.80 -25.15
CA THR A 350 -13.77 -22.99 -24.73
C THR A 350 -12.94 -23.92 -23.85
N GLN A 351 -11.63 -24.03 -24.10
CA GLN A 351 -10.78 -24.91 -23.33
C GLN A 351 -10.29 -24.23 -22.06
N LEU A 352 -10.25 -24.99 -20.97
CA LEU A 352 -9.80 -24.45 -19.70
C LEU A 352 -8.29 -24.18 -19.71
N TYR A 353 -7.90 -23.05 -19.13
CA TYR A 353 -6.49 -22.62 -19.05
C TYR A 353 -5.86 -22.49 -20.43
N GLY A 354 -6.68 -22.26 -21.45
CA GLY A 354 -6.17 -22.15 -22.81
C GLY A 354 -5.50 -20.84 -23.13
N ARG A 355 -5.76 -19.80 -22.33
CA ARG A 355 -5.21 -18.46 -22.54
C ARG A 355 -5.58 -17.93 -23.93
N PHE A 356 -6.86 -18.04 -24.25
CA PHE A 356 -7.38 -17.51 -25.50
C PHE A 356 -7.31 -15.99 -25.46
N GLY A 357 -6.81 -15.39 -26.54
CA GLY A 357 -6.64 -13.96 -26.61
C GLY A 357 -5.28 -13.45 -26.20
N SER A 358 -4.30 -14.34 -26.04
CA SER A 358 -2.95 -13.92 -25.68
C SER A 358 -2.14 -13.44 -26.88
N ALA A 359 -2.66 -13.61 -28.09
CA ALA A 359 -2.01 -13.06 -29.29
C ALA A 359 -3.08 -12.87 -30.35
N ILE A 360 -3.23 -11.64 -30.81
CA ILE A 360 -4.13 -11.29 -31.90
C ILE A 360 -3.28 -10.75 -33.05
N ALA A 361 -3.45 -11.33 -34.23
CA ALA A 361 -2.67 -10.94 -35.40
C ALA A 361 -3.62 -10.54 -36.52
N PRO A 362 -3.56 -9.29 -36.99
CA PRO A 362 -4.31 -8.92 -38.20
C PRO A 362 -3.75 -9.66 -39.41
N LEU A 363 -4.61 -10.39 -40.10
CA LEU A 363 -4.21 -11.18 -41.25
C LEU A 363 -4.40 -10.46 -42.57
N GLY A 364 -5.00 -9.28 -42.57
CA GLY A 364 -5.37 -8.66 -43.83
C GLY A 364 -6.55 -9.39 -44.44
N ASP A 365 -6.80 -9.10 -45.70
CA ASP A 365 -7.86 -9.79 -46.45
C ASP A 365 -7.34 -11.15 -46.86
N LEU A 366 -7.51 -12.14 -45.98
CA LEU A 366 -6.97 -13.47 -46.20
C LEU A 366 -7.59 -14.14 -47.42
N ASP A 367 -8.92 -14.07 -47.52
CA ASP A 367 -9.63 -14.73 -48.61
C ASP A 367 -10.07 -13.76 -49.70
N ARG A 368 -9.65 -12.50 -49.63
CA ARG A 368 -9.87 -11.50 -50.68
C ARG A 368 -11.35 -11.33 -50.99
N ASP A 369 -12.10 -10.90 -49.97
CA ASP A 369 -13.53 -10.64 -50.12
C ASP A 369 -13.93 -9.19 -49.92
N GLY A 370 -13.13 -8.41 -49.20
CA GLY A 370 -13.43 -7.00 -49.01
C GLY A 370 -13.40 -6.53 -47.57
N TYR A 371 -13.16 -7.46 -46.64
CA TYR A 371 -13.10 -7.14 -45.22
C TYR A 371 -11.90 -7.83 -44.60
N ASN A 372 -11.26 -7.17 -43.64
CA ASN A 372 -10.07 -7.72 -43.01
C ASN A 372 -10.45 -8.78 -41.99
N ASP A 373 -9.50 -9.67 -41.71
CA ASP A 373 -9.68 -10.81 -40.82
C ASP A 373 -8.61 -10.81 -39.74
N ILE A 374 -8.80 -11.63 -38.71
CA ILE A 374 -7.85 -11.72 -37.62
C ILE A 374 -7.57 -13.17 -37.26
N ALA A 375 -6.51 -13.38 -36.50
CA ALA A 375 -6.16 -14.69 -35.96
C ALA A 375 -5.88 -14.55 -34.47
N VAL A 376 -6.51 -15.41 -33.66
CA VAL A 376 -6.36 -15.39 -32.22
C VAL A 376 -5.72 -16.69 -31.77
N ALA A 377 -4.74 -16.61 -30.88
CA ALA A 377 -3.98 -17.77 -30.45
C ALA A 377 -4.35 -18.17 -29.03
N ALA A 378 -4.58 -19.46 -28.82
CA ALA A 378 -4.72 -20.05 -27.49
C ALA A 378 -3.55 -21.02 -27.30
N PRO A 379 -2.48 -20.61 -26.62
CA PRO A 379 -1.26 -21.45 -26.59
C PRO A 379 -1.44 -22.79 -25.89
N TYR A 380 -2.47 -22.95 -25.06
CA TYR A 380 -2.73 -24.20 -24.36
C TYR A 380 -4.18 -24.63 -24.57
N GLY A 381 -4.70 -24.44 -25.77
CA GLY A 381 -6.05 -24.82 -26.10
C GLY A 381 -6.10 -26.18 -26.79
N GLY A 382 -7.30 -26.53 -27.25
CA GLY A 382 -7.53 -27.81 -27.84
C GLY A 382 -7.82 -28.87 -26.80
N PRO A 383 -8.41 -30.00 -27.21
CA PRO A 383 -8.73 -31.04 -26.23
C PRO A 383 -7.52 -31.57 -25.48
N SER A 384 -6.35 -31.61 -26.13
CA SER A 384 -5.15 -32.11 -25.50
C SER A 384 -4.30 -31.02 -24.84
N GLY A 385 -4.68 -29.75 -24.97
CA GLY A 385 -3.93 -28.68 -24.35
C GLY A 385 -2.60 -28.36 -25.00
N ARG A 386 -2.44 -28.64 -26.28
CA ARG A 386 -1.17 -28.39 -26.95
C ARG A 386 -1.08 -26.95 -27.47
N GLY A 387 -2.15 -26.45 -28.07
CA GLY A 387 -2.18 -25.12 -28.64
C GLY A 387 -3.12 -25.07 -29.82
N GLN A 388 -3.58 -23.85 -30.12
CA GLN A 388 -4.56 -23.67 -31.18
C GLN A 388 -4.48 -22.25 -31.72
N VAL A 389 -4.83 -22.10 -32.99
CA VAL A 389 -4.96 -20.79 -33.62
C VAL A 389 -6.28 -20.76 -34.37
N LEU A 390 -7.13 -19.78 -34.06
CA LEU A 390 -8.45 -19.67 -34.67
C LEU A 390 -8.49 -18.45 -35.57
N VAL A 391 -9.03 -18.64 -36.78
CA VAL A 391 -9.10 -17.57 -37.78
C VAL A 391 -10.53 -17.04 -37.82
N PHE A 392 -10.69 -15.74 -37.63
CA PHE A 392 -11.99 -15.09 -37.65
C PHE A 392 -12.07 -14.16 -38.85
N LEU A 393 -13.13 -14.34 -39.65
CA LEU A 393 -13.35 -13.55 -40.85
C LEU A 393 -14.13 -12.29 -40.54
N GLY A 394 -14.01 -11.31 -41.43
CA GLY A 394 -14.68 -10.03 -41.27
C GLY A 394 -15.92 -9.94 -42.15
N GLN A 395 -16.89 -9.16 -41.67
CA GLN A 395 -18.13 -8.94 -42.41
C GLN A 395 -18.55 -7.48 -42.20
N SER A 396 -19.66 -7.11 -42.83
CA SER A 396 -20.06 -5.70 -42.92
C SER A 396 -20.31 -5.07 -41.55
N GLU A 397 -20.53 -5.87 -40.52
CA GLU A 397 -20.82 -5.35 -39.19
C GLU A 397 -19.83 -5.86 -38.14
N GLY A 398 -18.60 -6.13 -38.54
CA GLY A 398 -17.59 -6.58 -37.59
C GLY A 398 -16.94 -7.88 -37.97
N LEU A 399 -16.74 -8.77 -36.99
CA LEU A 399 -16.17 -10.08 -37.22
C LEU A 399 -17.26 -11.15 -37.14
N ARG A 400 -16.98 -12.30 -37.75
CA ARG A 400 -17.86 -13.45 -37.65
C ARG A 400 -17.66 -14.13 -36.31
N SER A 401 -18.77 -14.40 -35.61
CA SER A 401 -18.70 -14.93 -34.26
C SER A 401 -18.17 -16.36 -34.22
N ARG A 402 -18.22 -17.06 -35.35
CA ARG A 402 -17.65 -18.40 -35.31
C ARG A 402 -16.32 -18.44 -36.06
N PRO A 403 -15.36 -19.24 -35.59
CA PRO A 403 -14.08 -19.32 -36.31
C PRO A 403 -14.25 -20.03 -37.64
N SER A 404 -13.63 -19.46 -38.68
CA SER A 404 -13.68 -20.07 -40.00
C SER A 404 -12.71 -21.23 -40.15
N GLN A 405 -11.72 -21.33 -39.27
CA GLN A 405 -10.69 -22.34 -39.39
C GLN A 405 -9.94 -22.42 -38.07
N VAL A 406 -9.55 -23.64 -37.69
CA VAL A 406 -8.81 -23.89 -36.46
C VAL A 406 -7.56 -24.71 -36.82
N LEU A 407 -6.41 -24.24 -36.39
CA LEU A 407 -5.13 -24.90 -36.61
C LEU A 407 -4.60 -25.43 -35.29
N ASP A 408 -4.23 -26.72 -35.28
CA ASP A 408 -3.73 -27.39 -34.09
C ASP A 408 -2.21 -27.49 -34.11
N SER A 409 -1.64 -27.60 -32.93
CA SER A 409 -0.19 -27.57 -32.78
C SER A 409 0.43 -28.85 -33.33
N PRO A 410 1.46 -28.76 -34.18
CA PRO A 410 2.17 -29.96 -34.64
C PRO A 410 3.34 -30.37 -33.77
N PHE A 411 3.52 -29.75 -32.62
CA PHE A 411 4.63 -29.95 -31.72
C PHE A 411 4.18 -30.71 -30.47
N PRO A 412 5.12 -31.28 -29.70
CA PRO A 412 4.73 -31.93 -28.44
C PRO A 412 4.11 -30.97 -27.45
N THR A 413 3.67 -31.50 -26.31
CA THR A 413 3.03 -30.67 -25.30
C THR A 413 4.04 -29.71 -24.67
N GLY A 414 3.54 -28.57 -24.21
CA GLY A 414 4.37 -27.56 -23.59
C GLY A 414 5.18 -26.70 -24.54
N SER A 415 4.85 -26.71 -25.83
CA SER A 415 5.63 -25.97 -26.81
C SER A 415 5.18 -24.53 -26.99
N ALA A 416 4.05 -24.13 -26.38
CA ALA A 416 3.52 -22.77 -26.47
C ALA A 416 3.27 -22.37 -27.93
N PHE A 417 2.42 -23.15 -28.58
CA PHE A 417 2.07 -22.91 -29.99
C PHE A 417 1.10 -21.74 -30.08
N GLY A 418 1.57 -20.62 -30.61
CA GLY A 418 0.77 -19.42 -30.70
C GLY A 418 1.20 -18.27 -29.81
N PHE A 419 2.31 -18.41 -29.10
CA PHE A 419 2.79 -17.32 -28.25
C PHE A 419 3.10 -16.07 -29.08
N SER A 420 3.48 -16.26 -30.34
CA SER A 420 3.72 -15.15 -31.26
C SER A 420 3.22 -15.53 -32.65
N LEU A 421 2.53 -14.59 -33.28
CA LEU A 421 2.01 -14.77 -34.64
C LEU A 421 2.38 -13.56 -35.49
N ARG A 422 2.47 -13.79 -36.80
CA ARG A 422 2.64 -12.71 -37.75
C ARG A 422 1.92 -13.05 -39.05
N GLY A 423 1.11 -12.12 -39.52
CA GLY A 423 0.43 -12.29 -40.79
C GLY A 423 0.51 -11.05 -41.66
N ALA A 424 -0.41 -10.95 -42.62
CA ALA A 424 -0.59 -9.76 -43.48
C ALA A 424 0.56 -9.55 -44.45
N VAL A 425 1.47 -10.50 -44.58
CA VAL A 425 2.58 -10.39 -45.53
C VAL A 425 2.61 -11.63 -46.40
N ASP A 426 2.69 -11.43 -47.71
CA ASP A 426 2.76 -12.51 -48.68
C ASP A 426 4.22 -12.90 -48.90
N ILE A 427 4.54 -14.16 -48.62
CA ILE A 427 5.92 -14.62 -48.63
C ILE A 427 6.28 -15.43 -49.87
N ASP A 428 5.31 -16.02 -50.57
CA ASP A 428 5.61 -16.88 -51.71
C ASP A 428 5.03 -16.36 -53.02
N ASP A 429 4.60 -15.10 -53.07
CA ASP A 429 4.18 -14.44 -54.31
C ASP A 429 3.02 -15.19 -54.99
N ASN A 430 1.99 -15.50 -54.20
CA ASN A 430 0.79 -16.10 -54.76
C ASN A 430 -0.45 -15.22 -54.67
N GLY A 431 -0.40 -14.13 -53.89
CA GLY A 431 -1.47 -13.16 -53.82
C GLY A 431 -2.24 -13.16 -52.52
N TYR A 432 -2.11 -14.20 -51.71
CA TYR A 432 -2.85 -14.31 -50.46
C TYR A 432 -1.90 -14.25 -49.28
N PRO A 433 -2.18 -13.42 -48.27
CA PRO A 433 -1.26 -13.29 -47.14
C PRO A 433 -1.13 -14.58 -46.35
N ASP A 434 0.06 -14.81 -45.79
CA ASP A 434 0.41 -16.04 -45.11
C ASP A 434 0.58 -15.78 -43.61
N LEU A 435 0.85 -16.86 -42.86
CA LEU A 435 0.92 -16.77 -41.41
C LEU A 435 2.15 -17.51 -40.91
N ILE A 436 2.81 -16.95 -39.89
CA ILE A 436 3.91 -17.62 -39.21
C ILE A 436 3.64 -17.62 -37.71
N VAL A 437 3.84 -18.79 -37.09
CA VAL A 437 3.53 -19.03 -35.69
C VAL A 437 4.79 -19.53 -34.99
N GLY A 438 5.09 -18.95 -33.83
CA GLY A 438 6.30 -19.36 -33.13
C GLY A 438 6.06 -20.15 -31.86
N ALA A 439 6.65 -21.34 -31.76
CA ALA A 439 6.57 -22.18 -30.58
C ALA A 439 7.98 -22.25 -29.99
N TYR A 440 8.22 -21.49 -28.91
CA TYR A 440 9.55 -21.42 -28.34
C TYR A 440 9.86 -22.59 -27.41
N GLY A 441 8.83 -23.27 -26.89
CA GLY A 441 9.08 -24.45 -26.08
C GLY A 441 9.74 -25.56 -26.87
N ALA A 442 9.39 -25.68 -28.15
CA ALA A 442 10.04 -26.59 -29.07
C ALA A 442 11.19 -25.93 -29.83
N ASN A 443 11.40 -24.63 -29.64
CA ASN A 443 12.40 -23.85 -30.36
C ASN A 443 12.21 -23.97 -31.87
N GLN A 444 10.97 -23.74 -32.32
CA GLN A 444 10.66 -23.87 -33.74
C GLN A 444 9.63 -22.84 -34.16
N VAL A 445 9.51 -22.68 -35.48
CA VAL A 445 8.58 -21.75 -36.11
C VAL A 445 7.90 -22.49 -37.26
N ALA A 446 6.57 -22.33 -37.35
CA ALA A 446 5.77 -22.98 -38.38
C ALA A 446 5.20 -21.94 -39.33
N VAL A 447 5.29 -22.21 -40.62
CA VAL A 447 4.81 -21.31 -41.67
C VAL A 447 3.65 -21.99 -42.38
N TYR A 448 2.50 -21.30 -42.39
CA TYR A 448 1.29 -21.68 -43.09
C TYR A 448 1.09 -20.75 -44.28
N ARG A 449 0.84 -21.32 -45.45
CA ARG A 449 0.63 -20.57 -46.68
C ARG A 449 -0.84 -20.64 -47.06
N ALA A 450 -1.44 -19.48 -47.33
CA ALA A 450 -2.84 -19.40 -47.69
C ALA A 450 -3.03 -19.65 -49.17
N GLN A 451 -4.21 -20.19 -49.51
CA GLN A 451 -4.51 -20.55 -50.89
C GLN A 451 -5.62 -19.67 -51.46
N PRO B 57 -37.98 -74.50 16.47
CA PRO B 57 -37.08 -73.42 16.90
C PRO B 57 -37.40 -72.09 16.23
N VAL B 58 -37.21 -70.99 16.97
CA VAL B 58 -37.47 -69.65 16.47
C VAL B 58 -36.19 -68.84 16.55
N SER B 59 -35.82 -68.21 15.44
CA SER B 59 -34.63 -67.38 15.40
C SER B 59 -34.78 -66.18 16.31
N GLU B 60 -33.70 -65.82 17.00
CA GLU B 60 -33.73 -64.74 17.97
C GLU B 60 -32.43 -63.94 17.87
N ALA B 61 -32.42 -62.78 18.53
CA ALA B 61 -31.25 -61.90 18.59
C ALA B 61 -31.13 -61.42 20.03
N ARG B 62 -30.38 -62.17 20.84
CA ARG B 62 -30.17 -61.79 22.24
C ARG B 62 -29.07 -60.75 22.33
N VAL B 63 -29.38 -59.61 22.96
CA VAL B 63 -28.40 -58.54 23.10
C VAL B 63 -27.48 -58.87 24.26
N LEU B 64 -26.18 -58.92 23.98
CA LEU B 64 -25.19 -59.25 25.01
C LEU B 64 -24.68 -58.00 25.71
N GLU B 65 -24.25 -57.00 24.96
CA GLU B 65 -23.72 -55.76 25.51
C GLU B 65 -24.58 -54.59 25.04
N ASP B 66 -25.14 -53.84 25.99
CA ASP B 66 -26.08 -52.77 25.69
C ASP B 66 -25.71 -51.52 26.49
N ARG B 67 -24.44 -51.14 26.45
CA ARG B 67 -24.00 -49.93 27.15
C ARG B 67 -24.64 -48.70 26.53
N PRO B 68 -25.34 -47.86 27.30
CA PRO B 68 -25.96 -46.67 26.72
C PRO B 68 -24.93 -45.70 26.16
N LEU B 69 -25.35 -44.94 25.15
CA LEU B 69 -24.46 -44.00 24.49
C LEU B 69 -24.06 -42.87 25.43
N SER B 70 -22.85 -42.35 25.23
CA SER B 70 -22.32 -41.30 26.08
C SER B 70 -22.94 -39.95 25.71
N ASP B 71 -22.77 -38.98 26.60
CA ASP B 71 -23.24 -37.63 26.38
C ASP B 71 -22.12 -36.64 26.09
N LYS B 72 -20.94 -36.85 26.68
CA LYS B 72 -19.78 -36.00 26.45
C LYS B 72 -18.57 -36.88 26.20
N GLY B 73 -17.71 -36.45 25.27
CA GLY B 73 -16.51 -37.20 24.95
C GLY B 73 -15.35 -36.90 25.88
N SER B 74 -15.58 -37.05 27.17
CA SER B 74 -14.55 -36.78 28.17
C SER B 74 -14.50 -37.87 29.23
N GLN B 79 -15.40 -45.18 29.49
CA GLN B 79 -14.88 -44.77 28.19
C GLN B 79 -16.02 -44.30 27.28
N VAL B 80 -15.67 -43.50 26.27
CA VAL B 80 -16.68 -42.97 25.37
C VAL B 80 -17.28 -44.09 24.53
N THR B 81 -18.61 -44.14 24.48
CA THR B 81 -19.33 -45.13 23.70
C THR B 81 -20.17 -44.41 22.65
N GLN B 82 -20.04 -44.85 21.41
CA GLN B 82 -20.75 -44.23 20.29
C GLN B 82 -21.62 -45.21 19.51
N VAL B 83 -21.57 -46.50 19.83
CA VAL B 83 -22.38 -47.51 19.15
C VAL B 83 -23.05 -48.35 20.23
N SER B 84 -24.39 -48.40 20.20
CA SER B 84 -25.15 -49.24 21.11
C SER B 84 -26.21 -49.96 20.29
N PRO B 85 -26.35 -51.29 20.44
CA PRO B 85 -25.60 -52.18 21.33
C PRO B 85 -24.20 -52.50 20.82
N GLN B 86 -23.35 -53.09 21.67
CA GLN B 86 -21.96 -53.33 21.31
C GLN B 86 -21.71 -54.77 20.85
N ARG B 87 -22.41 -55.74 21.45
CA ARG B 87 -22.28 -57.14 21.04
C ARG B 87 -23.64 -57.82 21.11
N ILE B 88 -23.97 -58.55 20.06
CA ILE B 88 -25.25 -59.25 19.93
C ILE B 88 -25.01 -60.69 19.50
N ALA B 89 -25.66 -61.64 20.16
CA ALA B 89 -25.61 -63.04 19.79
C ALA B 89 -26.86 -63.37 18.97
N LEU B 90 -26.69 -63.47 17.66
CA LEU B 90 -27.76 -63.85 16.75
C LEU B 90 -27.80 -65.37 16.62
N ARG B 91 -29.02 -65.92 16.59
CA ARG B 91 -29.21 -67.34 16.39
C ARG B 91 -30.27 -67.53 15.32
N LEU B 92 -29.95 -68.34 14.30
CA LEU B 92 -30.83 -68.50 13.15
C LEU B 92 -31.07 -69.97 12.85
N ARG B 93 -32.19 -70.23 12.20
CA ARG B 93 -32.56 -71.52 11.64
C ARG B 93 -32.48 -71.46 10.12
N PRO B 94 -32.33 -72.60 9.45
CA PRO B 94 -32.07 -72.58 8.01
C PRO B 94 -33.12 -71.82 7.21
N ASP B 95 -32.65 -71.04 6.24
CA ASP B 95 -33.48 -70.23 5.34
C ASP B 95 -34.39 -69.26 6.10
N ASP B 96 -33.89 -68.65 7.16
CA ASP B 96 -34.64 -67.69 7.95
C ASP B 96 -33.85 -66.40 8.11
N SER B 97 -34.57 -65.32 8.40
CA SER B 97 -33.99 -64.00 8.58
C SER B 97 -34.42 -63.42 9.92
N LYS B 98 -33.61 -62.50 10.43
CA LYS B 98 -33.89 -61.86 11.70
C LYS B 98 -33.38 -60.42 11.66
N ASN B 99 -34.13 -59.52 12.26
CA ASN B 99 -33.82 -58.09 12.24
C ASN B 99 -33.43 -57.60 13.63
N PHE B 100 -32.58 -56.57 13.67
CA PHE B 100 -32.15 -55.97 14.93
C PHE B 100 -31.71 -54.54 14.65
N SER B 101 -31.75 -53.72 15.69
CA SER B 101 -31.49 -52.29 15.57
C SER B 101 -30.11 -51.93 16.11
N ILE B 102 -29.54 -50.87 15.54
CA ILE B 102 -28.29 -50.28 16.02
C ILE B 102 -28.47 -48.77 16.04
N GLN B 103 -27.83 -48.11 17.01
CA GLN B 103 -27.94 -46.67 17.19
C GLN B 103 -26.55 -46.05 17.17
N VAL B 104 -26.35 -45.09 16.28
CA VAL B 104 -25.07 -44.38 16.18
C VAL B 104 -25.28 -42.93 16.61
N ARG B 105 -24.25 -42.33 17.20
CA ARG B 105 -24.37 -40.98 17.73
C ARG B 105 -22.98 -40.38 17.89
N GLN B 106 -22.81 -39.16 17.40
CA GLN B 106 -21.52 -38.47 17.42
C GLN B 106 -21.36 -37.70 18.72
N VAL B 107 -20.46 -38.14 19.59
CA VAL B 107 -20.22 -37.46 20.85
C VAL B 107 -18.73 -37.15 21.00
N GLU B 108 -18.04 -36.97 19.88
CA GLU B 108 -16.61 -36.64 19.91
C GLU B 108 -16.38 -35.42 19.04
N ASP B 109 -15.52 -34.52 19.51
CA ASP B 109 -15.22 -33.27 18.80
C ASP B 109 -14.55 -33.55 17.45
N TYR B 110 -14.70 -32.62 16.50
CA TYR B 110 -14.19 -32.76 15.15
C TYR B 110 -12.75 -32.26 15.03
N PRO B 111 -11.92 -32.95 14.25
CA PRO B 111 -10.54 -32.50 14.07
C PRO B 111 -10.46 -31.23 13.23
N VAL B 112 -9.43 -30.43 13.51
CA VAL B 112 -9.17 -29.19 12.78
C VAL B 112 -7.67 -29.07 12.53
N ASP B 113 -7.30 -28.65 11.33
CA ASP B 113 -5.93 -28.28 10.98
C ASP B 113 -5.92 -26.81 10.55
N ILE B 114 -4.96 -26.04 11.07
CA ILE B 114 -4.82 -24.63 10.72
C ILE B 114 -3.36 -24.37 10.33
N TYR B 115 -3.18 -23.77 9.16
CA TYR B 115 -1.85 -23.41 8.67
C TYR B 115 -1.80 -21.92 8.38
N TYR B 116 -0.80 -21.24 8.93
CA TYR B 116 -0.63 -19.81 8.77
C TYR B 116 0.44 -19.50 7.73
N LEU B 117 0.18 -18.46 6.93
CA LEU B 117 1.14 -17.95 5.95
C LEU B 117 1.42 -16.50 6.31
N MET B 118 2.68 -16.20 6.61
CA MET B 118 3.08 -14.91 7.15
C MET B 118 3.94 -14.13 6.17
N ASP B 119 3.62 -12.85 6.01
CA ASP B 119 4.40 -11.94 5.18
C ASP B 119 5.58 -11.42 5.99
N LEU B 120 6.79 -11.65 5.50
CA LEU B 120 8.00 -11.24 6.21
C LEU B 120 8.81 -10.26 5.37
N SER B 121 8.14 -9.30 4.77
CA SER B 121 8.80 -8.23 4.03
C SER B 121 8.98 -7.01 4.93
N TYR B 122 9.66 -5.99 4.39
CA TYR B 122 9.99 -4.81 5.19
C TYR B 122 8.74 -4.02 5.57
N SER B 123 7.73 -3.98 4.70
CA SER B 123 6.51 -3.26 5.03
C SER B 123 5.79 -3.90 6.21
N MET B 124 5.85 -5.24 6.30
CA MET B 124 5.22 -5.96 7.41
C MET B 124 6.25 -6.22 8.51
N LYS B 125 6.92 -5.15 8.93
CA LYS B 125 7.99 -5.25 9.92
C LYS B 125 7.53 -4.93 11.33
N ASP B 126 6.69 -3.91 11.49
CA ASP B 126 6.11 -3.57 12.79
C ASP B 126 4.75 -4.20 13.00
N ASP B 127 4.23 -4.91 12.00
CA ASP B 127 2.98 -5.65 12.10
C ASP B 127 3.20 -7.10 12.51
N LEU B 128 4.45 -7.48 12.81
CA LEU B 128 4.73 -8.85 13.21
C LEU B 128 4.05 -9.21 14.52
N TRP B 129 4.03 -8.26 15.47
CA TRP B 129 3.37 -8.54 16.75
C TRP B 129 1.88 -8.77 16.56
N SER B 130 1.26 -8.07 15.61
CA SER B 130 -0.17 -8.25 15.36
C SER B 130 -0.47 -9.65 14.85
N ILE B 131 0.37 -10.18 13.95
CA ILE B 131 0.14 -11.50 13.38
C ILE B 131 0.68 -12.62 14.24
N GLN B 132 1.49 -12.31 15.26
CA GLN B 132 1.87 -13.30 16.24
C GLN B 132 0.99 -13.28 17.48
N ASN B 133 0.22 -12.20 17.67
CA ASN B 133 -0.83 -12.18 18.67
C ASN B 133 -2.06 -12.94 18.18
N LEU B 134 -2.31 -12.92 16.86
CA LEU B 134 -3.30 -13.78 16.24
C LEU B 134 -2.61 -15.10 15.95
N GLY B 135 -2.85 -16.09 16.79
CA GLY B 135 -2.10 -17.32 16.77
C GLY B 135 -1.88 -17.76 18.21
N THR B 136 -1.86 -16.78 19.11
CA THR B 136 -1.97 -17.03 20.53
C THR B 136 -3.41 -17.03 21.00
N LYS B 137 -4.28 -16.30 20.29
CA LYS B 137 -5.70 -16.25 20.57
C LYS B 137 -6.49 -17.19 19.67
N LEU B 138 -6.04 -17.37 18.42
CA LEU B 138 -6.72 -18.30 17.52
C LEU B 138 -6.44 -19.75 17.90
N ALA B 139 -5.33 -20.02 18.58
CA ALA B 139 -5.01 -21.35 19.05
C ALA B 139 -5.54 -21.62 20.45
N THR B 140 -6.26 -20.65 21.04
CA THR B 140 -6.84 -20.81 22.37
C THR B 140 -8.33 -21.14 22.31
N GLN B 141 -9.09 -20.41 21.49
CA GLN B 141 -10.53 -20.69 21.38
C GLN B 141 -10.80 -22.03 20.72
N MET B 142 -9.97 -22.42 19.75
CA MET B 142 -10.11 -23.75 19.16
C MET B 142 -9.78 -24.85 20.14
N ARG B 143 -8.97 -24.58 21.17
CA ARG B 143 -8.78 -25.57 22.23
C ARG B 143 -10.00 -25.66 23.15
N LYS B 144 -10.88 -24.66 23.12
CA LYS B 144 -12.16 -24.76 23.82
C LYS B 144 -13.24 -25.37 22.95
N LEU B 145 -13.13 -25.26 21.63
CA LEU B 145 -14.10 -25.84 20.72
C LEU B 145 -13.82 -27.32 20.44
N THR B 146 -12.62 -27.63 19.97
CA THR B 146 -12.25 -28.98 19.57
C THR B 146 -11.00 -29.43 20.32
N SER B 147 -10.93 -30.73 20.61
CA SER B 147 -9.80 -31.30 21.32
C SER B 147 -8.76 -31.90 20.39
N ASN B 148 -8.99 -31.87 19.08
CA ASN B 148 -8.07 -32.44 18.10
C ASN B 148 -7.69 -31.33 17.13
N LEU B 149 -6.68 -30.55 17.48
CA LEU B 149 -6.26 -29.38 16.71
C LEU B 149 -4.80 -29.49 16.34
N ARG B 150 -4.49 -29.17 15.08
CA ARG B 150 -3.12 -29.08 14.60
C ARG B 150 -2.87 -27.65 14.11
N ILE B 151 -1.70 -27.10 14.43
CA ILE B 151 -1.36 -25.73 14.01
C ILE B 151 0.06 -25.72 13.44
N GLY B 152 0.23 -25.04 12.31
CA GLY B 152 1.53 -24.91 11.69
C GLY B 152 1.67 -23.58 10.99
N PHE B 153 2.88 -23.28 10.53
CA PHE B 153 3.08 -21.98 9.88
C PHE B 153 4.27 -21.99 8.93
N GLY B 154 4.23 -21.03 8.00
CA GLY B 154 5.29 -20.78 7.05
C GLY B 154 5.29 -19.32 6.65
N ALA B 155 6.30 -18.92 5.89
CA ALA B 155 6.54 -17.52 5.58
C ALA B 155 6.85 -17.32 4.10
N PHE B 156 6.61 -16.09 3.63
CA PHE B 156 6.90 -15.73 2.24
C PHE B 156 7.37 -14.29 2.15
N VAL B 157 8.18 -13.98 1.13
CA VAL B 157 8.48 -12.59 0.79
C VAL B 157 8.12 -12.31 -0.67
N ASP B 158 8.90 -12.87 -1.60
CA ASP B 158 8.74 -12.65 -3.02
C ASP B 158 9.82 -13.42 -3.78
N LYS B 159 9.77 -13.42 -5.11
CA LYS B 159 10.79 -14.10 -5.90
C LYS B 159 12.16 -13.45 -5.68
N PRO B 160 13.20 -14.22 -5.34
CA PRO B 160 14.54 -13.65 -5.11
C PRO B 160 15.30 -13.43 -6.41
N VAL B 161 14.75 -12.60 -7.28
CA VAL B 161 15.33 -12.35 -8.60
C VAL B 161 15.08 -10.89 -8.95
N SER B 162 16.05 -10.29 -9.63
CA SER B 162 15.89 -8.92 -10.09
C SER B 162 14.78 -8.86 -11.14
N PRO B 163 13.99 -7.76 -11.18
CA PRO B 163 14.11 -6.50 -10.45
C PRO B 163 13.40 -6.47 -9.10
N TYR B 164 12.90 -7.59 -8.59
CA TYR B 164 12.27 -7.59 -7.28
C TYR B 164 13.28 -7.51 -6.15
N MET B 165 14.56 -7.70 -6.42
CA MET B 165 15.57 -7.94 -5.40
C MET B 165 16.80 -7.07 -5.64
N TYR B 166 17.32 -6.48 -4.57
CA TYR B 166 18.58 -5.75 -4.65
C TYR B 166 19.73 -6.71 -4.86
N ILE B 167 20.62 -6.40 -5.81
CA ILE B 167 21.73 -7.27 -6.15
C ILE B 167 23.08 -6.58 -6.09
N SER B 168 23.12 -5.28 -5.75
CA SER B 168 24.36 -4.55 -5.63
C SER B 168 24.26 -3.61 -4.42
N PRO B 169 25.34 -3.42 -3.66
CA PRO B 169 26.71 -3.95 -3.79
C PRO B 169 26.77 -5.45 -3.52
N PRO B 170 27.90 -6.15 -3.67
CA PRO B 170 27.92 -7.58 -3.31
C PRO B 170 27.64 -7.83 -1.85
N GLU B 171 27.57 -6.79 -1.03
CA GLU B 171 27.11 -6.91 0.35
C GLU B 171 25.61 -6.74 0.49
N ALA B 172 24.90 -6.40 -0.59
CA ALA B 172 23.46 -6.29 -0.55
C ALA B 172 22.76 -7.63 -0.72
N LEU B 173 23.47 -8.67 -1.18
CA LEU B 173 22.87 -9.99 -1.24
C LEU B 173 22.75 -10.61 0.14
N GLU B 174 23.80 -10.47 0.96
CA GLU B 174 23.77 -11.01 2.31
C GLU B 174 22.72 -10.30 3.17
N ASN B 175 22.43 -9.04 2.87
CA ASN B 175 21.33 -8.32 3.49
C ASN B 175 20.89 -7.20 2.56
N PRO B 176 19.64 -7.20 2.11
CA PRO B 176 19.16 -6.17 1.18
C PRO B 176 19.00 -4.82 1.87
N CYS B 177 19.53 -4.75 3.08
CA CYS B 177 19.09 -3.85 4.13
C CYS B 177 20.20 -2.84 4.44
N TYR B 178 21.10 -2.72 3.47
CA TYR B 178 22.46 -2.24 3.65
C TYR B 178 22.63 -0.75 3.44
N ASP B 179 21.98 -0.18 2.41
CA ASP B 179 22.08 1.26 2.19
C ASP B 179 21.47 2.06 3.33
N MET B 180 20.59 1.45 4.11
CA MET B 180 20.09 2.03 5.35
C MET B 180 21.13 1.80 6.45
N LYS B 181 20.74 2.05 7.70
CA LYS B 181 21.65 1.80 8.82
C LYS B 181 21.57 0.36 9.30
N THR B 182 20.36 -0.18 9.42
CA THR B 182 20.15 -1.46 10.08
C THR B 182 20.50 -2.62 9.15
N THR B 183 20.22 -3.84 9.63
CA THR B 183 20.41 -5.06 8.86
C THR B 183 19.12 -5.88 8.94
N CYS B 184 18.87 -6.68 7.91
CA CYS B 184 17.75 -7.61 7.92
C CYS B 184 18.04 -8.75 6.95
N LEU B 185 17.24 -9.82 7.08
CA LEU B 185 17.58 -11.12 6.52
C LEU B 185 17.63 -11.11 4.98
N PRO B 186 18.35 -12.06 4.39
CA PRO B 186 18.33 -12.20 2.93
C PRO B 186 16.94 -12.50 2.40
N MET B 187 16.82 -12.49 1.08
CA MET B 187 15.56 -12.72 0.42
C MET B 187 15.29 -14.20 0.21
N PHE B 188 14.01 -14.56 0.23
CA PHE B 188 13.56 -15.92 -0.07
C PHE B 188 12.14 -15.85 -0.60
N GLY B 189 11.75 -16.88 -1.34
CA GLY B 189 10.40 -16.96 -1.85
C GLY B 189 9.39 -17.47 -0.85
N TYR B 190 9.52 -18.73 -0.44
CA TYR B 190 8.61 -19.35 0.51
C TYR B 190 9.37 -20.46 1.24
N LYS B 191 9.25 -20.48 2.56
CA LYS B 191 9.87 -21.53 3.36
C LYS B 191 8.87 -22.08 4.36
N HIS B 192 8.87 -23.40 4.49
CA HIS B 192 8.02 -24.08 5.45
C HIS B 192 8.77 -24.19 6.78
N VAL B 193 8.20 -23.61 7.83
CA VAL B 193 8.90 -23.56 9.11
C VAL B 193 8.39 -24.63 10.06
N LEU B 194 7.10 -24.57 10.42
CA LEU B 194 6.54 -25.49 11.40
C LEU B 194 5.44 -26.32 10.77
N THR B 195 5.63 -27.64 10.79
CA THR B 195 4.64 -28.61 10.35
C THR B 195 3.52 -28.73 11.38
N LEU B 196 2.35 -29.15 10.91
CA LEU B 196 1.17 -29.21 11.75
C LEU B 196 1.40 -30.12 12.96
N THR B 197 1.26 -29.55 14.16
CA THR B 197 1.52 -30.27 15.39
C THR B 197 0.48 -29.89 16.43
N ASP B 198 0.38 -30.70 17.47
CA ASP B 198 -0.56 -30.46 18.57
C ASP B 198 0.07 -29.74 19.75
N GLN B 199 1.33 -29.30 19.63
CA GLN B 199 1.99 -28.52 20.66
C GLN B 199 1.82 -27.04 20.37
N VAL B 200 1.28 -26.31 21.33
CA VAL B 200 1.00 -24.88 21.16
C VAL B 200 2.18 -24.03 21.59
N THR B 201 2.84 -24.41 22.68
CA THR B 201 3.99 -23.64 23.16
C THR B 201 5.11 -23.63 22.12
N ARG B 202 5.34 -24.77 21.46
CA ARG B 202 6.33 -24.82 20.39
C ARG B 202 5.95 -23.89 19.25
N PHE B 203 4.66 -23.86 18.89
CA PHE B 203 4.20 -22.97 17.83
C PHE B 203 4.45 -21.52 18.17
N ASN B 204 4.12 -21.11 19.40
CA ASN B 204 4.34 -19.72 19.80
C ASN B 204 5.82 -19.37 19.84
N GLU B 205 6.64 -20.26 20.42
CA GLU B 205 8.07 -20.01 20.50
C GLU B 205 8.69 -19.92 19.11
N GLU B 206 8.25 -20.77 18.19
CA GLU B 206 8.76 -20.72 16.82
C GLU B 206 8.33 -19.44 16.12
N VAL B 207 7.09 -19.00 16.32
CA VAL B 207 6.61 -17.79 15.64
C VAL B 207 7.35 -16.57 16.15
N LYS B 208 7.69 -16.55 17.45
CA LYS B 208 8.34 -15.37 18.01
C LYS B 208 9.73 -15.10 17.44
N LYS B 209 10.34 -16.08 16.77
CA LYS B 209 11.72 -15.95 16.30
C LYS B 209 11.83 -15.51 14.84
N GLN B 210 10.75 -15.03 14.23
CA GLN B 210 10.74 -14.71 12.81
C GLN B 210 10.99 -13.22 12.61
N SER B 211 11.91 -12.89 11.71
CA SER B 211 12.23 -11.52 11.35
C SER B 211 11.99 -11.32 9.85
N VAL B 212 12.10 -10.07 9.42
CA VAL B 212 11.65 -9.67 8.11
C VAL B 212 12.83 -9.56 7.15
N SER B 213 12.52 -9.42 5.86
CA SER B 213 13.48 -9.15 4.80
C SER B 213 13.05 -7.89 4.06
N ARG B 214 13.69 -7.62 2.93
CA ARG B 214 13.44 -6.40 2.18
C ARG B 214 13.51 -6.67 0.68
N ASN B 215 12.54 -6.16 -0.06
CA ASN B 215 12.53 -6.23 -1.51
C ASN B 215 12.17 -4.85 -2.05
N ARG B 216 11.98 -4.76 -3.37
CA ARG B 216 11.90 -3.47 -4.04
C ARG B 216 10.46 -2.94 -4.15
N ASP B 217 9.58 -3.69 -4.81
CA ASP B 217 8.26 -3.18 -5.13
C ASP B 217 7.22 -3.56 -4.07
N ALA B 218 6.02 -3.01 -4.24
CA ALA B 218 4.93 -3.15 -3.28
C ALA B 218 4.17 -4.47 -3.39
N PRO B 219 3.80 -4.96 -4.58
CA PRO B 219 3.17 -6.27 -4.65
C PRO B 219 4.13 -7.38 -4.23
N GLU B 220 3.55 -8.44 -3.66
CA GLU B 220 4.34 -9.51 -3.06
C GLU B 220 3.94 -10.85 -3.65
N GLY B 221 4.87 -11.81 -3.55
CA GLY B 221 4.63 -13.15 -4.05
C GLY B 221 4.07 -14.08 -3.00
N GLY B 222 2.81 -13.87 -2.62
CA GLY B 222 2.18 -14.64 -1.58
C GLY B 222 1.26 -15.73 -2.08
N PHE B 223 1.06 -15.80 -3.39
CA PHE B 223 0.21 -16.84 -3.96
C PHE B 223 0.97 -18.13 -4.22
N ASP B 224 2.27 -18.03 -4.55
CA ASP B 224 3.10 -19.22 -4.60
C ASP B 224 3.12 -19.93 -3.26
N ALA B 225 3.13 -19.15 -2.18
CA ALA B 225 3.04 -19.73 -0.83
C ALA B 225 1.73 -20.48 -0.65
N ILE B 226 0.63 -19.92 -1.16
CA ILE B 226 -0.68 -20.56 -1.01
C ILE B 226 -0.71 -21.89 -1.77
N MET B 227 -0.23 -21.90 -3.01
CA MET B 227 -0.20 -23.16 -3.76
C MET B 227 0.73 -24.18 -3.12
N GLN B 228 1.90 -23.75 -2.66
CA GLN B 228 2.85 -24.70 -2.08
C GLN B 228 2.37 -25.23 -0.73
N ALA B 229 1.58 -24.45 0.00
CA ALA B 229 0.97 -24.95 1.22
C ALA B 229 -0.19 -25.88 0.91
N THR B 230 -0.88 -25.67 -0.22
CA THR B 230 -2.03 -26.49 -0.57
C THR B 230 -1.60 -27.86 -1.08
N VAL B 231 -0.64 -27.91 -2.02
CA VAL B 231 -0.37 -29.15 -2.75
C VAL B 231 0.72 -30.01 -2.11
N CYS B 232 1.47 -29.49 -1.16
CA CYS B 232 2.48 -30.29 -0.44
C CYS B 232 1.82 -30.81 0.83
N ASP B 233 1.34 -32.06 0.79
CA ASP B 233 0.57 -32.61 1.89
C ASP B 233 1.46 -33.29 2.93
N GLU B 234 2.41 -34.10 2.48
CA GLU B 234 3.31 -34.80 3.40
C GLU B 234 4.29 -33.87 4.08
N LYS B 235 4.46 -32.65 3.57
CA LYS B 235 5.38 -31.68 4.16
C LYS B 235 4.67 -30.74 5.14
N ILE B 236 3.53 -30.18 4.74
CA ILE B 236 2.75 -29.35 5.66
C ILE B 236 2.22 -30.21 6.80
N GLY B 237 1.59 -31.34 6.47
CA GLY B 237 1.09 -32.26 7.47
C GLY B 237 -0.42 -32.33 7.55
N TRP B 238 -1.11 -32.09 6.44
CA TRP B 238 -2.56 -32.14 6.42
C TRP B 238 -3.06 -33.53 6.76
N ARG B 239 -4.16 -33.60 7.50
CA ARG B 239 -4.79 -34.85 7.87
C ARG B 239 -5.91 -35.19 6.88
N ASN B 240 -6.13 -36.50 6.71
CA ASN B 240 -7.10 -36.96 5.72
C ASN B 240 -8.53 -36.63 6.13
N ASP B 241 -8.90 -36.93 7.38
CA ASP B 241 -10.24 -36.69 7.89
C ASP B 241 -10.15 -35.56 8.92
N ALA B 242 -10.23 -34.33 8.43
CA ALA B 242 -10.19 -33.14 9.28
C ALA B 242 -10.72 -31.96 8.48
N SER B 243 -10.87 -30.83 9.14
CA SER B 243 -11.25 -29.57 8.50
C SER B 243 -9.99 -28.73 8.32
N HIS B 244 -9.65 -28.42 7.08
CA HIS B 244 -8.42 -27.73 6.75
C HIS B 244 -8.67 -26.23 6.58
N LEU B 245 -7.94 -25.41 7.33
CA LEU B 245 -8.07 -23.96 7.28
C LEU B 245 -6.71 -23.35 7.01
N LEU B 246 -6.65 -22.46 6.03
CA LEU B 246 -5.43 -21.79 5.62
C LEU B 246 -5.62 -20.29 5.81
N VAL B 247 -4.87 -19.72 6.76
CA VAL B 247 -4.91 -18.29 7.04
C VAL B 247 -3.76 -17.63 6.30
N PHE B 248 -4.07 -16.59 5.53
CA PHE B 248 -3.09 -15.90 4.70
C PHE B 248 -3.01 -14.44 5.13
N THR B 249 -1.86 -14.03 5.65
CA THR B 249 -1.70 -12.71 6.25
C THR B 249 -0.91 -11.81 5.32
N THR B 250 -1.42 -10.62 5.05
CA THR B 250 -0.68 -9.65 4.23
C THR B 250 -1.17 -8.24 4.53
N ASP B 251 -0.47 -7.27 3.93
CA ASP B 251 -0.84 -5.86 4.08
C ASP B 251 -0.70 -5.05 2.80
N ALA B 252 -0.38 -5.68 1.67
CA ALA B 252 -0.13 -4.96 0.42
C ALA B 252 -0.83 -5.68 -0.71
N LYS B 253 -0.51 -5.28 -1.95
CA LYS B 253 -1.00 -5.95 -3.13
C LYS B 253 -0.35 -7.32 -3.26
N THR B 254 -0.72 -8.04 -4.33
CA THR B 254 -0.14 -9.34 -4.60
C THR B 254 0.19 -9.43 -6.09
N HIS B 255 1.18 -10.27 -6.40
CA HIS B 255 1.51 -10.59 -7.78
C HIS B 255 0.63 -11.73 -8.27
N ILE B 256 0.20 -11.63 -9.53
CA ILE B 256 -0.70 -12.61 -10.12
C ILE B 256 -0.02 -13.24 -11.33
N ALA B 257 -0.72 -14.13 -12.03
CA ALA B 257 -0.13 -14.79 -13.18
C ALA B 257 0.17 -13.77 -14.28
N LEU B 258 1.18 -14.09 -15.09
CA LEU B 258 1.72 -13.28 -16.18
C LEU B 258 2.49 -12.07 -15.67
N ASP B 259 2.61 -11.88 -14.36
CA ASP B 259 3.38 -10.78 -13.79
C ASP B 259 4.88 -11.06 -13.77
N GLY B 260 5.30 -12.32 -13.92
CA GLY B 260 6.68 -12.70 -13.83
C GLY B 260 7.51 -12.44 -15.07
N ARG B 261 6.88 -12.02 -16.17
CA ARG B 261 7.62 -11.69 -17.38
C ARG B 261 8.57 -10.52 -17.17
N LEU B 262 8.30 -9.66 -16.18
CA LEU B 262 9.20 -8.58 -15.85
C LEU B 262 10.50 -9.07 -15.21
N ALA B 263 10.58 -10.34 -14.82
CA ALA B 263 11.80 -10.93 -14.32
C ALA B 263 12.44 -11.89 -15.33
N GLY B 264 11.79 -12.15 -16.46
CA GLY B 264 12.28 -13.11 -17.42
C GLY B 264 11.66 -14.49 -17.31
N ILE B 265 10.59 -14.65 -16.53
CA ILE B 265 9.98 -15.94 -16.25
C ILE B 265 8.68 -16.03 -17.02
N VAL B 266 8.53 -17.08 -17.83
CA VAL B 266 7.38 -17.20 -18.72
C VAL B 266 6.72 -18.57 -18.57
N GLN B 267 7.36 -19.47 -17.81
CA GLN B 267 6.84 -20.82 -17.66
C GLN B 267 5.64 -20.82 -16.70
N PRO B 268 4.49 -21.34 -17.12
CA PRO B 268 3.30 -21.31 -16.26
C PRO B 268 3.44 -22.22 -15.05
N ASN B 269 2.66 -21.89 -14.01
CA ASN B 269 2.61 -22.70 -12.81
C ASN B 269 1.97 -24.05 -13.12
N ASP B 270 2.61 -25.13 -12.63
CA ASP B 270 2.15 -26.48 -12.89
C ASP B 270 1.37 -27.09 -11.74
N GLY B 271 1.30 -26.43 -10.59
CA GLY B 271 0.49 -26.91 -9.49
C GLY B 271 1.03 -28.13 -8.77
N GLN B 272 2.32 -28.42 -8.91
CA GLN B 272 2.95 -29.54 -8.24
C GLN B 272 3.75 -29.04 -7.05
N CYS B 273 4.28 -29.98 -6.27
CA CYS B 273 4.96 -29.67 -5.03
C CYS B 273 6.47 -29.60 -5.27
N HIS B 274 7.06 -28.45 -4.97
CA HIS B 274 8.48 -28.20 -5.23
C HIS B 274 9.24 -27.81 -3.96
N VAL B 275 8.73 -28.21 -2.79
CA VAL B 275 9.41 -27.97 -1.53
C VAL B 275 10.23 -29.21 -1.19
N GLY B 276 11.54 -29.03 -1.06
CA GLY B 276 12.48 -30.13 -0.93
C GLY B 276 12.86 -30.41 0.52
N SER B 277 14.07 -30.96 0.69
CA SER B 277 14.56 -31.31 2.01
C SER B 277 15.02 -30.10 2.79
N ASP B 278 15.33 -28.99 2.12
CA ASP B 278 15.73 -27.75 2.78
C ASP B 278 14.54 -26.86 3.14
N ASN B 279 13.32 -27.34 2.90
CA ASN B 279 12.09 -26.63 3.25
C ASN B 279 11.99 -25.28 2.54
N HIS B 280 12.43 -25.24 1.29
CA HIS B 280 12.38 -24.04 0.47
C HIS B 280 11.75 -24.36 -0.88
N TYR B 281 10.87 -23.47 -1.34
CA TYR B 281 10.29 -23.57 -2.67
C TYR B 281 11.41 -23.37 -3.70
N SER B 282 11.69 -24.41 -4.48
CA SER B 282 12.87 -24.40 -5.35
C SER B 282 12.58 -23.71 -6.69
N ALA B 283 11.38 -23.88 -7.23
CA ALA B 283 11.04 -23.33 -8.54
C ALA B 283 10.54 -21.89 -8.46
N SER B 284 10.88 -21.17 -7.40
CA SER B 284 10.40 -19.79 -7.25
C SER B 284 10.92 -18.90 -8.37
N THR B 285 12.19 -19.07 -8.73
CA THR B 285 12.83 -18.27 -9.77
C THR B 285 12.73 -18.90 -11.15
N THR B 286 11.95 -19.96 -11.30
CA THR B 286 11.85 -20.68 -12.56
C THR B 286 10.45 -20.64 -13.20
N MET B 287 9.39 -20.63 -12.40
CA MET B 287 8.04 -20.65 -12.94
C MET B 287 7.25 -19.45 -12.44
N ASP B 288 6.22 -19.10 -13.20
CA ASP B 288 5.43 -17.89 -12.99
C ASP B 288 4.49 -18.04 -11.79
N TYR B 289 3.87 -16.93 -11.42
CA TYR B 289 2.90 -16.93 -10.33
C TYR B 289 1.65 -17.72 -10.73
N PRO B 290 0.94 -18.28 -9.76
CA PRO B 290 -0.29 -19.01 -10.09
C PRO B 290 -1.45 -18.07 -10.34
N SER B 291 -2.40 -18.54 -11.14
CA SER B 291 -3.59 -17.77 -11.46
C SER B 291 -4.72 -18.11 -10.49
N LEU B 292 -5.86 -17.44 -10.67
CA LEU B 292 -7.00 -17.61 -9.79
C LEU B 292 -7.72 -18.94 -9.99
N GLY B 293 -7.88 -19.37 -11.24
CA GLY B 293 -8.54 -20.63 -11.54
C GLY B 293 -7.79 -21.85 -11.05
N LEU B 294 -6.47 -21.87 -11.26
CA LEU B 294 -5.66 -22.98 -10.77
C LEU B 294 -5.69 -23.04 -9.24
N MET B 295 -5.61 -21.89 -8.58
CA MET B 295 -5.69 -21.84 -7.13
C MET B 295 -7.03 -22.38 -6.66
N THR B 296 -8.13 -21.96 -7.30
CA THR B 296 -9.44 -22.45 -6.92
C THR B 296 -9.57 -23.95 -7.11
N GLU B 297 -9.08 -24.46 -8.25
CA GLU B 297 -9.17 -25.90 -8.51
C GLU B 297 -8.40 -26.69 -7.46
N LYS B 298 -7.19 -26.25 -7.11
CA LYS B 298 -6.40 -26.98 -6.14
C LYS B 298 -6.98 -26.88 -4.75
N LEU B 299 -7.52 -25.72 -4.38
CA LEU B 299 -8.17 -25.59 -3.08
C LEU B 299 -9.39 -26.50 -2.98
N SER B 300 -10.13 -26.65 -4.09
CA SER B 300 -11.26 -27.57 -4.09
C SER B 300 -10.81 -29.03 -4.01
N GLN B 301 -9.76 -29.38 -4.74
CA GLN B 301 -9.27 -30.77 -4.70
C GLN B 301 -8.79 -31.16 -3.31
N LYS B 302 -8.05 -30.26 -2.65
CA LYS B 302 -7.47 -30.59 -1.36
C LYS B 302 -8.37 -30.27 -0.18
N ASN B 303 -9.54 -29.67 -0.42
CA ASN B 303 -10.54 -29.37 0.61
C ASN B 303 -9.98 -28.41 1.65
N ILE B 304 -9.42 -27.31 1.16
CA ILE B 304 -8.81 -26.29 2.01
C ILE B 304 -9.73 -25.07 2.01
N ASN B 305 -9.93 -24.49 3.19
CA ASN B 305 -10.77 -23.32 3.37
C ASN B 305 -9.88 -22.11 3.63
N LEU B 306 -10.01 -21.08 2.79
CA LEU B 306 -9.04 -19.98 2.75
C LEU B 306 -9.60 -18.73 3.41
N ILE B 307 -8.78 -18.13 4.28
CA ILE B 307 -9.14 -16.91 5.02
C ILE B 307 -8.07 -15.87 4.74
N PHE B 308 -8.51 -14.65 4.42
CA PHE B 308 -7.61 -13.52 4.14
C PHE B 308 -7.57 -12.62 5.36
N ALA B 309 -6.41 -12.57 6.02
CA ALA B 309 -6.14 -11.66 7.13
C ALA B 309 -5.32 -10.51 6.57
N VAL B 310 -5.98 -9.38 6.33
CA VAL B 310 -5.37 -8.23 5.68
C VAL B 310 -5.66 -6.99 6.50
N THR B 311 -4.85 -5.96 6.26
CA THR B 311 -5.01 -4.69 6.95
C THR B 311 -6.11 -3.86 6.31
N GLU B 312 -6.52 -2.79 7.01
CA GLU B 312 -7.67 -2.01 6.57
C GLU B 312 -7.42 -1.27 5.26
N ASN B 313 -6.15 -0.95 4.96
CA ASN B 313 -5.85 -0.23 3.74
C ASN B 313 -6.03 -1.07 2.49
N VAL B 314 -6.20 -2.38 2.63
CA VAL B 314 -6.28 -3.28 1.48
C VAL B 314 -7.46 -4.26 1.60
N VAL B 315 -8.42 -3.99 2.49
CA VAL B 315 -9.52 -4.91 2.71
C VAL B 315 -10.40 -5.04 1.46
N ASN B 316 -10.68 -3.92 0.80
CA ASN B 316 -11.62 -3.94 -0.33
C ASN B 316 -11.07 -4.71 -1.51
N LEU B 317 -9.75 -4.66 -1.72
CA LEU B 317 -9.14 -5.41 -2.82
C LEU B 317 -9.35 -6.91 -2.65
N TYR B 318 -9.00 -7.43 -1.47
CA TYR B 318 -9.15 -8.85 -1.22
C TYR B 318 -10.60 -9.24 -0.99
N GLN B 319 -11.48 -8.27 -0.70
CA GLN B 319 -12.91 -8.52 -0.74
C GLN B 319 -13.41 -8.69 -2.17
N ASN B 320 -12.87 -7.93 -3.11
CA ASN B 320 -13.17 -8.12 -4.52
C ASN B 320 -12.56 -9.40 -5.09
N TYR B 321 -11.45 -9.87 -4.51
CA TYR B 321 -10.88 -11.15 -4.93
C TYR B 321 -11.67 -12.35 -4.44
N SER B 322 -12.47 -12.20 -3.37
CA SER B 322 -13.21 -13.33 -2.82
C SER B 322 -14.40 -13.71 -3.69
N GLU B 323 -14.99 -12.74 -4.40
CA GLU B 323 -16.04 -13.08 -5.36
C GLU B 323 -15.51 -13.93 -6.50
N LEU B 324 -14.23 -13.81 -6.81
CA LEU B 324 -13.61 -14.58 -7.88
C LEU B 324 -12.97 -15.87 -7.40
N ILE B 325 -12.99 -16.14 -6.09
CA ILE B 325 -12.57 -17.42 -5.54
C ILE B 325 -13.64 -17.87 -4.54
N PRO B 326 -14.69 -18.55 -4.97
CA PRO B 326 -15.78 -18.92 -4.06
C PRO B 326 -15.28 -19.83 -2.94
N GLY B 327 -15.88 -19.67 -1.76
CA GLY B 327 -15.47 -20.41 -0.59
C GLY B 327 -14.39 -19.77 0.25
N THR B 328 -13.95 -18.56 -0.11
CA THR B 328 -12.94 -17.83 0.64
C THR B 328 -13.60 -16.73 1.45
N THR B 329 -12.96 -16.37 2.57
CA THR B 329 -13.48 -15.34 3.46
CA THR B 329 -13.48 -15.34 3.46
C THR B 329 -12.42 -14.29 3.70
N VAL B 330 -12.86 -13.10 4.13
CA VAL B 330 -11.99 -11.97 4.39
C VAL B 330 -12.28 -11.43 5.79
N GLY B 331 -11.23 -11.31 6.61
CA GLY B 331 -11.30 -10.57 7.85
C GLY B 331 -10.33 -9.39 7.82
N VAL B 332 -10.21 -8.74 8.98
CA VAL B 332 -9.31 -7.62 9.15
C VAL B 332 -8.24 -7.98 10.16
N LEU B 333 -7.01 -7.54 9.89
CA LEU B 333 -5.87 -7.77 10.78
C LEU B 333 -5.61 -6.48 11.55
N SER B 334 -6.21 -6.38 12.72
CA SER B 334 -6.11 -5.20 13.57
C SER B 334 -4.93 -5.35 14.53
N MET B 335 -4.89 -4.48 15.54
CA MET B 335 -3.83 -4.52 16.54
C MET B 335 -4.17 -5.34 17.77
N ASP B 336 -5.42 -5.28 18.24
CA ASP B 336 -5.73 -5.85 19.55
C ASP B 336 -5.79 -7.37 19.52
N SER B 337 -6.79 -7.92 18.84
CA SER B 337 -6.91 -9.36 18.71
C SER B 337 -7.44 -9.81 17.35
N SER B 338 -7.66 -8.88 16.42
CA SER B 338 -8.30 -9.18 15.14
C SER B 338 -9.62 -9.93 15.38
N ASN B 339 -10.52 -9.27 16.10
CA ASN B 339 -11.75 -9.91 16.56
C ASN B 339 -12.63 -10.36 15.40
N VAL B 340 -12.57 -9.67 14.27
CA VAL B 340 -13.33 -10.10 13.10
C VAL B 340 -12.87 -11.48 12.64
N LEU B 341 -11.55 -11.69 12.60
CA LEU B 341 -11.02 -12.98 12.20
C LEU B 341 -11.45 -14.08 13.16
N GLN B 342 -11.37 -13.81 14.46
CA GLN B 342 -11.75 -14.81 15.45
C GLN B 342 -13.23 -15.14 15.37
N LEU B 343 -14.07 -14.13 15.18
CA LEU B 343 -15.50 -14.37 15.04
C LEU B 343 -15.80 -15.18 13.79
N ILE B 344 -15.12 -14.88 12.68
CA ILE B 344 -15.32 -15.65 11.46
C ILE B 344 -14.92 -17.12 11.66
N VAL B 345 -13.79 -17.33 12.32
CA VAL B 345 -13.31 -18.70 12.53
C VAL B 345 -14.28 -19.47 13.43
N ASP B 346 -14.77 -18.83 14.50
CA ASP B 346 -15.73 -19.50 15.36
C ASP B 346 -17.06 -19.73 14.65
N ALA B 347 -17.41 -18.85 13.71
CA ALA B 347 -18.60 -19.07 12.89
C ALA B 347 -18.44 -20.30 12.01
N TYR B 348 -17.25 -20.48 11.42
CA TYR B 348 -16.98 -21.73 10.70
C TYR B 348 -16.97 -22.92 11.64
N GLY B 349 -16.81 -22.67 12.94
CA GLY B 349 -16.71 -23.73 13.93
C GLY B 349 -17.88 -24.70 13.96
N LYS B 350 -18.94 -24.39 13.22
CA LYS B 350 -20.02 -25.35 12.98
C LYS B 350 -19.57 -26.25 11.83
N ILE B 351 -19.16 -27.46 12.19
CA ILE B 351 -18.74 -28.48 11.23
C ILE B 351 -19.50 -29.74 11.56
N ARG B 352 -20.52 -30.04 10.78
CA ARG B 352 -21.36 -31.22 11.00
C ARG B 352 -21.08 -32.26 9.93
N SER B 353 -20.92 -33.50 10.38
CA SER B 353 -20.41 -34.60 9.57
C SER B 353 -21.49 -35.64 9.32
N LYS B 354 -21.10 -36.70 8.62
CA LYS B 354 -22.02 -37.76 8.20
C LYS B 354 -21.76 -39.01 9.00
N VAL B 355 -22.69 -39.97 8.92
CA VAL B 355 -22.55 -41.28 9.54
C VAL B 355 -22.82 -42.32 8.46
N GLU B 356 -21.84 -43.18 8.20
CA GLU B 356 -21.95 -44.24 7.22
C GLU B 356 -21.52 -45.57 7.83
N LEU B 357 -22.24 -46.63 7.49
CA LEU B 357 -21.99 -47.95 8.05
C LEU B 357 -21.26 -48.83 7.04
N GLU B 358 -20.40 -49.71 7.55
CA GLU B 358 -19.72 -50.71 6.73
C GLU B 358 -19.76 -52.05 7.44
N VAL B 359 -19.66 -53.11 6.65
CA VAL B 359 -19.69 -54.49 7.15
C VAL B 359 -18.29 -55.07 7.06
N ARG B 360 -17.89 -55.79 8.10
CA ARG B 360 -16.56 -56.38 8.18
C ARG B 360 -16.66 -57.85 8.51
N ASP B 361 -15.92 -58.67 7.77
CA ASP B 361 -15.85 -60.12 7.97
C ASP B 361 -17.24 -60.76 7.87
N LEU B 362 -17.99 -60.38 6.84
CA LEU B 362 -19.29 -60.98 6.61
C LEU B 362 -19.13 -62.35 5.94
N PRO B 363 -19.67 -63.42 6.52
CA PRO B 363 -19.62 -64.72 5.84
C PRO B 363 -20.39 -64.71 4.54
N GLU B 364 -19.98 -65.58 3.62
CA GLU B 364 -20.63 -65.64 2.31
C GLU B 364 -22.09 -66.07 2.43
N GLU B 365 -22.38 -66.99 3.36
CA GLU B 365 -23.74 -67.51 3.50
C GLU B 365 -24.73 -66.45 3.95
N LEU B 366 -24.28 -65.40 4.62
CA LEU B 366 -25.18 -64.40 5.19
C LEU B 366 -25.36 -63.23 4.23
N SER B 367 -26.56 -62.64 4.27
CA SER B 367 -26.88 -61.45 3.49
C SER B 367 -27.52 -60.43 4.42
N LEU B 368 -27.24 -59.15 4.18
CA LEU B 368 -27.68 -58.08 5.05
C LEU B 368 -28.51 -57.06 4.27
N SER B 369 -29.52 -56.51 4.94
CA SER B 369 -30.34 -55.42 4.41
C SER B 369 -30.44 -54.33 5.46
N PHE B 370 -30.42 -53.08 5.01
CA PHE B 370 -30.38 -51.93 5.91
C PHE B 370 -31.54 -50.98 5.65
N ASN B 371 -32.14 -50.49 6.74
CA ASN B 371 -33.12 -49.42 6.68
C ASN B 371 -32.66 -48.29 7.60
N ALA B 372 -32.53 -47.10 7.05
CA ALA B 372 -31.96 -45.97 7.77
C ALA B 372 -33.06 -45.15 8.43
N THR B 373 -32.69 -44.50 9.53
CA THR B 373 -33.56 -43.57 10.24
C THR B 373 -32.69 -42.39 10.66
N CYS B 374 -32.78 -41.31 9.89
CA CYS B 374 -31.99 -40.10 10.10
C CYS B 374 -32.80 -39.15 11.01
N LEU B 375 -32.48 -37.86 11.08
CA LEU B 375 -33.23 -36.92 11.89
C LEU B 375 -34.73 -37.04 11.63
N ASN B 376 -35.51 -36.68 12.64
CA ASN B 376 -36.96 -36.93 12.69
C ASN B 376 -37.16 -38.45 12.66
N ASN B 377 -38.30 -38.90 12.16
CA ASN B 377 -38.61 -40.33 12.06
C ASN B 377 -38.78 -40.77 10.61
N GLU B 378 -38.13 -40.07 9.69
CA GLU B 378 -38.26 -40.37 8.26
C GLU B 378 -37.47 -41.62 7.93
N VAL B 379 -38.14 -42.77 7.92
CA VAL B 379 -37.48 -44.04 7.65
C VAL B 379 -37.25 -44.18 6.15
N ILE B 380 -36.02 -44.53 5.79
CA ILE B 380 -35.62 -44.72 4.39
C ILE B 380 -35.21 -46.16 4.21
N PRO B 381 -36.02 -46.97 3.52
CA PRO B 381 -35.61 -48.34 3.22
C PRO B 381 -34.42 -48.38 2.28
N GLY B 382 -33.61 -49.42 2.41
CA GLY B 382 -32.46 -49.60 1.54
C GLY B 382 -31.38 -48.55 1.70
N LEU B 383 -31.16 -48.06 2.91
CA LEU B 383 -30.13 -47.05 3.16
C LEU B 383 -29.43 -47.38 4.47
N LYS B 384 -28.11 -47.17 4.49
CA LYS B 384 -27.27 -47.47 5.64
C LYS B 384 -26.38 -46.28 5.99
N SER B 385 -26.82 -45.08 5.63
CA SER B 385 -26.03 -43.89 5.89
C SER B 385 -26.95 -42.70 6.04
N CYS B 386 -26.55 -41.75 6.88
CA CYS B 386 -27.30 -40.51 7.10
C CYS B 386 -26.36 -39.31 7.00
N MET B 387 -26.85 -38.24 6.38
CA MET B 387 -26.10 -37.00 6.24
C MET B 387 -26.75 -35.92 7.09
N GLY B 388 -26.09 -34.77 7.17
CA GLY B 388 -26.66 -33.61 7.80
C GLY B 388 -26.79 -33.68 9.31
N LEU B 389 -26.05 -34.58 9.96
CA LEU B 389 -26.14 -34.75 11.39
C LEU B 389 -25.21 -33.78 12.12
N LYS B 390 -25.74 -33.19 13.19
CA LYS B 390 -25.00 -32.25 14.01
C LYS B 390 -24.26 -33.01 15.10
N ILE B 391 -23.17 -32.42 15.59
CA ILE B 391 -22.37 -33.06 16.62
C ILE B 391 -23.23 -33.21 17.87
N GLY B 392 -23.59 -34.44 18.21
CA GLY B 392 -24.52 -34.74 19.28
C GLY B 392 -25.78 -35.46 18.80
N ASP B 393 -26.05 -35.40 17.50
CA ASP B 393 -27.25 -36.03 16.96
C ASP B 393 -27.11 -37.55 16.94
N THR B 394 -28.26 -38.23 16.92
CA THR B 394 -28.30 -39.69 16.93
C THR B 394 -29.20 -40.20 15.81
N VAL B 395 -28.79 -41.30 15.19
CA VAL B 395 -29.55 -41.95 14.12
C VAL B 395 -29.62 -43.45 14.41
N SER B 396 -30.56 -44.12 13.75
CA SER B 396 -30.79 -45.53 14.02
C SER B 396 -30.95 -46.31 12.72
N PHE B 397 -30.28 -47.46 12.66
CA PHE B 397 -30.34 -48.33 11.48
C PHE B 397 -30.90 -49.69 11.88
N SER B 398 -31.88 -50.16 11.11
CA SER B 398 -32.43 -51.50 11.30
C SER B 398 -31.79 -52.43 10.27
N ILE B 399 -31.08 -53.45 10.75
CA ILE B 399 -30.35 -54.38 9.90
C ILE B 399 -31.01 -55.74 10.00
N GLU B 400 -31.32 -56.33 8.85
CA GLU B 400 -31.89 -57.66 8.77
C GLU B 400 -30.86 -58.60 8.15
N ALA B 401 -30.61 -59.71 8.82
CA ALA B 401 -29.64 -60.72 8.39
C ALA B 401 -30.38 -61.98 8.00
N LYS B 402 -30.11 -62.48 6.80
CA LYS B 402 -30.72 -63.70 6.30
C LYS B 402 -29.64 -64.72 5.93
N VAL B 403 -29.87 -65.96 6.32
CA VAL B 403 -28.94 -67.05 6.06
C VAL B 403 -29.50 -67.92 4.95
N ARG B 404 -28.61 -68.41 4.09
CA ARG B 404 -28.96 -69.28 2.98
C ARG B 404 -28.62 -70.71 3.35
N GLY B 405 -29.65 -71.56 3.44
CA GLY B 405 -29.42 -72.95 3.83
C GLY B 405 -28.92 -73.04 5.26
N CYS B 406 -28.03 -74.00 5.50
CA CYS B 406 -27.45 -74.19 6.82
C CYS B 406 -25.95 -74.49 6.68
N PRO B 407 -25.08 -73.55 7.01
CA PRO B 407 -23.64 -73.78 6.84
C PRO B 407 -23.14 -74.88 7.76
N GLN B 408 -22.09 -75.56 7.29
CA GLN B 408 -21.47 -76.61 8.08
C GLN B 408 -20.86 -76.04 9.37
N GLU B 409 -20.22 -74.88 9.26
CA GLU B 409 -19.65 -74.24 10.44
C GLU B 409 -20.76 -73.77 11.36
N LYS B 410 -20.67 -74.17 12.64
CA LYS B 410 -21.75 -73.89 13.57
C LYS B 410 -21.75 -72.43 14.04
N GLU B 411 -20.57 -71.83 14.22
CA GLU B 411 -20.47 -70.49 14.77
C GLU B 411 -19.67 -69.60 13.83
N LYS B 412 -20.16 -68.38 13.62
CA LYS B 412 -19.47 -67.38 12.82
C LYS B 412 -19.64 -66.03 13.49
N SER B 413 -19.01 -65.00 12.93
CA SER B 413 -19.12 -63.66 13.50
C SER B 413 -18.82 -62.63 12.43
N PHE B 414 -19.42 -61.44 12.60
CA PHE B 414 -19.12 -60.31 11.72
C PHE B 414 -19.27 -59.03 12.53
N THR B 415 -18.95 -57.90 11.88
CA THR B 415 -18.91 -56.61 12.56
C THR B 415 -19.62 -55.56 11.72
N ILE B 416 -20.42 -54.72 12.39
CA ILE B 416 -21.00 -53.54 11.77
C ILE B 416 -20.34 -52.32 12.37
N LYS B 417 -19.77 -51.46 11.53
CA LYS B 417 -18.91 -50.40 12.03
C LYS B 417 -19.17 -49.08 11.31
N PRO B 418 -19.42 -48.00 12.06
CA PRO B 418 -19.45 -46.68 11.44
C PRO B 418 -18.10 -46.33 10.84
N VAL B 419 -18.13 -45.65 9.69
CA VAL B 419 -16.90 -45.30 9.01
C VAL B 419 -16.16 -44.21 9.78
N GLY B 420 -14.90 -44.46 10.10
CA GLY B 420 -14.08 -43.48 10.78
C GLY B 420 -14.17 -43.48 12.29
N PHE B 421 -14.79 -44.49 12.90
CA PHE B 421 -14.93 -44.54 14.35
C PHE B 421 -14.48 -45.90 14.86
N LYS B 422 -13.86 -45.90 16.05
CA LYS B 422 -13.39 -47.14 16.64
C LYS B 422 -14.54 -48.04 17.07
N ASP B 423 -15.63 -47.44 17.57
CA ASP B 423 -16.74 -48.22 18.09
C ASP B 423 -17.38 -49.05 16.98
N SER B 424 -17.83 -50.25 17.35
CA SER B 424 -18.42 -51.18 16.40
C SER B 424 -19.31 -52.16 17.15
N LEU B 425 -20.16 -52.85 16.40
CA LEU B 425 -21.09 -53.85 16.93
C LEU B 425 -20.68 -55.21 16.40
N ILE B 426 -20.41 -56.15 17.29
CA ILE B 426 -20.00 -57.49 16.90
C ILE B 426 -21.19 -58.43 17.03
N VAL B 427 -21.53 -59.09 15.92
CA VAL B 427 -22.65 -60.03 15.88
C VAL B 427 -22.08 -61.43 15.75
N GLN B 428 -22.39 -62.28 16.73
CA GLN B 428 -21.98 -63.68 16.71
C GLN B 428 -23.16 -64.53 16.27
N VAL B 429 -23.05 -65.16 15.11
CA VAL B 429 -24.14 -65.90 14.50
C VAL B 429 -23.97 -67.39 14.78
N THR B 430 -25.03 -68.00 15.30
CA THR B 430 -25.09 -69.43 15.57
C THR B 430 -26.25 -70.04 14.80
N PHE B 431 -25.97 -71.11 14.06
CA PHE B 431 -26.95 -71.76 13.20
C PHE B 431 -27.55 -72.94 13.96
N ASP B 432 -28.87 -72.94 14.09
CA ASP B 432 -29.57 -74.02 14.77
C ASP B 432 -30.39 -74.86 13.80
N ARG C 1 11.17 22.13 -0.69
CA ARG C 1 10.62 20.82 -1.04
C ARG C 1 9.10 20.81 -0.92
N CYS C 2 8.60 20.11 0.10
CA CYS C 2 7.17 20.03 0.34
C CYS C 2 6.71 21.23 1.16
N SER C 3 5.69 21.91 0.68
CA SER C 3 5.13 23.08 1.34
C SER C 3 3.64 22.88 1.58
N CYS C 4 3.18 23.31 2.75
CA CYS C 4 1.76 23.25 3.13
C CYS C 4 1.37 24.65 3.59
N ARG C 5 0.73 25.41 2.70
CA ARG C 5 0.40 26.80 2.96
C ARG C 5 -1.09 26.92 3.30
N LYS C 6 -1.39 27.56 4.42
CA LYS C 6 -2.74 27.65 4.94
C LYS C 6 -3.25 29.08 4.86
N SER C 7 -4.57 29.22 5.04
CA SER C 7 -5.24 30.51 4.93
C SER C 7 -4.98 31.35 6.18
N GLY C 8 -5.45 32.60 6.14
CA GLY C 8 -5.18 33.55 7.21
C GLY C 8 -6.14 33.45 8.36
N PRO C 9 -5.94 34.29 9.38
CA PRO C 9 -6.81 34.25 10.56
C PRO C 9 -8.25 34.60 10.21
N GLU C 10 -9.17 33.98 10.94
CA GLU C 10 -10.60 34.18 10.74
C GLU C 10 -11.25 34.60 12.05
N VAL C 11 -12.12 35.61 11.98
CA VAL C 11 -12.92 36.07 13.11
C VAL C 11 -14.39 35.90 12.73
N VAL C 12 -15.08 34.98 13.42
CA VAL C 12 -16.45 34.63 13.09
C VAL C 12 -17.32 34.84 14.32
N LYS C 13 -18.62 34.87 14.10
CA LYS C 13 -19.68 35.07 15.08
C LYS C 13 -20.00 33.75 15.76
N PRO C 14 -20.53 33.82 16.98
CA PRO C 14 -20.88 32.59 17.71
C PRO C 14 -22.15 31.95 17.18
N GLY C 15 -22.01 31.13 16.14
CA GLY C 15 -23.15 30.48 15.54
C GLY C 15 -23.04 30.38 14.03
N ALA C 16 -22.06 31.07 13.47
CA ALA C 16 -21.83 31.07 12.04
C ALA C 16 -20.96 29.88 11.66
N SER C 17 -20.46 29.87 10.42
CA SER C 17 -19.60 28.80 9.94
C SER C 17 -18.39 29.40 9.23
N VAL C 18 -17.28 28.66 9.26
CA VAL C 18 -16.04 29.10 8.66
C VAL C 18 -15.49 27.97 7.79
N LYS C 19 -14.63 28.34 6.84
CA LYS C 19 -14.04 27.40 5.90
C LYS C 19 -12.59 27.77 5.69
N ILE C 20 -11.68 26.89 6.14
CA ILE C 20 -10.25 27.16 6.06
C ILE C 20 -9.61 26.14 5.13
N SER C 21 -8.49 26.54 4.53
CA SER C 21 -7.84 25.76 3.49
C SER C 21 -6.39 25.49 3.84
N CYS C 22 -5.78 24.58 3.08
CA CYS C 22 -4.37 24.23 3.22
C CYS C 22 -3.87 23.80 1.84
N LYS C 23 -3.31 24.76 1.11
CA LYS C 23 -2.81 24.47 -0.23
C LYS C 23 -1.49 23.72 -0.14
N ALA C 24 -1.38 22.63 -0.90
CA ALA C 24 -0.22 21.75 -0.85
C ALA C 24 0.54 21.80 -2.16
N SER C 25 1.87 21.78 -2.07
CA SER C 25 2.72 21.77 -3.25
C SER C 25 4.01 21.03 -2.92
N GLY C 26 4.68 20.55 -3.96
CA GLY C 26 5.93 19.83 -3.80
C GLY C 26 5.82 18.33 -3.79
N TYR C 27 4.63 17.77 -3.94
CA TYR C 27 4.45 16.33 -3.94
C TYR C 27 3.16 15.98 -4.70
N SER C 28 2.84 14.69 -4.74
CA SER C 28 1.77 14.19 -5.60
C SER C 28 0.41 14.70 -5.17
N PHE C 29 0.15 14.75 -3.86
CA PHE C 29 -1.08 15.21 -3.23
C PHE C 29 -2.23 14.21 -3.37
N THR C 30 -2.08 13.20 -4.22
CA THR C 30 -3.13 12.21 -4.38
C THR C 30 -2.78 10.87 -3.76
N ALA C 31 -1.51 10.65 -3.43
CA ALA C 31 -1.05 9.44 -2.76
C ALA C 31 -0.81 9.65 -1.28
N TYR C 32 -1.32 10.76 -0.71
CA TYR C 32 -1.08 11.10 0.68
C TYR C 32 -2.38 11.51 1.35
N PHE C 33 -2.59 11.05 2.57
CA PHE C 33 -3.73 11.47 3.36
C PHE C 33 -3.56 12.92 3.78
N MET C 34 -4.67 13.57 4.13
CA MET C 34 -4.66 14.97 4.56
C MET C 34 -5.33 15.03 5.93
N ASN C 35 -4.51 15.18 6.98
CA ASN C 35 -4.99 15.17 8.36
C ASN C 35 -5.10 16.59 8.89
N TRP C 36 -6.11 16.81 9.72
CA TRP C 36 -6.34 18.09 10.37
C TRP C 36 -6.25 17.91 11.89
N VAL C 37 -5.55 18.84 12.54
CA VAL C 37 -5.27 18.76 13.97
C VAL C 37 -5.63 20.09 14.61
N LYS C 38 -6.25 20.04 15.78
CA LYS C 38 -6.64 21.24 16.52
C LYS C 38 -5.80 21.35 17.78
N GLN C 39 -5.10 22.48 17.92
CA GLN C 39 -4.35 22.79 19.14
C GLN C 39 -5.04 23.95 19.84
N SER C 40 -5.52 23.72 21.05
CA SER C 40 -6.27 24.73 21.79
C SER C 40 -5.29 25.74 22.39
N HIS C 41 -5.81 26.64 23.23
CA HIS C 41 -4.94 27.64 23.85
C HIS C 41 -3.93 27.00 24.78
N GLY C 42 -4.35 26.00 25.57
CA GLY C 42 -3.46 25.31 26.47
C GLY C 42 -2.84 24.06 25.86
N LYS C 43 -2.18 24.20 24.71
CA LYS C 43 -1.48 23.11 24.03
C LYS C 43 -2.50 22.00 23.76
N SER C 44 -2.18 20.73 24.05
CA SER C 44 -3.13 19.62 23.92
C SER C 44 -3.65 19.47 22.49
N LEU C 45 -2.74 19.07 21.61
CA LEU C 45 -3.10 18.77 20.24
C LEU C 45 -4.14 17.66 20.19
N GLU C 46 -5.11 17.79 19.27
CA GLU C 46 -6.14 16.80 19.05
C GLU C 46 -6.25 16.48 17.57
N TRP C 47 -6.55 15.22 17.27
CA TRP C 47 -6.73 14.76 15.89
C TRP C 47 -8.21 14.93 15.53
N ILE C 48 -8.47 15.67 14.45
CA ILE C 48 -9.85 15.92 14.04
C ILE C 48 -10.33 14.84 13.07
N GLY C 49 -9.50 14.53 12.08
CA GLY C 49 -9.87 13.54 11.09
C GLY C 49 -8.96 13.63 9.89
N ARG C 50 -9.24 12.77 8.92
CA ARG C 50 -8.46 12.71 7.70
C ARG C 50 -9.38 12.56 6.51
N VAL C 51 -8.87 12.94 5.33
CA VAL C 51 -9.60 12.82 4.08
C VAL C 51 -8.69 12.20 3.03
N ASN C 52 -9.27 11.39 2.17
CA ASN C 52 -8.54 10.74 1.09
C ASN C 52 -8.68 11.59 -0.16
N PRO C 53 -7.60 12.20 -0.67
CA PRO C 53 -7.74 13.02 -1.88
C PRO C 53 -8.15 12.23 -3.11
N TYR C 54 -7.73 10.97 -3.22
CA TYR C 54 -8.04 10.18 -4.41
C TYR C 54 -9.53 9.94 -4.54
N ASN C 55 -10.16 9.44 -3.48
CA ASN C 55 -11.62 9.36 -3.37
C ASN C 55 -12.02 10.02 -2.05
N GLY C 56 -13.01 10.90 -2.10
CA GLY C 56 -13.28 11.73 -0.94
C GLY C 56 -13.85 10.99 0.25
N ASP C 57 -13.15 9.97 0.74
CA ASP C 57 -13.56 9.23 1.92
C ASP C 57 -12.95 9.87 3.17
N THR C 58 -13.79 10.18 4.14
CA THR C 58 -13.38 10.88 5.35
C THR C 58 -13.51 9.95 6.55
N LEU C 59 -12.46 9.90 7.36
CA LEU C 59 -12.46 9.20 8.63
C LEU C 59 -12.36 10.24 9.74
N TYR C 60 -13.28 10.20 10.69
CA TYR C 60 -13.41 11.24 11.69
C TYR C 60 -13.10 10.72 13.10
N ASN C 61 -12.60 11.62 13.94
CA ASN C 61 -12.61 11.36 15.37
C ASN C 61 -14.04 11.51 15.87
N GLN C 62 -14.40 10.66 16.85
CA GLN C 62 -15.79 10.63 17.32
C GLN C 62 -16.21 11.98 17.89
N ARG C 63 -15.30 12.67 18.56
CA ARG C 63 -15.64 13.95 19.18
C ARG C 63 -15.99 15.02 18.16
N PHE C 64 -15.30 15.02 17.00
CA PHE C 64 -15.51 16.04 15.97
C PHE C 64 -16.32 15.51 14.79
N LYS C 65 -17.17 14.51 15.00
CA LYS C 65 -17.89 13.91 13.87
C LYS C 65 -18.90 14.88 13.28
N GLY C 66 -19.73 15.50 14.12
CA GLY C 66 -20.74 16.42 13.68
C GLY C 66 -20.34 17.88 13.67
N LYS C 67 -19.05 18.18 13.79
CA LYS C 67 -18.58 19.55 13.90
C LYS C 67 -17.78 20.03 12.69
N ALA C 68 -17.04 19.13 12.04
CA ALA C 68 -16.20 19.50 10.91
C ALA C 68 -16.46 18.57 9.73
N THR C 69 -16.59 19.16 8.55
CA THR C 69 -16.67 18.40 7.30
C THR C 69 -15.40 18.63 6.50
N LEU C 70 -14.71 17.54 6.17
CA LEU C 70 -13.43 17.60 5.48
C LEU C 70 -13.65 17.31 4.01
N THR C 71 -13.32 18.27 3.15
CA THR C 71 -13.44 18.13 1.72
C THR C 71 -12.08 18.35 1.07
N VAL C 72 -12.04 18.18 -0.25
CA VAL C 72 -10.80 18.30 -1.01
C VAL C 72 -11.11 18.92 -2.37
N ASP C 73 -10.07 19.42 -3.02
CA ASP C 73 -10.19 20.01 -4.36
C ASP C 73 -8.92 19.64 -5.12
N ASN C 74 -8.99 18.56 -5.91
CA ASN C 74 -7.81 18.08 -6.62
C ASN C 74 -7.36 19.03 -7.72
N SER C 75 -8.25 19.88 -8.23
CA SER C 75 -7.89 20.79 -9.31
C SER C 75 -6.80 21.76 -8.87
N SER C 76 -6.95 22.34 -7.69
CA SER C 76 -5.99 23.32 -7.16
C SER C 76 -5.10 22.74 -6.08
N ARG C 77 -5.17 21.42 -5.85
CA ARG C 77 -4.36 20.74 -4.83
C ARG C 77 -4.54 21.39 -3.46
N THR C 78 -5.80 21.69 -3.11
CA THR C 78 -6.13 22.37 -1.87
C THR C 78 -7.11 21.52 -1.07
N ALA C 79 -6.83 21.33 0.21
CA ALA C 79 -7.74 20.68 1.14
C ALA C 79 -8.52 21.74 1.89
N HIS C 80 -9.68 21.34 2.42
CA HIS C 80 -10.56 22.25 3.12
C HIS C 80 -11.07 21.60 4.40
N MET C 81 -11.46 22.44 5.36
CA MET C 81 -12.27 22.01 6.48
C MET C 81 -13.28 23.11 6.78
N GLU C 82 -14.52 22.71 7.04
CA GLU C 82 -15.57 23.64 7.40
C GLU C 82 -16.08 23.30 8.80
N LEU C 83 -16.17 24.31 9.66
CA LEU C 83 -16.69 24.16 11.01
C LEU C 83 -18.08 24.75 11.07
N LEU C 84 -19.02 24.01 11.65
CA LEU C 84 -20.42 24.38 11.65
C LEU C 84 -20.89 24.70 13.06
N SER C 85 -21.78 25.70 13.15
CA SER C 85 -22.33 26.15 14.42
C SER C 85 -21.22 26.48 15.42
N LEU C 86 -20.40 27.45 15.04
CA LEU C 86 -19.25 27.83 15.86
C LEU C 86 -19.72 28.33 17.23
N THR C 87 -18.99 27.92 18.27
CA THR C 87 -19.19 28.43 19.61
C THR C 87 -17.86 28.91 20.16
N SER C 88 -17.88 29.34 21.42
CA SER C 88 -16.68 29.89 22.05
C SER C 88 -15.63 28.84 22.35
N GLU C 89 -15.96 27.55 22.22
CA GLU C 89 -15.01 26.48 22.51
C GLU C 89 -14.17 26.06 21.30
N ASP C 90 -14.48 26.55 20.11
CA ASP C 90 -13.73 26.19 18.91
C ASP C 90 -12.67 27.22 18.54
N SER C 91 -12.48 28.25 19.35
CA SER C 91 -11.43 29.23 19.09
C SER C 91 -10.08 28.60 19.42
N ALA C 92 -9.30 28.27 18.40
CA ALA C 92 -8.03 27.59 18.56
C ALA C 92 -7.21 27.79 17.29
N ILE C 93 -6.12 27.03 17.17
CA ILE C 93 -5.28 27.04 15.99
C ILE C 93 -5.35 25.66 15.34
N TYR C 94 -5.61 25.62 14.04
CA TYR C 94 -5.82 24.38 13.31
C TYR C 94 -4.65 24.15 12.38
N TYR C 95 -4.16 22.91 12.36
CA TYR C 95 -3.02 22.52 11.54
C TYR C 95 -3.44 21.49 10.51
N CYS C 96 -2.80 21.53 9.35
CA CYS C 96 -2.95 20.50 8.33
C CYS C 96 -1.67 19.69 8.25
N GLY C 97 -1.79 18.38 8.39
CA GLY C 97 -0.64 17.49 8.25
C GLY C 97 -0.84 16.54 7.10
N ARG C 98 0.26 16.01 6.56
N ARG C 98 0.26 16.01 6.56
CA ARG C 98 0.23 15.10 5.43
CA ARG C 98 0.23 15.10 5.43
C ARG C 98 0.75 13.73 5.88
C ARG C 98 0.75 13.73 5.88
N SER C 99 0.02 12.68 5.51
CA SER C 99 0.39 11.32 5.87
C SER C 99 0.29 10.43 4.64
N GLY C 100 1.05 9.34 4.64
CA GLY C 100 1.16 8.49 3.46
C GLY C 100 -0.04 7.56 3.32
N ALA C 101 -0.51 7.39 2.09
CA ALA C 101 -1.66 6.53 1.79
C ALA C 101 -1.30 5.38 0.86
N TYR C 102 -0.73 5.66 -0.30
CA TYR C 102 -0.39 4.64 -1.29
C TYR C 102 1.11 4.63 -1.52
N TYR C 103 1.70 3.44 -1.52
CA TYR C 103 3.14 3.26 -1.63
C TYR C 103 3.49 2.44 -2.86
N ARG C 104 4.54 2.86 -3.56
CA ARG C 104 5.04 2.16 -4.73
C ARG C 104 6.18 1.20 -4.40
N TYR C 105 6.60 1.13 -3.14
CA TYR C 105 7.74 0.31 -2.75
C TYR C 105 7.41 -0.43 -1.47
N ASP C 106 8.35 -1.28 -1.04
CA ASP C 106 8.19 -2.09 0.17
C ASP C 106 8.36 -1.19 1.39
N GLY C 107 7.29 -0.44 1.69
CA GLY C 107 7.32 0.51 2.78
C GLY C 107 5.93 0.77 3.32
N ARG C 108 5.88 1.50 4.42
CA ARG C 108 4.66 1.72 5.16
C ARG C 108 4.66 3.13 5.71
N ALA C 109 3.47 3.72 5.85
CA ALA C 109 3.37 5.07 6.38
C ALA C 109 3.64 5.06 7.88
N TYR C 110 4.46 6.01 8.32
CA TYR C 110 4.87 6.03 9.72
C TYR C 110 4.51 7.34 10.40
N GLY C 111 3.28 7.79 10.21
CA GLY C 111 2.73 8.90 10.93
C GLY C 111 2.52 10.13 10.07
N MET C 112 2.33 11.25 10.75
CA MET C 112 2.06 12.53 10.12
C MET C 112 3.35 13.35 10.07
N ASP C 113 3.86 13.60 8.88
CA ASP C 113 5.01 14.45 8.68
C ASP C 113 4.61 15.69 7.88
N TYR C 114 5.49 16.68 7.88
CA TYR C 114 5.33 17.87 7.05
C TYR C 114 4.01 18.60 7.38
N TRP C 115 3.99 19.15 8.58
CA TRP C 115 2.82 19.87 9.07
C TRP C 115 2.68 21.22 8.37
N GLY C 116 1.56 21.89 8.63
CA GLY C 116 1.30 23.21 8.10
C GLY C 116 1.82 24.30 9.01
N GLN C 117 1.31 25.52 8.79
CA GLN C 117 1.78 26.69 9.50
C GLN C 117 0.88 27.10 10.66
N GLY C 118 -0.39 26.71 10.66
CA GLY C 118 -1.31 27.07 11.72
C GLY C 118 -2.26 28.20 11.33
N THR C 119 -3.56 27.94 11.39
CA THR C 119 -4.59 28.93 11.11
C THR C 119 -5.37 29.19 12.39
N SER C 120 -5.37 30.42 12.87
CA SER C 120 -6.04 30.76 14.11
C SER C 120 -7.47 31.21 13.81
N VAL C 121 -8.43 30.55 14.46
CA VAL C 121 -9.85 30.88 14.33
C VAL C 121 -10.29 31.40 15.68
N THR C 122 -10.91 32.58 15.70
CA THR C 122 -11.45 33.17 16.91
C THR C 122 -12.94 33.44 16.71
N VAL C 123 -13.75 32.94 17.65
CA VAL C 123 -15.20 33.00 17.56
C VAL C 123 -15.71 33.91 18.66
N SER C 124 -16.14 35.11 18.29
CA SER C 124 -16.74 36.05 19.23
C SER C 124 -17.38 37.21 18.48
N SER C 125 -19.68 37.83 20.42
CA SER C 125 -20.25 38.77 19.47
C SER C 125 -19.69 40.17 19.69
N ALA C 126 -18.68 40.54 18.91
CA ALA C 126 -18.05 41.84 19.02
C ALA C 126 -17.67 42.33 17.64
N LYS C 127 -17.55 43.66 17.52
CA LYS C 127 -17.18 44.31 16.27
C LYS C 127 -15.85 45.04 16.43
N THR C 128 -15.31 45.48 15.31
CA THR C 128 -14.01 46.16 15.30
C THR C 128 -14.12 47.51 15.98
N THR C 129 -13.25 47.76 16.95
CA THR C 129 -13.19 49.02 17.68
C THR C 129 -11.75 49.52 17.71
N PRO C 130 -11.54 50.82 17.84
CA PRO C 130 -10.17 51.35 17.94
C PRO C 130 -9.66 51.26 19.37
N PRO C 131 -8.34 51.17 19.55
CA PRO C 131 -7.79 50.94 20.89
C PRO C 131 -7.58 52.21 21.70
N SER C 132 -8.16 52.27 22.90
CA SER C 132 -7.87 53.37 23.80
C SER C 132 -6.47 53.21 24.38
N VAL C 133 -5.67 54.27 24.35
CA VAL C 133 -4.27 54.22 24.74
C VAL C 133 -4.02 55.26 25.82
N TYR C 134 -3.37 54.84 26.90
CA TYR C 134 -3.03 55.69 28.03
C TYR C 134 -1.55 55.58 28.34
N PRO C 135 -0.96 56.61 28.95
CA PRO C 135 0.43 56.51 29.38
C PRO C 135 0.54 55.96 30.80
N LEU C 136 1.70 55.40 31.11
CA LEU C 136 1.98 54.84 32.42
C LEU C 136 3.31 55.44 32.89
N ALA C 137 3.22 56.51 33.67
CA ALA C 137 4.26 57.28 34.34
C ALA C 137 4.39 56.83 35.79
N PRO C 138 5.60 56.87 36.36
CA PRO C 138 5.77 56.34 37.72
C PRO C 138 5.34 57.31 38.79
N GLY C 139 5.21 56.81 40.03
CA GLY C 139 4.81 57.65 41.14
C GLY C 139 5.78 58.78 41.41
N SER C 140 5.25 59.95 41.75
CA SER C 140 6.12 61.10 42.01
C SER C 140 7.03 60.84 43.21
N ALA C 141 6.47 60.28 44.29
CA ALA C 141 7.27 60.00 45.47
C ALA C 141 8.12 58.74 45.31
N ALA C 142 7.77 57.86 44.37
CA ALA C 142 8.53 56.64 44.13
C ALA C 142 9.53 56.91 43.01
N GLN C 143 10.53 57.73 43.33
CA GLN C 143 11.54 58.09 42.35
C GLN C 143 12.45 56.91 42.04
N THR C 144 13.12 56.99 40.91
CA THR C 144 14.05 55.96 40.48
C THR C 144 15.44 56.21 41.06
N ASN C 145 16.26 55.17 41.04
CA ASN C 145 17.63 55.25 41.54
C ASN C 145 18.66 55.15 40.42
N SER C 146 18.64 54.07 39.65
CA SER C 146 19.58 53.91 38.55
C SER C 146 18.86 53.48 37.27
N MET C 147 17.72 52.82 37.41
CA MET C 147 16.91 52.35 36.29
C MET C 147 15.49 52.87 36.47
N VAL C 148 14.93 53.47 35.42
CA VAL C 148 13.56 53.95 35.45
C VAL C 148 12.77 53.21 34.39
N THR C 149 11.47 53.04 34.65
CA THR C 149 10.59 52.27 33.78
C THR C 149 9.35 53.10 33.45
N LEU C 150 8.97 53.08 32.17
CA LEU C 150 7.76 53.75 31.70
C LEU C 150 6.93 52.75 30.90
N GLY C 151 5.67 53.08 30.67
CA GLY C 151 4.81 52.14 29.97
C GLY C 151 3.74 52.79 29.14
N CYS C 152 3.17 51.99 28.24
CA CYS C 152 2.02 52.38 27.43
C CYS C 152 0.95 51.31 27.58
N LEU C 153 -0.27 51.73 27.95
CA LEU C 153 -1.39 50.83 28.18
C LEU C 153 -2.37 50.93 27.03
N VAL C 154 -2.84 49.80 26.53
CA VAL C 154 -3.80 49.72 25.45
C VAL C 154 -4.98 48.89 25.94
N LYS C 155 -6.20 49.34 25.66
CA LYS C 155 -7.37 48.61 26.11
C LYS C 155 -8.56 48.89 25.22
N GLY C 156 -9.44 47.90 25.11
CA GLY C 156 -10.72 48.08 24.44
C GLY C 156 -10.64 48.04 22.93
N TYR C 157 -10.11 46.94 22.39
CA TYR C 157 -10.01 46.80 20.95
C TYR C 157 -10.30 45.35 20.56
N PHE C 158 -10.60 45.16 19.28
CA PHE C 158 -10.98 43.89 18.68
C PHE C 158 -9.94 43.60 17.58
N PRO C 159 -10.14 42.58 16.70
CA PRO C 159 -9.12 41.53 16.53
C PRO C 159 -7.67 41.97 16.67
N GLU C 160 -6.88 41.13 17.35
CA GLU C 160 -5.66 41.58 17.99
C GLU C 160 -4.38 41.13 17.28
N PRO C 161 -4.08 41.67 16.10
CA PRO C 161 -2.69 42.04 15.82
C PRO C 161 -2.50 43.51 16.18
N VAL C 162 -1.51 43.82 17.03
CA VAL C 162 -1.25 45.20 17.44
C VAL C 162 0.24 45.38 17.55
N THR C 163 0.78 46.37 16.84
CA THR C 163 2.21 46.63 16.86
C THR C 163 2.49 47.82 17.77
N VAL C 164 3.26 47.58 18.83
CA VAL C 164 3.63 48.60 19.80
C VAL C 164 5.13 48.80 19.72
N THR C 165 5.54 50.04 19.48
CA THR C 165 6.96 50.37 19.38
C THR C 165 7.25 51.61 20.20
N TRP C 166 8.53 51.85 20.45
CA TRP C 166 8.99 53.00 21.23
C TRP C 166 9.98 53.78 20.39
N ASN C 167 9.70 55.08 20.20
CA ASN C 167 10.55 55.97 19.42
C ASN C 167 10.78 55.43 18.00
N SER C 168 9.72 54.88 17.41
CA SER C 168 9.76 54.33 16.05
C SER C 168 10.87 53.29 15.91
N GLY C 169 11.04 52.47 16.94
CA GLY C 169 12.02 51.41 16.92
C GLY C 169 13.43 51.81 17.32
N SER C 170 13.67 53.10 17.58
CA SER C 170 15.00 53.53 18.01
C SER C 170 15.34 52.98 19.38
N LEU C 171 14.37 52.95 20.29
CA LEU C 171 14.58 52.44 21.65
C LEU C 171 14.04 51.01 21.72
N SER C 172 14.88 50.07 21.30
CA SER C 172 14.49 48.66 21.26
C SER C 172 15.03 47.86 22.45
N SER C 173 16.15 48.28 23.04
CA SER C 173 16.70 47.56 24.16
C SER C 173 15.87 47.80 25.42
N GLY C 174 15.70 46.74 26.21
CA GLY C 174 14.94 46.84 27.44
C GLY C 174 13.46 47.11 27.25
N VAL C 175 12.83 46.47 26.27
CA VAL C 175 11.42 46.65 25.98
C VAL C 175 10.73 45.29 26.08
N HIS C 176 9.69 45.21 26.91
CA HIS C 176 8.86 44.02 27.01
C HIS C 176 7.41 44.38 26.77
N THR C 177 6.78 43.70 25.82
CA THR C 177 5.34 43.85 25.57
C THR C 177 4.67 42.57 26.07
N PHE C 178 3.58 42.74 26.82
CA PHE C 178 2.90 41.61 27.41
C PHE C 178 1.78 41.14 26.48
N PRO C 179 1.48 39.84 26.47
CA PRO C 179 0.38 39.36 25.62
C PRO C 179 -0.96 39.87 26.11
N ALA C 180 -1.85 40.10 25.16
CA ALA C 180 -3.15 40.68 25.48
C ALA C 180 -4.04 39.66 26.18
N VAL C 181 -4.86 40.16 27.11
CA VAL C 181 -5.85 39.34 27.78
C VAL C 181 -7.23 39.86 27.44
N LEU C 182 -8.19 38.96 27.42
CA LEU C 182 -9.55 39.24 26.96
C LEU C 182 -10.49 39.38 28.15
N GLN C 183 -11.26 40.46 28.15
CA GLN C 183 -12.29 40.68 29.15
CA GLN C 183 -12.27 40.72 29.16
C GLN C 183 -13.40 41.52 28.53
N SER C 184 -14.64 41.13 28.83
CA SER C 184 -15.83 41.77 28.25
C SER C 184 -15.74 41.79 26.73
N ASP C 185 -15.24 40.70 26.16
CA ASP C 185 -15.08 40.51 24.71
C ASP C 185 -14.11 41.53 24.09
N LEU C 186 -13.30 42.19 24.91
CA LEU C 186 -12.36 43.18 24.39
C LEU C 186 -10.97 42.92 24.96
N TYR C 187 -9.96 43.23 24.18
CA TYR C 187 -8.58 42.91 24.53
C TYR C 187 -7.90 44.09 25.22
N THR C 188 -6.99 43.76 26.14
CA THR C 188 -6.13 44.76 26.75
C THR C 188 -4.70 44.24 26.79
N LEU C 189 -3.76 45.18 26.83
CA LEU C 189 -2.34 44.89 26.65
C LEU C 189 -1.54 46.05 27.25
N SER C 190 -0.27 45.78 27.56
CA SER C 190 0.60 46.82 28.07
C SER C 190 2.03 46.58 27.56
N SER C 191 2.80 47.66 27.48
CA SER C 191 4.18 47.60 27.07
C SER C 191 5.03 48.42 28.03
N SER C 192 6.24 47.94 28.31
CA SER C 192 7.13 48.56 29.27
C SER C 192 8.51 48.75 28.67
N VAL C 193 9.12 49.89 29.00
CA VAL C 193 10.48 50.21 28.59
C VAL C 193 11.27 50.64 29.83
N THR C 194 12.54 50.27 29.87
CA THR C 194 13.43 50.66 30.96
C THR C 194 14.62 51.41 30.39
N VAL C 195 14.93 52.56 30.97
CA VAL C 195 16.06 53.38 30.54
C VAL C 195 16.81 53.88 31.78
N THR C 196 17.88 54.63 31.53
CA THR C 196 18.66 55.21 32.60
C THR C 196 17.94 56.40 33.21
N SER C 197 18.31 56.71 34.46
CA SER C 197 17.69 57.83 35.17
C SER C 197 18.01 59.17 34.53
N SER C 198 19.05 59.23 33.69
CA SER C 198 19.40 60.48 33.01
C SER C 198 18.74 60.61 31.65
N THR C 199 18.38 59.50 31.00
CA THR C 199 17.74 59.57 29.70
C THR C 199 16.36 60.23 29.78
N TRP C 200 15.60 59.92 30.83
CA TRP C 200 14.28 60.47 31.04
C TRP C 200 14.23 61.20 32.38
N PRO C 201 13.53 62.34 32.47
CA PRO C 201 12.76 63.00 31.41
C PRO C 201 13.58 63.99 30.59
N SER C 202 14.89 63.78 30.47
CA SER C 202 15.72 64.68 29.67
C SER C 202 15.33 64.61 28.19
N GLN C 203 15.11 63.41 27.68
CA GLN C 203 14.75 63.20 26.28
C GLN C 203 13.26 62.91 26.16
N SER C 204 12.83 62.64 24.93
CA SER C 204 11.44 62.33 24.64
C SER C 204 11.28 60.83 24.43
N ILE C 205 10.39 60.22 25.22
CA ILE C 205 10.10 58.79 25.11
C ILE C 205 8.63 58.66 24.76
N THR C 206 8.35 58.01 23.62
CA THR C 206 7.00 57.95 23.07
C THR C 206 6.66 56.51 22.71
N CYS C 207 5.38 56.18 22.82
CA CYS C 207 4.87 54.87 22.42
C CYS C 207 3.95 55.03 21.22
N ASN C 208 4.21 54.24 20.18
CA ASN C 208 3.42 54.24 18.96
C ASN C 208 2.69 52.91 18.85
N VAL C 209 1.37 52.98 18.67
CA VAL C 209 0.52 51.81 18.58
C VAL C 209 -0.17 51.81 17.23
N ALA C 210 -0.03 50.71 16.49
CA ALA C 210 -0.67 50.55 15.20
C ALA C 210 -1.59 49.34 15.25
N HIS C 211 -2.84 49.53 14.82
CA HIS C 211 -3.87 48.51 14.83
C HIS C 211 -4.41 48.36 13.41
N PRO C 212 -3.82 47.49 12.60
CA PRO C 212 -4.26 47.36 11.20
C PRO C 212 -5.74 47.06 11.03
N ALA C 213 -6.35 46.31 11.96
CA ALA C 213 -7.75 45.93 11.80
C ALA C 213 -8.66 47.15 11.74
N SER C 214 -8.44 48.11 12.62
CA SER C 214 -9.19 49.36 12.61
C SER C 214 -8.44 50.48 11.89
N SER C 215 -7.28 50.20 11.32
CA SER C 215 -6.49 51.18 10.57
C SER C 215 -6.24 52.44 11.41
N THR C 216 -5.80 52.24 12.65
CA THR C 216 -5.59 53.33 13.59
C THR C 216 -4.13 53.35 14.04
N LYS C 217 -3.50 54.51 13.91
CA LYS C 217 -2.14 54.74 14.40
C LYS C 217 -2.20 55.86 15.43
N VAL C 218 -1.69 55.60 16.64
CA VAL C 218 -1.71 56.56 17.73
C VAL C 218 -0.31 56.69 18.31
N ASP C 219 0.13 57.92 18.54
CA ASP C 219 1.41 58.18 19.19
C ASP C 219 1.15 58.95 20.48
N LYS C 220 1.71 58.46 21.58
CA LYS C 220 1.58 59.10 22.88
C LYS C 220 2.95 59.39 23.47
N LYS C 221 3.03 60.45 24.25
CA LYS C 221 4.28 60.90 24.86
C LYS C 221 4.22 60.70 26.36
N ILE C 222 5.23 60.03 26.91
CA ILE C 222 5.28 59.75 28.33
C ILE C 222 5.74 61.00 29.07
N GLU C 223 4.94 61.47 30.01
CA GLU C 223 5.24 62.67 30.76
C GLU C 223 5.08 62.41 32.25
N PRO C 224 5.90 63.06 33.09
CA PRO C 224 5.81 62.81 34.53
C PRO C 224 4.56 63.43 35.13
N ARG C 225 4.06 62.78 36.17
CA ARG C 225 2.87 63.29 36.87
C ARG C 225 3.20 64.58 37.59
N GLY C 226 2.24 65.51 37.56
CA GLY C 226 2.38 66.77 38.24
C GLY C 226 1.98 66.67 39.70
N PRO C 227 1.95 67.82 40.40
CA PRO C 227 1.57 67.87 41.81
C PRO C 227 0.13 67.43 42.05
N ASP D 1 -9.91 4.26 23.13
CA ASP D 1 -8.70 4.79 22.52
C ASP D 1 -7.49 4.63 23.43
N ILE D 2 -6.31 4.96 22.91
CA ILE D 2 -5.06 4.79 23.63
C ILE D 2 -4.57 6.15 24.12
N GLN D 3 -4.31 6.25 25.42
CA GLN D 3 -3.84 7.49 26.03
C GLN D 3 -2.34 7.38 26.29
N MET D 4 -1.59 8.37 25.81
CA MET D 4 -0.14 8.41 25.98
C MET D 4 0.20 9.41 27.08
N THR D 5 1.06 8.99 28.01
CA THR D 5 1.40 9.80 29.18
C THR D 5 2.87 10.20 29.13
N GLN D 6 3.11 11.50 29.15
CA GLN D 6 4.47 12.06 29.10
C GLN D 6 4.90 12.42 30.51
N SER D 7 6.00 11.83 30.97
CA SER D 7 6.40 11.96 32.37
C SER D 7 6.85 13.37 32.73
N PRO D 8 7.87 13.98 32.10
CA PRO D 8 8.27 15.34 32.51
C PRO D 8 7.41 16.38 31.83
N SER D 9 6.61 17.08 32.63
CA SER D 9 5.77 18.14 32.08
C SER D 9 6.59 19.37 31.73
N SER D 10 7.60 19.67 32.54
CA SER D 10 8.52 20.78 32.29
C SER D 10 9.92 20.37 32.69
N LEU D 11 10.89 20.68 31.83
CA LEU D 11 12.28 20.30 32.04
C LEU D 11 13.16 21.52 31.85
N SER D 12 14.00 21.80 32.85
CA SER D 12 14.95 22.90 32.81
C SER D 12 16.37 22.35 32.83
N ALA D 13 17.18 22.79 31.88
CA ALA D 13 18.54 22.28 31.73
C ALA D 13 19.47 23.41 31.32
N SER D 14 20.76 23.13 31.30
CA SER D 14 21.78 24.07 30.84
C SER D 14 22.40 23.55 29.55
N LEU D 15 23.13 24.44 28.88
CA LEU D 15 23.78 24.06 27.63
C LEU D 15 24.81 22.96 27.87
N GLY D 16 24.78 21.94 27.02
CA GLY D 16 25.69 20.82 27.13
C GLY D 16 25.21 19.68 28.01
N GLU D 17 24.03 19.79 28.60
CA GLU D 17 23.50 18.73 29.44
C GLU D 17 22.89 17.61 28.60
N ARG D 18 22.60 16.50 29.25
CA ARG D 18 21.92 15.36 28.65
C ARG D 18 20.57 15.18 29.33
N VAL D 19 19.50 15.17 28.53
CA VAL D 19 18.15 15.09 29.04
C VAL D 19 17.39 14.01 28.28
N SER D 20 16.34 13.49 28.92
CA SER D 20 15.52 12.44 28.33
C SER D 20 14.05 12.66 28.68
N LEU D 21 13.18 12.40 27.72
CA LEU D 21 11.74 12.53 27.88
C LEU D 21 11.08 11.19 27.62
N THR D 22 10.13 10.81 28.47
CA THR D 22 9.48 9.51 28.43
C THR D 22 8.00 9.64 28.08
N CYS D 23 7.53 8.76 27.21
CA CYS D 23 6.13 8.70 26.82
C CYS D 23 5.69 7.24 26.86
N ARG D 24 4.69 6.93 27.69
CA ARG D 24 4.22 5.57 27.89
C ARG D 24 2.78 5.43 27.43
N ALA D 25 2.44 4.24 26.92
CA ALA D 25 1.14 3.98 26.31
C ALA D 25 0.25 3.17 27.24
N SER D 26 -1.05 3.46 27.20
CA SER D 26 -2.00 2.72 28.02
C SER D 26 -2.23 1.31 27.47
N GLN D 27 -2.41 1.19 26.15
CA GLN D 27 -2.54 -0.08 25.47
C GLN D 27 -1.22 -0.45 24.82
N GLU D 28 -1.24 -1.48 23.98
CA GLU D 28 -0.04 -1.94 23.29
C GLU D 28 0.07 -1.24 21.94
N ILE D 29 1.19 -0.55 21.72
CA ILE D 29 1.60 -0.07 20.41
C ILE D 29 2.99 -0.64 20.16
N SER D 30 3.17 -1.30 19.01
CA SER D 30 4.40 -2.07 18.82
C SER D 30 5.59 -1.16 18.62
N ALA D 31 5.62 -0.44 17.51
CA ALA D 31 6.66 0.56 17.29
C ALA D 31 6.08 1.80 16.62
N TYR D 32 4.76 1.98 16.64
CA TYR D 32 4.10 3.13 16.03
C TYR D 32 4.16 4.26 17.04
N LEU D 33 5.21 5.08 16.92
CA LEU D 33 5.36 6.27 17.74
C LEU D 33 6.29 7.22 17.01
N SER D 34 6.03 8.52 17.15
CA SER D 34 6.87 9.55 16.56
C SER D 34 7.01 10.70 17.54
N TRP D 35 8.11 11.43 17.41
CA TRP D 35 8.42 12.56 18.29
C TRP D 35 8.38 13.85 17.48
N LEU D 36 7.69 14.86 17.98
CA LEU D 36 7.51 16.12 17.30
C LEU D 36 8.02 17.26 18.17
N GLN D 37 8.68 18.23 17.53
CA GLN D 37 9.18 19.42 18.20
C GLN D 37 8.48 20.65 17.63
N GLN D 38 7.98 21.50 18.52
CA GLN D 38 7.28 22.73 18.13
C GLN D 38 8.07 23.93 18.66
N LYS D 39 8.68 24.67 17.75
CA LYS D 39 9.48 25.82 18.12
C LYS D 39 8.58 27.01 18.48
N PRO D 40 9.10 27.98 19.24
CA PRO D 40 8.28 29.17 19.53
C PRO D 40 8.13 30.00 18.26
N ASP D 41 6.95 29.87 17.64
CA ASP D 41 6.68 30.30 16.28
C ASP D 41 5.42 29.60 15.80
N GLY D 42 5.20 28.39 16.30
CA GLY D 42 4.07 27.57 15.91
C GLY D 42 4.38 26.50 14.90
N THR D 43 5.62 26.39 14.44
CA THR D 43 5.99 25.42 13.43
C THR D 43 6.31 24.08 14.10
N ILE D 44 5.75 23.01 13.55
CA ILE D 44 5.90 21.66 14.10
C ILE D 44 6.73 20.83 13.14
N LYS D 45 7.69 20.08 13.69
CA LYS D 45 8.60 19.25 12.91
C LYS D 45 8.70 17.87 13.55
N ARG D 46 8.79 16.84 12.71
CA ARG D 46 8.96 15.47 13.17
C ARG D 46 10.44 15.15 13.26
N LEU D 47 10.90 14.73 14.44
CA LEU D 47 12.30 14.39 14.66
C LEU D 47 12.57 12.90 14.50
N ILE D 48 11.80 12.06 15.17
CA ILE D 48 12.01 10.62 15.19
C ILE D 48 10.69 9.93 14.87
N TYR D 49 10.75 8.93 13.98
CA TYR D 49 9.62 8.07 13.71
C TYR D 49 10.04 6.61 13.93
N ALA D 50 9.04 5.72 13.94
CA ALA D 50 9.23 4.31 14.24
C ALA D 50 9.90 4.08 15.60
N ALA D 51 9.84 5.12 16.45
CA ALA D 51 10.30 5.09 17.83
C ALA D 51 11.82 5.06 17.97
N SER D 52 12.54 4.86 16.87
CA SER D 52 14.00 4.89 16.95
C SER D 52 14.71 5.47 15.72
N THR D 53 13.99 5.93 14.70
CA THR D 53 14.60 6.30 13.43
C THR D 53 14.66 7.82 13.29
N LEU D 54 15.86 8.34 13.07
CA LEU D 54 16.03 9.77 12.85
C LEU D 54 15.53 10.18 11.47
N ASP D 55 15.04 11.41 11.37
CA ASP D 55 14.63 11.94 10.09
C ASP D 55 15.86 12.44 9.32
N SER D 56 15.63 12.92 8.10
CA SER D 56 16.71 13.42 7.27
C SER D 56 17.00 14.86 7.64
N GLY D 57 18.22 15.11 8.14
CA GLY D 57 18.64 16.43 8.55
C GLY D 57 18.65 16.63 10.05
N VAL D 58 18.04 15.74 10.82
CA VAL D 58 18.11 15.84 12.28
C VAL D 58 19.51 15.44 12.74
N PRO D 59 20.15 16.23 13.60
CA PRO D 59 21.50 15.90 14.04
C PRO D 59 21.56 14.56 14.79
N LYS D 60 22.71 13.92 14.70
CA LYS D 60 22.92 12.65 15.38
C LYS D 60 23.21 12.88 16.85
N ARG D 61 22.36 13.65 17.50
CA ARG D 61 22.34 13.96 18.92
C ARG D 61 20.99 13.63 19.55
N PHE D 62 19.90 13.77 18.79
CA PHE D 62 18.61 13.26 19.22
C PHE D 62 18.56 11.75 18.98
N SER D 63 18.13 11.01 19.99
CA SER D 63 18.00 9.57 19.87
C SER D 63 16.76 9.12 20.63
N GLY D 64 16.18 8.02 20.17
CA GLY D 64 15.08 7.38 20.87
C GLY D 64 15.20 5.88 20.75
N SER D 65 14.97 5.15 21.85
CA SER D 65 15.16 3.70 21.82
C SER D 65 14.31 3.07 22.93
N ARG D 66 13.19 2.48 22.54
CA ARG D 66 12.39 1.57 23.36
C ARG D 66 11.19 1.12 22.53
N SER D 67 10.50 0.10 23.02
CA SER D 67 9.25 -0.36 22.42
C SER D 67 8.37 -0.90 23.55
N GLY D 68 7.33 -1.64 23.17
CA GLY D 68 6.45 -2.22 24.18
C GLY D 68 5.66 -1.18 24.94
N SER D 69 6.04 -0.92 26.19
CA SER D 69 5.30 0.00 27.05
C SER D 69 5.88 1.42 27.02
N ASP D 70 7.13 1.56 27.46
CA ASP D 70 7.76 2.87 27.58
C ASP D 70 8.46 3.25 26.29
N TYR D 71 8.67 4.55 26.10
CA TYR D 71 9.39 5.10 24.96
C TYR D 71 10.13 6.34 25.43
N SER D 72 11.32 6.56 24.87
CA SER D 72 12.21 7.60 25.33
C SER D 72 12.76 8.41 24.17
N LEU D 73 13.04 9.68 24.44
CA LEU D 73 13.76 10.57 23.52
C LEU D 73 14.87 11.24 24.29
N THR D 74 16.09 11.14 23.80
CA THR D 74 17.28 11.60 24.50
C THR D 74 18.03 12.64 23.68
N ILE D 75 18.46 13.71 24.34
CA ILE D 75 19.31 14.72 23.74
C ILE D 75 20.61 14.77 24.55
N SER D 76 21.73 14.50 23.89
CA SER D 76 23.04 14.58 24.49
C SER D 76 23.80 15.76 23.90
N SER D 77 24.57 16.44 24.74
CA SER D 77 25.22 17.70 24.36
C SER D 77 24.18 18.71 23.87
N LEU D 78 23.29 19.08 24.80
CA LEU D 78 22.17 19.95 24.49
C LEU D 78 22.66 21.31 24.03
N GLU D 79 22.09 21.80 22.93
CA GLU D 79 22.51 23.04 22.29
C GLU D 79 21.41 24.10 22.44
N SER D 80 21.72 25.31 21.98
CA SER D 80 20.81 26.44 22.17
C SER D 80 19.62 26.39 21.24
N GLU D 81 19.74 25.75 20.07
CA GLU D 81 18.64 25.72 19.12
C GLU D 81 17.45 24.94 19.66
N ASP D 82 17.70 23.79 20.29
CA ASP D 82 16.64 22.85 20.64
C ASP D 82 16.16 23.09 22.07
N PHE D 83 15.47 24.23 22.23
CA PHE D 83 14.73 24.54 23.46
C PHE D 83 13.30 24.84 23.04
N ALA D 84 12.46 23.82 22.99
CA ALA D 84 11.11 23.94 22.43
C ALA D 84 10.19 22.98 23.18
N ASP D 85 9.01 22.74 22.58
CA ASP D 85 8.03 21.80 23.11
C ASP D 85 8.07 20.50 22.32
N TYR D 86 7.84 19.39 23.02
CA TYR D 86 7.96 18.06 22.43
C TYR D 86 6.69 17.26 22.71
N TYR D 87 6.27 16.48 21.71
CA TYR D 87 5.09 15.64 21.80
C TYR D 87 5.37 14.28 21.20
N CYS D 88 4.61 13.27 21.66
CA CYS D 88 4.62 11.93 21.11
C CYS D 88 3.28 11.66 20.44
N LEU D 89 3.31 11.03 19.28
CA LEU D 89 2.11 10.63 18.55
C LEU D 89 2.13 9.13 18.34
N GLN D 90 1.00 8.47 18.55
CA GLN D 90 0.95 7.01 18.52
C GLN D 90 0.63 6.45 17.13
N PHE D 91 -0.40 6.98 16.47
CA PHE D 91 -0.89 6.52 15.17
C PHE D 91 -0.93 5.00 15.01
N ALA D 92 -1.26 4.28 16.09
CA ALA D 92 -1.38 2.82 16.03
C ALA D 92 -2.81 2.37 15.72
N THR D 93 -3.79 2.93 16.44
CA THR D 93 -5.20 2.70 16.17
C THR D 93 -5.92 4.04 16.13
N TYR D 94 -6.97 4.13 15.32
CA TYR D 94 -7.75 5.36 15.25
C TYR D 94 -8.67 5.47 16.46
N PRO D 95 -8.87 6.69 17.00
CA PRO D 95 -8.29 7.97 16.57
C PRO D 95 -6.85 8.16 17.06
N TRP D 96 -6.05 8.91 16.30
CA TRP D 96 -4.68 9.19 16.73
C TRP D 96 -4.68 10.12 17.93
N THR D 97 -3.78 9.83 18.88
CA THR D 97 -3.67 10.60 20.12
C THR D 97 -2.25 11.10 20.31
N PHE D 98 -2.13 12.24 20.98
CA PHE D 98 -0.87 12.90 21.23
C PHE D 98 -0.51 12.82 22.71
N GLY D 99 0.77 13.07 23.01
CA GLY D 99 1.20 13.15 24.37
C GLY D 99 0.80 14.45 25.04
N GLY D 100 1.00 14.50 26.35
CA GLY D 100 0.64 15.69 27.10
C GLY D 100 1.45 16.91 26.70
N GLY D 101 2.74 16.73 26.46
CA GLY D 101 3.59 17.84 26.05
C GLY D 101 4.66 18.11 27.09
N THR D 102 5.89 18.25 26.60
CA THR D 102 7.04 18.60 27.44
C THR D 102 7.71 19.82 26.84
N LYS D 103 7.89 20.85 27.66
CA LYS D 103 8.56 22.07 27.21
C LYS D 103 9.93 22.17 27.87
N LEU D 104 10.94 22.46 27.05
CA LEU D 104 12.31 22.54 27.51
C LEU D 104 12.65 23.99 27.89
N GLU D 105 13.34 24.13 29.01
CA GLU D 105 13.66 25.44 29.58
C GLU D 105 15.17 25.52 29.80
N ILE D 106 15.74 26.70 29.62
CA ILE D 106 17.15 26.91 29.84
C ILE D 106 17.36 27.34 31.29
N ARG D 107 18.32 26.71 31.97
CA ARG D 107 18.62 27.00 33.36
C ARG D 107 19.83 27.90 33.44
N ARG D 108 19.66 29.08 34.03
CA ARG D 108 20.73 30.06 34.09
C ARG D 108 20.71 30.78 35.43
N ALA D 109 22.07 30.52 38.18
CA ALA D 109 22.04 31.95 38.43
C ALA D 109 20.60 32.47 38.52
N ASP D 110 19.88 32.02 39.54
CA ASP D 110 18.53 32.51 39.76
C ASP D 110 18.56 33.96 40.25
N ALA D 111 17.52 34.73 39.91
CA ALA D 111 17.50 36.14 40.22
C ALA D 111 16.30 36.51 41.09
N ALA D 112 16.10 37.81 41.31
CA ALA D 112 14.99 38.32 42.10
C ALA D 112 14.21 39.34 41.29
N PRO D 113 12.88 39.38 41.45
CA PRO D 113 12.07 40.25 40.61
C PRO D 113 12.29 41.73 40.92
N THR D 114 12.16 42.54 39.87
CA THR D 114 12.14 43.99 40.00
C THR D 114 10.69 44.44 39.92
N VAL D 115 10.20 45.06 40.98
CA VAL D 115 8.78 45.36 41.15
C VAL D 115 8.56 46.86 41.02
N SER D 116 7.63 47.23 40.15
CA SER D 116 7.26 48.63 39.96
C SER D 116 5.73 48.75 39.93
N ILE D 117 5.23 49.92 40.33
CA ILE D 117 3.79 50.18 40.35
C ILE D 117 3.53 51.48 39.62
N PHE D 118 2.37 51.57 38.98
CA PHE D 118 2.01 52.76 38.22
C PHE D 118 0.59 53.19 38.58
N PRO D 119 0.39 54.44 39.00
CA PRO D 119 -0.96 54.92 39.33
C PRO D 119 -1.81 55.06 38.08
N PRO D 120 -3.13 55.06 38.22
CA PRO D 120 -3.99 55.22 37.04
C PRO D 120 -3.80 56.57 36.38
N SER D 121 -3.92 56.58 35.06
CA SER D 121 -3.74 57.80 34.29
C SER D 121 -4.95 58.71 34.42
N SER D 122 -4.78 59.96 33.97
CA SER D 122 -5.86 60.94 34.08
C SER D 122 -6.94 60.71 33.03
N GLU D 123 -6.55 60.27 31.83
CA GLU D 123 -7.53 60.06 30.77
C GLU D 123 -8.51 58.96 31.13
N GLN D 124 -8.01 57.86 31.71
CA GLN D 124 -8.91 56.80 32.17
C GLN D 124 -9.81 57.29 33.29
N LEU D 125 -9.28 58.16 34.15
CA LEU D 125 -10.11 58.76 35.20
C LEU D 125 -11.24 59.57 34.60
N THR D 126 -10.96 60.34 33.55
CA THR D 126 -12.01 61.11 32.89
C THR D 126 -13.00 60.19 32.18
N SER D 127 -12.54 59.07 31.64
CA SER D 127 -13.45 58.12 30.99
C SER D 127 -14.45 57.55 31.98
N GLY D 128 -13.99 57.19 33.19
CA GLY D 128 -14.87 56.64 34.20
C GLY D 128 -14.32 55.42 34.89
N GLY D 129 -13.13 54.98 34.48
CA GLY D 129 -12.49 53.82 35.06
C GLY D 129 -11.14 54.17 35.67
N ALA D 130 -10.49 53.13 36.20
CA ALA D 130 -9.17 53.29 36.79
C ALA D 130 -8.46 51.94 36.76
N SER D 131 -7.26 51.92 36.21
CA SER D 131 -6.45 50.71 36.12
C SER D 131 -5.12 50.95 36.82
N VAL D 132 -4.73 50.01 37.68
CA VAL D 132 -3.45 50.05 38.39
C VAL D 132 -2.62 48.87 37.91
N VAL D 133 -1.38 49.16 37.49
CA VAL D 133 -0.52 48.16 36.86
C VAL D 133 0.73 47.99 37.70
N CYS D 134 1.05 46.73 38.01
CA CYS D 134 2.25 46.35 38.73
C CYS D 134 3.09 45.45 37.83
N PHE D 135 4.33 45.84 37.59
CA PHE D 135 5.24 45.11 36.71
C PHE D 135 6.29 44.39 37.54
N LEU D 136 6.44 43.09 37.29
CA LEU D 136 7.49 42.27 37.87
C LEU D 136 8.40 41.81 36.75
N ASN D 137 9.63 42.33 36.72
CA ASN D 137 10.52 42.14 35.59
C ASN D 137 11.81 41.45 35.99
N ASN D 138 12.33 40.61 35.09
CA ASN D 138 13.66 40.04 35.19
C ASN D 138 13.82 39.21 36.47
N PHE D 139 13.06 38.12 36.54
CA PHE D 139 13.16 37.18 37.64
C PHE D 139 13.27 35.75 37.11
N TYR D 140 13.85 34.88 37.94
CA TYR D 140 14.03 33.47 37.65
C TYR D 140 13.93 32.71 38.96
N PRO D 141 13.23 31.55 38.99
CA PRO D 141 12.55 30.87 37.89
C PRO D 141 11.19 31.46 37.56
N LYS D 142 10.44 30.81 36.66
CA LYS D 142 9.18 31.37 36.16
C LYS D 142 8.07 31.35 37.19
N ASP D 143 8.10 30.44 38.15
CA ASP D 143 7.04 30.35 39.15
C ASP D 143 7.14 31.53 40.12
N ILE D 144 6.00 32.20 40.36
CA ILE D 144 5.97 33.39 41.19
C ILE D 144 4.53 33.60 41.63
N ASN D 145 4.34 34.34 42.72
CA ASN D 145 3.02 34.67 43.21
C ASN D 145 2.90 36.18 43.38
N VAL D 146 1.69 36.70 43.15
CA VAL D 146 1.42 38.12 43.28
C VAL D 146 0.14 38.29 44.10
N LYS D 147 0.02 39.44 44.75
CA LYS D 147 -1.13 39.74 45.58
C LYS D 147 -1.40 41.24 45.54
N TRP D 148 -2.69 41.59 45.59
CA TRP D 148 -3.15 42.96 45.60
C TRP D 148 -3.82 43.27 46.93
N LYS D 149 -3.45 44.40 47.53
CA LYS D 149 -4.06 44.84 48.78
C LYS D 149 -4.58 46.26 48.61
N ILE D 150 -5.85 46.46 48.92
CA ILE D 150 -6.50 47.77 48.82
C ILE D 150 -6.68 48.28 50.24
N ASP D 151 -5.83 49.22 50.64
CA ASP D 151 -5.82 49.76 52.00
C ASP D 151 -5.70 48.64 53.03
N GLY D 152 -4.84 47.68 52.75
CA GLY D 152 -4.64 46.54 53.64
C GLY D 152 -5.63 45.42 53.47
N SER D 153 -6.52 45.49 52.49
CA SER D 153 -7.52 44.46 52.25
C SER D 153 -7.20 43.74 50.94
N GLU D 154 -7.08 42.42 51.01
CA GLU D 154 -6.79 41.62 49.84
C GLU D 154 -7.96 41.66 48.85
N ARG D 155 -7.63 41.77 47.57
CA ARG D 155 -8.62 41.79 46.50
C ARG D 155 -8.41 40.58 45.59
N GLN D 156 -9.50 39.92 45.23
CA GLN D 156 -9.45 38.73 44.39
C GLN D 156 -10.14 38.91 43.05
N ASN D 157 -11.23 39.68 42.99
CA ASN D 157 -11.97 39.87 41.76
C ASN D 157 -11.46 41.08 41.01
N GLY D 158 -11.48 40.98 39.67
CA GLY D 158 -11.10 42.10 38.83
C GLY D 158 -9.62 42.28 38.58
N VAL D 159 -8.82 41.24 38.80
CA VAL D 159 -7.39 41.29 38.55
C VAL D 159 -7.06 40.39 37.38
N LEU D 160 -6.20 40.88 36.48
CA LEU D 160 -5.73 40.12 35.33
C LEU D 160 -4.22 40.05 35.36
N ASN D 161 -3.68 38.85 35.20
CA ASN D 161 -2.25 38.62 35.21
C ASN D 161 -1.81 38.13 33.84
N SER D 162 -0.74 38.73 33.31
CA SER D 162 -0.23 38.37 31.99
C SER D 162 1.28 38.12 32.12
N TRP D 163 1.69 36.90 31.83
CA TRP D 163 3.09 36.50 31.86
C TRP D 163 3.68 36.53 30.46
N THR D 164 5.01 36.50 30.40
CA THR D 164 5.73 36.50 29.13
C THR D 164 6.55 35.22 29.00
N ASP D 165 6.87 34.88 27.76
CA ASP D 165 7.75 33.76 27.51
C ASP D 165 9.17 34.10 27.97
N GLN D 166 9.98 33.06 28.13
CA GLN D 166 11.35 33.26 28.57
C GLN D 166 12.14 34.07 27.55
N ASP D 167 12.90 35.05 28.03
CA ASP D 167 13.66 35.92 27.15
C ASP D 167 14.71 35.11 26.38
N SER D 168 14.92 35.49 25.12
CA SER D 168 15.88 34.81 24.27
C SER D 168 17.30 35.32 24.46
N LYS D 169 17.50 36.37 25.25
CA LYS D 169 18.82 36.95 25.47
C LYS D 169 19.33 36.72 26.88
N ASP D 170 18.56 37.13 27.89
CA ASP D 170 18.97 36.96 29.29
C ASP D 170 18.24 35.84 30.00
N SER D 171 17.29 35.18 29.33
CA SER D 171 16.58 34.02 29.88
C SER D 171 15.88 34.36 31.20
N THR D 172 15.29 35.54 31.27
CA THR D 172 14.54 35.99 32.43
C THR D 172 13.04 35.95 32.12
N TYR D 173 12.24 36.30 33.12
CA TYR D 173 10.79 36.30 32.99
C TYR D 173 10.22 37.63 33.45
N SER D 174 9.13 38.04 32.81
CA SER D 174 8.45 39.27 33.17
C SER D 174 6.95 39.04 33.13
N MET D 175 6.23 39.73 34.02
CA MET D 175 4.78 39.62 34.04
C MET D 175 4.18 40.90 34.60
N SER D 176 2.89 41.08 34.34
CA SER D 176 2.17 42.29 34.72
C SER D 176 0.85 41.91 35.38
N SER D 177 0.50 42.63 36.44
CA SER D 177 -0.77 42.47 37.12
C SER D 177 -1.55 43.77 36.99
N THR D 178 -2.76 43.69 36.45
CA THR D 178 -3.60 44.85 36.20
C THR D 178 -4.88 44.72 37.00
N LEU D 179 -5.20 45.75 37.79
CA LEU D 179 -6.43 45.83 38.54
C LEU D 179 -7.27 46.95 37.95
N THR D 180 -8.38 46.59 37.32
CA THR D 180 -9.27 47.55 36.67
C THR D 180 -10.56 47.63 37.47
N LEU D 181 -11.02 48.86 37.73
CA LEU D 181 -12.20 49.07 38.52
C LEU D 181 -12.82 50.41 38.15
N THR D 182 -13.98 50.70 38.73
CA THR D 182 -14.66 51.96 38.47
C THR D 182 -13.95 53.11 39.15
N LYS D 183 -14.13 54.31 38.59
CA LYS D 183 -13.49 55.50 39.13
C LYS D 183 -13.97 55.79 40.54
N ASP D 184 -15.28 55.65 40.78
CA ASP D 184 -15.82 55.92 42.11
C ASP D 184 -15.24 54.97 43.15
N GLU D 185 -15.14 53.68 42.83
CA GLU D 185 -14.58 52.72 43.77
C GLU D 185 -13.11 53.01 44.03
N TYR D 186 -12.36 53.38 42.99
CA TYR D 186 -10.95 53.71 43.16
C TYR D 186 -10.77 54.93 44.05
N GLU D 187 -11.61 55.96 43.87
CA GLU D 187 -11.50 57.16 44.67
C GLU D 187 -11.95 56.95 46.11
N ARG D 188 -12.64 55.84 46.40
CA ARG D 188 -13.08 55.55 47.75
C ARG D 188 -11.97 55.02 48.64
N HIS D 189 -10.80 54.71 48.09
CA HIS D 189 -9.67 54.20 48.84
C HIS D 189 -8.45 55.09 48.61
N ASN D 190 -7.43 54.87 49.42
CA ASN D 190 -6.24 55.73 49.42
C ASN D 190 -4.98 54.99 48.97
N SER D 191 -4.66 53.86 49.57
CA SER D 191 -3.41 53.16 49.32
C SER D 191 -3.64 51.85 48.60
N TYR D 192 -2.74 51.53 47.67
CA TYR D 192 -2.78 50.26 46.94
C TYR D 192 -1.40 49.62 46.99
N THR D 193 -1.38 48.32 47.26
CA THR D 193 -0.15 47.58 47.53
C THR D 193 -0.06 46.38 46.60
N CYS D 194 1.10 46.22 45.96
CA CYS D 194 1.42 45.07 45.13
C CYS D 194 2.49 44.26 45.85
N GLU D 195 2.20 43.00 46.13
CA GLU D 195 3.10 42.11 46.84
C GLU D 195 3.54 40.97 45.92
N ALA D 196 4.83 40.65 45.96
CA ALA D 196 5.41 39.62 45.12
C ALA D 196 6.13 38.60 46.00
N THR D 197 5.79 37.32 45.81
CA THR D 197 6.44 36.22 46.50
C THR D 197 7.20 35.39 45.47
N HIS D 198 8.51 35.24 45.70
CA HIS D 198 9.39 34.50 44.82
C HIS D 198 10.25 33.55 45.64
N LYS D 199 10.68 32.45 45.03
CA LYS D 199 11.46 31.45 45.74
C LYS D 199 12.84 31.97 46.14
N THR D 200 13.30 33.06 45.52
CA THR D 200 14.62 33.60 45.86
C THR D 200 14.67 34.11 47.29
N SER D 201 13.65 34.87 47.70
CA SER D 201 13.63 35.49 49.01
C SER D 201 12.36 35.09 49.76
N THR D 202 12.51 34.69 51.02
CA THR D 202 11.35 34.34 51.83
C THR D 202 10.47 35.56 52.07
N SER D 203 11.08 36.71 52.34
CA SER D 203 10.32 37.93 52.59
C SER D 203 9.77 38.47 51.28
N PRO D 204 8.46 38.67 51.15
CA PRO D 204 7.90 39.19 49.91
C PRO D 204 8.29 40.64 49.67
N ILE D 205 8.33 41.01 48.39
CA ILE D 205 8.62 42.38 48.00
C ILE D 205 7.30 43.14 47.89
N VAL D 206 7.21 44.26 48.61
CA VAL D 206 5.97 45.02 48.74
C VAL D 206 6.22 46.43 48.19
N LYS D 207 5.37 46.85 47.26
CA LYS D 207 5.41 48.21 46.72
C LYS D 207 4.02 48.83 46.86
N SER D 208 3.93 49.95 47.55
CA SER D 208 2.65 50.60 47.83
C SER D 208 2.68 52.03 47.35
N PHE D 209 1.53 52.50 46.86
CA PHE D 209 1.38 53.88 46.45
C PHE D 209 0.05 54.42 46.96
N ASN D 210 0.05 55.69 47.36
CA ASN D 210 -1.13 56.33 47.93
C ASN D 210 -1.79 57.25 46.90
N ARG D 211 -3.11 57.37 47.02
CA ARG D 211 -3.87 58.21 46.11
C ARG D 211 -3.63 59.68 46.41
N ASN D 212 -3.42 60.47 45.35
CA ASN D 212 -3.21 61.91 45.45
C ASN D 212 -2.02 62.24 46.36
N GLU D 213 -0.86 61.68 46.01
CA GLU D 213 0.39 61.91 46.75
C GLU D 213 1.47 62.28 45.74
N CYS D 214 1.59 63.57 45.45
CA CYS D 214 2.57 64.06 44.49
C CYS D 214 3.21 65.36 44.97
CA CA E . -13.96 0.04 -38.86
CA CA F . -4.65 11.02 -36.52
CA CA G . -11.98 -11.39 -45.23
CA CA H . 1.09 -16.42 -49.87
MG MG I . 5.42 -5.74 1.64
CA CA J . 7.64 -7.42 -4.12
#